data_7ATG
# 
_entry.id   7ATG 
# 
_audit_conform.dict_name       mmcif_pdbx.dic 
_audit_conform.dict_version    5.384 
_audit_conform.dict_location   http://mmcif.pdb.org/dictionaries/ascii/mmcif_pdbx.dic 
# 
loop_
_database_2.database_id 
_database_2.database_code 
_database_2.pdbx_database_accession 
_database_2.pdbx_DOI 
PDB   7ATG         pdb_00007atg 10.2210/pdb7atg/pdb 
WWPDB D_1292109990 ?            ?                   
# 
loop_
_pdbx_audit_revision_history.ordinal 
_pdbx_audit_revision_history.data_content_type 
_pdbx_audit_revision_history.major_revision 
_pdbx_audit_revision_history.minor_revision 
_pdbx_audit_revision_history.revision_date 
1 'Structure model' 1 0 2021-08-11 
2 'Structure model' 1 1 2021-10-06 
3 'Structure model' 1 2 2024-01-31 
# 
_pdbx_audit_revision_details.ordinal             1 
_pdbx_audit_revision_details.revision_ordinal    1 
_pdbx_audit_revision_details.data_content_type   'Structure model' 
_pdbx_audit_revision_details.provider            repository 
_pdbx_audit_revision_details.type                'Initial release' 
_pdbx_audit_revision_details.description         ? 
_pdbx_audit_revision_details.details             ? 
# 
loop_
_pdbx_audit_revision_group.ordinal 
_pdbx_audit_revision_group.revision_ordinal 
_pdbx_audit_revision_group.data_content_type 
_pdbx_audit_revision_group.group 
1 2 'Structure model' 'Data collection'        
2 2 'Structure model' 'Database references'    
3 2 'Structure model' 'Structure summary'      
4 3 'Structure model' 'Data collection'        
5 3 'Structure model' 'Refinement description' 
# 
loop_
_pdbx_audit_revision_category.ordinal 
_pdbx_audit_revision_category.revision_ordinal 
_pdbx_audit_revision_category.data_content_type 
_pdbx_audit_revision_category.category 
1 2 'Structure model' citation                      
2 2 'Structure model' pdbx_contact_author           
3 2 'Structure model' pdbx_database_proc            
4 2 'Structure model' pdbx_seq_map_depositor_info   
5 3 'Structure model' chem_comp_atom                
6 3 'Structure model' chem_comp_bond                
7 3 'Structure model' pdbx_initial_refinement_model 
# 
loop_
_pdbx_audit_revision_item.ordinal 
_pdbx_audit_revision_item.revision_ordinal 
_pdbx_audit_revision_item.data_content_type 
_pdbx_audit_revision_item.item 
1 2 'Structure model' '_citation.journal_volume'                         
2 2 'Structure model' '_citation.page_first'                             
3 2 'Structure model' '_citation.page_last'                              
4 2 'Structure model' '_citation.pdbx_database_id_PubMed'                
5 2 'Structure model' '_citation.title'                                  
6 2 'Structure model' '_pdbx_seq_map_depositor_info.one_letter_code_mod' 
# 
_pdbx_database_status.status_code                     REL 
_pdbx_database_status.status_code_sf                  REL 
_pdbx_database_status.status_code_mr                  ? 
_pdbx_database_status.entry_id                        7ATG 
_pdbx_database_status.recvd_initial_deposition_date   2020-10-30 
_pdbx_database_status.SG_entry                        N 
_pdbx_database_status.deposit_site                    PDBE 
_pdbx_database_status.process_site                    PDBE 
_pdbx_database_status.status_code_cs                  ? 
_pdbx_database_status.status_code_nmr_data            ? 
_pdbx_database_status.methods_development_category    ? 
_pdbx_database_status.pdb_format_compatible           Y 
# 
loop_
_pdbx_database_related.db_name 
_pdbx_database_related.details 
_pdbx_database_related.db_id 
_pdbx_database_related.content_type 
PDB . 4HIG unspecified 
PDB . 4HIF unspecified 
PDB . 4R15 unspecified 
# 
loop_
_audit_author.name 
_audit_author.pdbx_ordinal 
_audit_author.identifier_ORCID 
'Drozdzal, P.'  1 0000-0001-8431-1305 
'Gilski, M.'    2 0000-0002-3941-9947 
'Jaskolski, M.' 3 0000-0003-1587-6489 
# 
_citation.abstract                  ? 
_citation.abstract_id_CAS           ? 
_citation.book_id_ISBN              ? 
_citation.book_publisher            ? 
_citation.book_publisher_city       ? 
_citation.book_title                ? 
_citation.coordinate_linkage        ? 
_citation.country                   US 
_citation.database_id_Medline       ? 
_citation.details                   ? 
_citation.id                        primary 
_citation.journal_abbrev            'Acta Crystallogr.,Sect.B' 
_citation.journal_id_ASTM           ACSBDA 
_citation.journal_id_CSD            ? 
_citation.journal_id_ISSN           2052-5206 
_citation.journal_full              ? 
_citation.journal_issue             ? 
_citation.journal_volume            77 
_citation.language                  ? 
_citation.page_first                331 
_citation.page_last                 338 
_citation.title                     
'Crystal structure of Z-DNA in complex with the polyamine putrescine and potassium cations at ultra-high resolution.' 
_citation.year                      2021 
_citation.database_id_CSD           ? 
_citation.pdbx_database_id_DOI      10.1107/S2052520621002663 
_citation.pdbx_database_id_PubMed   34096514 
_citation.unpublished_flag          ? 
# 
loop_
_citation_author.citation_id 
_citation_author.name 
_citation_author.ordinal 
_citation_author.identifier_ORCID 
primary 'Drozdzal, P.'  1 ? 
primary 'Gilski, M.'    2 ? 
primary 'Jaskolski, M.' 3 ? 
# 
loop_
_entity.id 
_entity.type 
_entity.src_method 
_entity.pdbx_description 
_entity.formula_weight 
_entity.pdbx_number_of_molecules 
_entity.pdbx_ec 
_entity.pdbx_mutation 
_entity.pdbx_fragment 
_entity.details 
1 polymer     syn 
;DNA (5'-D(*CP*GP*CP*GP*CP*G)-3')
;
1810.205 2   ? ? ? ? 
2 non-polymer nat 'POTASSIUM ION'                    39.098   1   ? ? ? ? 
3 non-polymer nat 4-azaniumylbutylazanium            90.167   1   ? ? ? ? 
4 water       nat water                              18.015   123 ? ? ? ? 
# 
_entity_poly.entity_id                      1 
_entity_poly.type                           polydeoxyribonucleotide 
_entity_poly.nstd_linkage                   no 
_entity_poly.nstd_monomer                   no 
_entity_poly.pdbx_seq_one_letter_code       '(DC)(DG)(DC)(DG)(DC)(DG)' 
_entity_poly.pdbx_seq_one_letter_code_can   CGCGCG 
_entity_poly.pdbx_strand_id                 A,B 
_entity_poly.pdbx_target_identifier         ? 
# 
loop_
_pdbx_entity_nonpoly.entity_id 
_pdbx_entity_nonpoly.name 
_pdbx_entity_nonpoly.comp_id 
2 'POTASSIUM ION'         K   
3 4-azaniumylbutylazanium 58I 
4 water                   HOH 
# 
loop_
_entity_poly_seq.entity_id 
_entity_poly_seq.num 
_entity_poly_seq.mon_id 
_entity_poly_seq.hetero 
1 1 DC n 
1 2 DG n 
1 3 DC n 
1 4 DG n 
1 5 DC n 
1 6 DG n 
# 
_pdbx_entity_src_syn.entity_id              1 
_pdbx_entity_src_syn.pdbx_src_id            1 
_pdbx_entity_src_syn.pdbx_alt_source_flag   sample 
_pdbx_entity_src_syn.pdbx_beg_seq_num       1 
_pdbx_entity_src_syn.pdbx_end_seq_num       6 
_pdbx_entity_src_syn.organism_scientific    'synthetic construct' 
_pdbx_entity_src_syn.organism_common_name   ? 
_pdbx_entity_src_syn.ncbi_taxonomy_id       32630 
_pdbx_entity_src_syn.details                ? 
# 
loop_
_chem_comp.id 
_chem_comp.type 
_chem_comp.mon_nstd_flag 
_chem_comp.name 
_chem_comp.pdbx_synonyms 
_chem_comp.formula 
_chem_comp.formula_weight 
58I non-polymer   n 4-azaniumylbutylazanium              'Butane-1,4-diyldiammonium; Putrescinium' 'C4 H14 N2 2'     90.167  
DC  'DNA linking' y "2'-DEOXYCYTIDINE-5'-MONOPHOSPHATE"  ?                                         'C9 H14 N3 O7 P'  307.197 
DG  'DNA linking' y "2'-DEOXYGUANOSINE-5'-MONOPHOSPHATE" ?                                         'C10 H14 N5 O7 P' 347.221 
HOH non-polymer   . WATER                                ?                                         'H2 O'            18.015  
K   non-polymer   . 'POTASSIUM ION'                      ?                                         'K 1'             39.098  
# 
loop_
_pdbx_poly_seq_scheme.asym_id 
_pdbx_poly_seq_scheme.entity_id 
_pdbx_poly_seq_scheme.seq_id 
_pdbx_poly_seq_scheme.mon_id 
_pdbx_poly_seq_scheme.ndb_seq_num 
_pdbx_poly_seq_scheme.pdb_seq_num 
_pdbx_poly_seq_scheme.auth_seq_num 
_pdbx_poly_seq_scheme.pdb_mon_id 
_pdbx_poly_seq_scheme.auth_mon_id 
_pdbx_poly_seq_scheme.pdb_strand_id 
_pdbx_poly_seq_scheme.pdb_ins_code 
_pdbx_poly_seq_scheme.hetero 
A 1 1 DC 1 1  1  DC DC A . n 
A 1 2 DG 2 2  2  DG DG A . n 
A 1 3 DC 3 3  3  DC DC A . n 
A 1 4 DG 4 4  4  DG DG A . n 
A 1 5 DC 5 5  5  DC DC A . n 
A 1 6 DG 6 6  6  DG DG A . n 
B 1 1 DC 1 7  7  DC DC B . n 
B 1 2 DG 2 8  8  DG DG B . n 
B 1 3 DC 3 9  9  DC DC B . n 
B 1 4 DG 4 10 10 DG DG B . n 
B 1 5 DC 5 11 11 DC DC B . n 
B 1 6 DG 6 12 12 DG DG B . n 
# 
loop_
_pdbx_nonpoly_scheme.asym_id 
_pdbx_nonpoly_scheme.entity_id 
_pdbx_nonpoly_scheme.mon_id 
_pdbx_nonpoly_scheme.ndb_seq_num 
_pdbx_nonpoly_scheme.pdb_seq_num 
_pdbx_nonpoly_scheme.auth_seq_num 
_pdbx_nonpoly_scheme.pdb_mon_id 
_pdbx_nonpoly_scheme.auth_mon_id 
_pdbx_nonpoly_scheme.pdb_strand_id 
_pdbx_nonpoly_scheme.pdb_ins_code 
C 2 K   1  101 1   K   K   A . 
D 3 58I 1  101 1   58I PUT B . 
E 4 HOH 1  201 79  HOH HOH A . 
E 4 HOH 2  202 94  HOH HOH A . 
E 4 HOH 3  203 48  HOH HOH A . 
E 4 HOH 4  204 15  HOH HOH A . 
E 4 HOH 5  205 93  HOH HOH A . 
E 4 HOH 6  206 100 HOH HOH A . 
E 4 HOH 7  207 104 HOH HOH A . 
E 4 HOH 8  208 83  HOH HOH A . 
E 4 HOH 9  209 86  HOH HOH A . 
E 4 HOH 10 210 98  HOH HOH A . 
E 4 HOH 11 211 97  HOH HOH A . 
E 4 HOH 12 212 40  HOH HOH A . 
E 4 HOH 13 213 66  HOH HOH A . 
E 4 HOH 14 214 84  HOH HOH A . 
E 4 HOH 15 215 21  HOH HOH A . 
E 4 HOH 16 216 38  HOH HOH A . 
E 4 HOH 17 217 109 HOH HOH A . 
E 4 HOH 18 218 37  HOH HOH A . 
E 4 HOH 19 219 16  HOH HOH A . 
E 4 HOH 20 220 18  HOH HOH A . 
E 4 HOH 21 221 69  HOH HOH A . 
E 4 HOH 22 222 20  HOH HOH A . 
E 4 HOH 23 223 12  HOH HOH A . 
E 4 HOH 24 224 34  HOH HOH A . 
E 4 HOH 25 225 120 HOH HOH A . 
E 4 HOH 26 226 46  HOH HOH A . 
E 4 HOH 27 227 3   HOH HOH A . 
E 4 HOH 28 228 65  HOH HOH A . 
E 4 HOH 29 229 58  HOH HOH A . 
E 4 HOH 30 230 63  HOH HOH A . 
E 4 HOH 31 231 81  HOH HOH A . 
E 4 HOH 32 232 36  HOH HOH A . 
E 4 HOH 33 233 19  HOH HOH A . 
E 4 HOH 34 234 2   HOH HOH A . 
E 4 HOH 35 235 49  HOH HOH A . 
E 4 HOH 36 236 80  HOH HOH A . 
E 4 HOH 37 237 4   HOH HOH A . 
E 4 HOH 38 238 75  HOH HOH A . 
E 4 HOH 39 239 51  HOH HOH A . 
E 4 HOH 40 240 68  HOH HOH A . 
E 4 HOH 41 241 91  HOH HOH A . 
E 4 HOH 42 242 105 HOH HOH A . 
E 4 HOH 43 243 43  HOH HOH A . 
E 4 HOH 44 244 28  HOH HOH A . 
E 4 HOH 45 245 116 HOH HOH A . 
E 4 HOH 46 246 73  HOH HOH A . 
E 4 HOH 47 247 26  HOH HOH A . 
E 4 HOH 48 248 110 HOH HOH A . 
E 4 HOH 49 249 111 HOH HOH A . 
E 4 HOH 50 250 117 HOH HOH A . 
E 4 HOH 51 251 61  HOH HOH A . 
E 4 HOH 52 252 29  HOH HOH A . 
E 4 HOH 53 253 99  HOH HOH A . 
E 4 HOH 54 254 121 HOH HOH A . 
E 4 HOH 55 255 50  HOH HOH A . 
E 4 HOH 56 256 108 HOH HOH A . 
E 4 HOH 57 257 25  HOH HOH A . 
E 4 HOH 58 258 60  HOH HOH A . 
E 4 HOH 59 259 59  HOH HOH A . 
F 4 HOH 1  201 27  HOH HOH B . 
F 4 HOH 2  202 7   HOH HOH B . 
F 4 HOH 3  203 56  HOH HOH B . 
F 4 HOH 4  204 103 HOH HOH B . 
F 4 HOH 5  205 72  HOH HOH B . 
F 4 HOH 6  206 13  HOH HOH B . 
F 4 HOH 7  207 85  HOH HOH B . 
F 4 HOH 8  208 17  HOH HOH B . 
F 4 HOH 9  209 8   HOH HOH B . 
F 4 HOH 10 210 1   HOH HOH B . 
F 4 HOH 11 211 32  HOH HOH B . 
F 4 HOH 12 212 2   HOH HOH B . 
F 4 HOH 13 213 10  HOH HOH B . 
F 4 HOH 14 214 71  HOH HOH B . 
F 4 HOH 15 215 87  HOH HOH B . 
F 4 HOH 16 216 57  HOH HOH B . 
F 4 HOH 17 217 23  HOH HOH B . 
F 4 HOH 18 218 53  HOH HOH B . 
F 4 HOH 19 219 5   HOH HOH B . 
F 4 HOH 20 220 31  HOH HOH B . 
F 4 HOH 21 221 6   HOH HOH B . 
F 4 HOH 22 222 88  HOH HOH B . 
F 4 HOH 23 223 64  HOH HOH B . 
F 4 HOH 24 224 44  HOH HOH B . 
F 4 HOH 25 225 9   HOH HOH B . 
F 4 HOH 26 226 62  HOH HOH B . 
F 4 HOH 27 227 5   HOH HOH B . 
F 4 HOH 28 228 11  HOH HOH B . 
F 4 HOH 29 229 101 HOH HOH B . 
F 4 HOH 30 230 2   HOH HOH B . 
F 4 HOH 31 231 74  HOH HOH B . 
F 4 HOH 32 232 118 HOH HOH B . 
F 4 HOH 33 233 35  HOH HOH B . 
F 4 HOH 34 234 3   HOH HOH B . 
F 4 HOH 35 235 89  HOH HOH B . 
F 4 HOH 36 236 67  HOH HOH B . 
F 4 HOH 37 237 78  HOH HOH B . 
F 4 HOH 38 238 47  HOH HOH B . 
F 4 HOH 39 239 70  HOH HOH B . 
F 4 HOH 40 240 54  HOH HOH B . 
F 4 HOH 41 241 42  HOH HOH B . 
F 4 HOH 42 242 96  HOH HOH B . 
F 4 HOH 43 243 107 HOH HOH B . 
F 4 HOH 44 244 102 HOH HOH B . 
F 4 HOH 45 245 82  HOH HOH B . 
F 4 HOH 46 246 45  HOH HOH B . 
F 4 HOH 47 247 77  HOH HOH B . 
F 4 HOH 48 248 14  HOH HOH B . 
F 4 HOH 49 249 55  HOH HOH B . 
F 4 HOH 50 250 30  HOH HOH B . 
F 4 HOH 51 251 41  HOH HOH B . 
F 4 HOH 52 252 33  HOH HOH B . 
F 4 HOH 53 253 22  HOH HOH B . 
F 4 HOH 54 254 106 HOH HOH B . 
F 4 HOH 55 255 92  HOH HOH B . 
F 4 HOH 56 256 24  HOH HOH B . 
F 4 HOH 57 257 6   HOH HOH B . 
F 4 HOH 58 258 90  HOH HOH B . 
F 4 HOH 59 259 4   HOH HOH B . 
F 4 HOH 60 260 76  HOH HOH B . 
F 4 HOH 61 261 39  HOH HOH B . 
F 4 HOH 62 262 7   HOH HOH B . 
F 4 HOH 63 263 52  HOH HOH B . 
F 4 HOH 64 264 95  HOH HOH B . 
# 
loop_
_software.citation_id 
_software.classification 
_software.compiler_name 
_software.compiler_version 
_software.contact_author 
_software.contact_author_email 
_software.date 
_software.description 
_software.dependencies 
_software.hardware 
_software.language 
_software.location 
_software.mods 
_software.name 
_software.os 
_software.os_version 
_software.type 
_software.version 
_software.pdbx_ordinal 
? refinement        ? ? ? ? ? ? ? ? ? ? ? SHELXL      ? ? ? .    1 
? 'data reduction'  ? ? ? ? ? ? ? ? ? ? ? XDS         ? ? ? .    2 
? 'data scaling'    ? ? ? ? ? ? ? ? ? ? ? XSCALE      ? ? ? .    3 
? phasing           ? ? ? ? ? ? ? ? ? ? ? PHASER      ? ? ? .    4 
? 'data extraction' ? ? ? ? ? ? ? ? ? ? ? PDB_EXTRACT ? ? ? 3.25 5 
# 
_cell.angle_alpha                  90.000 
_cell.angle_alpha_esd              ? 
_cell.angle_beta                   90.000 
_cell.angle_beta_esd               ? 
_cell.angle_gamma                  90.000 
_cell.angle_gamma_esd              ? 
_cell.entry_id                     7ATG 
_cell.details                      ? 
_cell.formula_units_Z              ? 
_cell.length_a                     17.970 
_cell.length_a_esd                 ? 
_cell.length_b                     31.020 
_cell.length_b_esd                 ? 
_cell.length_c                     43.860 
_cell.length_c_esd                 ? 
_cell.volume                       ? 
_cell.volume_esd                   ? 
_cell.Z_PDB                        8 
_cell.reciprocal_angle_alpha       ? 
_cell.reciprocal_angle_beta        ? 
_cell.reciprocal_angle_gamma       ? 
_cell.reciprocal_angle_alpha_esd   ? 
_cell.reciprocal_angle_beta_esd    ? 
_cell.reciprocal_angle_gamma_esd   ? 
_cell.reciprocal_length_a          ? 
_cell.reciprocal_length_b          ? 
_cell.reciprocal_length_c          ? 
_cell.reciprocal_length_a_esd      ? 
_cell.reciprocal_length_b_esd      ? 
_cell.reciprocal_length_c_esd      ? 
_cell.pdbx_unique_axis             ? 
# 
_symmetry.entry_id                         7ATG 
_symmetry.cell_setting                     ? 
_symmetry.Int_Tables_number                19 
_symmetry.space_group_name_Hall            ? 
_symmetry.space_group_name_H-M             'P 21 21 21' 
_symmetry.pdbx_full_space_group_name_H-M   ? 
# 
_exptl.absorpt_coefficient_mu     ? 
_exptl.absorpt_correction_T_max   ? 
_exptl.absorpt_correction_T_min   ? 
_exptl.absorpt_correction_type    ? 
_exptl.absorpt_process_details    ? 
_exptl.entry_id                   7ATG 
_exptl.crystals_number            1 
_exptl.details                    ? 
_exptl.method                     'X-RAY DIFFRACTION' 
_exptl.method_details             ? 
# 
_exptl_crystal.colour                      ? 
_exptl_crystal.density_diffrn              ? 
_exptl_crystal.density_Matthews            1.8 
_exptl_crystal.density_method              ? 
_exptl_crystal.density_percent_sol         31.6 
_exptl_crystal.description                 ? 
_exptl_crystal.F_000                       ? 
_exptl_crystal.id                          1 
_exptl_crystal.preparation                 ? 
_exptl_crystal.size_max                    ? 
_exptl_crystal.size_mid                    ? 
_exptl_crystal.size_min                    ? 
_exptl_crystal.size_rad                    ? 
_exptl_crystal.colour_lustre               ? 
_exptl_crystal.colour_modifier             ? 
_exptl_crystal.colour_primary              ? 
_exptl_crystal.density_meas                ? 
_exptl_crystal.density_meas_esd            ? 
_exptl_crystal.density_meas_gt             ? 
_exptl_crystal.density_meas_lt             ? 
_exptl_crystal.density_meas_temp           ? 
_exptl_crystal.density_meas_temp_esd       ? 
_exptl_crystal.density_meas_temp_gt        ? 
_exptl_crystal.density_meas_temp_lt        ? 
_exptl_crystal.pdbx_crystal_image_url      ? 
_exptl_crystal.pdbx_crystal_image_format   ? 
_exptl_crystal.pdbx_mosaicity              ? 
_exptl_crystal.pdbx_mosaicity_esd          ? 
# 
_exptl_crystal_grow.apparatus       ? 
_exptl_crystal_grow.atmosphere      ? 
_exptl_crystal_grow.crystal_id      1 
_exptl_crystal_grow.details         ? 
_exptl_crystal_grow.method          'VAPOR DIFFUSION, HANGING DROP' 
_exptl_crystal_grow.method_ref      ? 
_exptl_crystal_grow.pH              6.0 
_exptl_crystal_grow.pressure        ? 
_exptl_crystal_grow.pressure_esd    ? 
_exptl_crystal_grow.seeding         ? 
_exptl_crystal_grow.seeding_ref     ? 
_exptl_crystal_grow.temp            292 
_exptl_crystal_grow.temp_details    ? 
_exptl_crystal_grow.temp_esd        ? 
_exptl_crystal_grow.time            ? 
_exptl_crystal_grow.pdbx_details    
'10%(v/v) (+/-)-2-methyl-2,4-pentanediol (MPD), 40 mM sodium cacodylate pH 6.0, 80 mM KCl, 12 mM NaCl, 14 mM putrescinium dichloride' 
_exptl_crystal_grow.pdbx_pH_range   ? 
# 
loop_
_diffrn.ambient_environment 
_diffrn.ambient_temp 
_diffrn.ambient_temp_details 
_diffrn.ambient_temp_esd 
_diffrn.crystal_id 
_diffrn.crystal_support 
_diffrn.crystal_treatment 
_diffrn.details 
_diffrn.id 
_diffrn.ambient_pressure 
_diffrn.ambient_pressure_esd 
_diffrn.ambient_pressure_gt 
_diffrn.ambient_pressure_lt 
_diffrn.ambient_temp_gt 
_diffrn.ambient_temp_lt 
_diffrn.pdbx_serial_crystal_experiment 
? 100 ? ? 1 ? ? ? 1 ? ? ? ? ? ? N 
? 100 ? ? 1 ? ? ? 2 ? ? ? ? ? ? N 
# 
loop_
_diffrn_detector.details 
_diffrn_detector.detector 
_diffrn_detector.diffrn_id 
_diffrn_detector.type 
_diffrn_detector.area_resol_mean 
_diffrn_detector.dtime 
_diffrn_detector.pdbx_frames_total 
_diffrn_detector.pdbx_collection_time_total 
_diffrn_detector.pdbx_collection_date 
_diffrn_detector.pdbx_frequency 
? PIXEL 1 'DECTRIS PILATUS3 S 6M' ? ? ? ? 2015-06-22 ? 
? PIXEL 2 'DECTRIS PILATUS3 S 6M' ? ? ? ? 2015-06-22 ? 
# 
loop_
_diffrn_radiation.collimation 
_diffrn_radiation.diffrn_id 
_diffrn_radiation.filter_edge 
_diffrn_radiation.inhomogeneity 
_diffrn_radiation.monochromator 
_diffrn_radiation.polarisn_norm 
_diffrn_radiation.polarisn_ratio 
_diffrn_radiation.probe 
_diffrn_radiation.type 
_diffrn_radiation.xray_symbol 
_diffrn_radiation.wavelength_id 
_diffrn_radiation.pdbx_monochromatic_or_laue_m_l 
_diffrn_radiation.pdbx_wavelength_list 
_diffrn_radiation.pdbx_wavelength 
_diffrn_radiation.pdbx_diffrn_protocol 
_diffrn_radiation.pdbx_analyzer 
_diffrn_radiation.pdbx_scattering_type 
? 1 ? ? 'Si(111)' ? ? ? ? ? 1 M ? ? 'SINGLE WAVELENGTH' ? x-ray 
? 2 ? ? 'Si(111)' ? ? ? ? ? 2 M ? ? 'SINGLE WAVELENGTH' ? x-ray 
# 
loop_
_diffrn_radiation_wavelength.id 
_diffrn_radiation_wavelength.wavelength 
_diffrn_radiation_wavelength.wt 
1 0.72930 1.0 
2 0.7293  1.0 
# 
loop_
_diffrn_source.current 
_diffrn_source.details 
_diffrn_source.diffrn_id 
_diffrn_source.power 
_diffrn_source.size 
_diffrn_source.source 
_diffrn_source.target 
_diffrn_source.type 
_diffrn_source.voltage 
_diffrn_source.take-off_angle 
_diffrn_source.pdbx_wavelength_list 
_diffrn_source.pdbx_wavelength 
_diffrn_source.pdbx_synchrotron_beamline 
_diffrn_source.pdbx_synchrotron_site 
? ? 1 ? ? SYNCHROTRON ? 'PETRA III, EMBL c/o DESY BEAMLINE P13 (MX1)' ? ? 0.72930 ? 'P13 (MX1)' 'PETRA III, EMBL c/o DESY' 
? ? 2 ? ? SYNCHROTRON ? 'PETRA III, EMBL c/o DESY BEAMLINE P13 (MX1)' ? ? 0.7293  ? 'P13 (MX1)' 'PETRA III, EMBL c/o DESY' 
# 
_reflns.B_iso_Wilson_estimate            5.17 
_reflns.entry_id                         7ATG 
_reflns.data_reduction_details           ? 
_reflns.data_reduction_method            ? 
_reflns.d_resolution_high                0.60 
_reflns.d_resolution_low                 25.33 
_reflns.details                          ? 
_reflns.limit_h_max                      ? 
_reflns.limit_h_min                      ? 
_reflns.limit_k_max                      ? 
_reflns.limit_k_min                      ? 
_reflns.limit_l_max                      ? 
_reflns.limit_l_min                      ? 
_reflns.number_all                       ? 
_reflns.number_obs                       107989 
_reflns.observed_criterion               ? 
_reflns.observed_criterion_F_max         ? 
_reflns.observed_criterion_F_min         ? 
_reflns.observed_criterion_I_max         ? 
_reflns.observed_criterion_I_min         ? 
_reflns.observed_criterion_sigma_F       ? 
_reflns.observed_criterion_sigma_I       ? 
_reflns.percent_possible_obs             90.5 
_reflns.R_free_details                   ? 
_reflns.Rmerge_F_all                     ? 
_reflns.Rmerge_F_obs                     ? 
_reflns.Friedel_coverage                 ? 
_reflns.number_gt                        ? 
_reflns.threshold_expression             ? 
_reflns.pdbx_redundancy                  3.7 
_reflns.pdbx_Rmerge_I_obs                0.024 
_reflns.pdbx_Rmerge_I_all                ? 
_reflns.pdbx_Rsym_value                  ? 
_reflns.pdbx_netI_over_av_sigmaI         ? 
_reflns.pdbx_netI_over_sigmaI            29.84 
_reflns.pdbx_res_netI_over_av_sigmaI_2   ? 
_reflns.pdbx_res_netI_over_sigmaI_2      ? 
_reflns.pdbx_chi_squared                 1.143 
_reflns.pdbx_scaling_rejects             ? 
_reflns.pdbx_d_res_high_opt              ? 
_reflns.pdbx_d_res_low_opt               ? 
_reflns.pdbx_d_res_opt_method            ? 
_reflns.phase_calculation_details        ? 
_reflns.pdbx_Rrim_I_all                  0.027 
_reflns.pdbx_Rpim_I_all                  ? 
_reflns.pdbx_d_opt                       ? 
_reflns.pdbx_number_measured_all         ? 
_reflns.pdbx_diffrn_id                   1 
_reflns.pdbx_ordinal                     1 
_reflns.pdbx_CC_half                     0.999 
_reflns.pdbx_CC_star                     ? 
_reflns.pdbx_R_split                     ? 
# 
_reflns_shell.d_res_high                  0.60 
_reflns_shell.d_res_low                   0.61 
_reflns_shell.meanI_over_sigI_all         ? 
_reflns_shell.meanI_over_sigI_obs         2.88 
_reflns_shell.number_measured_all         ? 
_reflns_shell.number_measured_obs         ? 
_reflns_shell.number_possible             ? 
_reflns_shell.number_unique_all           ? 
_reflns_shell.number_unique_obs           1973 
_reflns_shell.percent_possible_all        22.6 
_reflns_shell.percent_possible_obs        ? 
_reflns_shell.Rmerge_F_all                ? 
_reflns_shell.Rmerge_F_obs                ? 
_reflns_shell.Rmerge_I_all                ? 
_reflns_shell.Rmerge_I_obs                0.264 
_reflns_shell.meanI_over_sigI_gt          ? 
_reflns_shell.meanI_over_uI_all           ? 
_reflns_shell.meanI_over_uI_gt            ? 
_reflns_shell.number_measured_gt          ? 
_reflns_shell.number_unique_gt            ? 
_reflns_shell.percent_possible_gt         ? 
_reflns_shell.Rmerge_F_gt                 ? 
_reflns_shell.Rmerge_I_gt                 ? 
_reflns_shell.pdbx_redundancy             1.2 
_reflns_shell.pdbx_Rsym_value             ? 
_reflns_shell.pdbx_chi_squared            ? 
_reflns_shell.pdbx_netI_over_sigmaI_all   ? 
_reflns_shell.pdbx_netI_over_sigmaI_obs   ? 
_reflns_shell.pdbx_Rrim_I_all             0.368 
_reflns_shell.pdbx_Rpim_I_all             ? 
_reflns_shell.pdbx_rejects                ? 
_reflns_shell.pdbx_ordinal                1 
_reflns_shell.pdbx_diffrn_id              1 
_reflns_shell.pdbx_CC_half                0.999 
_reflns_shell.pdbx_CC_star                ? 
_reflns_shell.pdbx_R_split                ? 
# 
_refine.aniso_B[1][1]                            ? 
_refine.aniso_B[1][2]                            ? 
_refine.aniso_B[1][3]                            ? 
_refine.aniso_B[2][2]                            ? 
_refine.aniso_B[2][3]                            ? 
_refine.aniso_B[3][3]                            ? 
_refine.B_iso_max                                36.870 
_refine.B_iso_mean                               6.26 
_refine.B_iso_min                                2.730 
_refine.correlation_coeff_Fo_to_Fc               ? 
_refine.correlation_coeff_Fo_to_Fc_free          ? 
_refine.details                                  
;THE REFINEMENT WAS CARRIED OUT AGAINST    
SEPARATE BIJVOET PAIRS. HYDROGEN ATOMS WERE ADDED AT RIDING POSITIONS. THE FINAL REFINEMENT WAS CALCULATED USING WEIGHTED FULL-MATRIX LEAST-SQUARES PROCEDURE. CONFORMATION-DEPENDENT GEOMETRICAL RESTRAINTS ON BOND LENGTHS AND BOND ANGLES FOR POLYNUCLEOTIDE CHAINS WERE GENERATED USING THE RESTRAINTLIB SERVER: http://achesym.ibch.poznan.pl/restraintlib/
;
_refine.diff_density_max                         ? 
_refine.diff_density_max_esd                     ? 
_refine.diff_density_min                         ? 
_refine.diff_density_min_esd                     ? 
_refine.diff_density_rms                         ? 
_refine.diff_density_rms_esd                     ? 
_refine.entry_id                                 7ATG 
_refine.pdbx_refine_id                           'X-RAY DIFFRACTION' 
_refine.ls_abs_structure_details                 ? 
_refine.ls_abs_structure_Flack                   ? 
_refine.ls_abs_structure_Flack_esd               ? 
_refine.ls_abs_structure_Rogers                  ? 
_refine.ls_abs_structure_Rogers_esd              ? 
_refine.ls_d_res_high                            0.60 
_refine.ls_d_res_low                             25.33 
_refine.ls_extinction_coef                       ? 
_refine.ls_extinction_coef_esd                   ? 
_refine.ls_extinction_expression                 ? 
_refine.ls_extinction_method                     ? 
_refine.ls_goodness_of_fit_all                   ? 
_refine.ls_goodness_of_fit_all_esd               ? 
_refine.ls_goodness_of_fit_obs                   ? 
_refine.ls_goodness_of_fit_obs_esd               ? 
_refine.ls_hydrogen_treatment                    ? 
_refine.ls_matrix_type                           ? 
_refine.ls_number_constraints                    ? 
_refine.ls_number_parameters                     3962 
_refine.ls_number_reflns_all                     ? 
_refine.ls_number_reflns_obs                     106103 
_refine.ls_number_reflns_R_free                  1876 
_refine.ls_number_reflns_R_work                  ? 
_refine.ls_number_restraints                     4374 
_refine.ls_percent_reflns_obs                    90.5 
_refine.ls_percent_reflns_R_free                 1.77 
_refine.ls_R_factor_all                          ? 
_refine.ls_R_factor_obs                          0.0888 
_refine.ls_R_factor_R_free                       0.0950 
_refine.ls_R_factor_R_free_error                 ? 
_refine.ls_R_factor_R_free_error_details         ? 
_refine.ls_R_factor_R_work                       0.0877 
_refine.ls_R_Fsqd_factor_obs                     ? 
_refine.ls_R_I_factor_obs                        ? 
_refine.ls_redundancy_reflns_all                 ? 
_refine.ls_redundancy_reflns_obs                 ? 
_refine.ls_restrained_S_all                      ? 
_refine.ls_restrained_S_obs                      ? 
_refine.ls_shift_over_esd_max                    ? 
_refine.ls_shift_over_esd_mean                   ? 
_refine.ls_structure_factor_coef                 ? 
_refine.ls_weighting_details                     ? 
_refine.ls_weighting_scheme                      ? 
_refine.ls_wR_factor_all                         ? 
_refine.ls_wR_factor_obs                         ? 
_refine.ls_wR_factor_R_free                      ? 
_refine.ls_wR_factor_R_work                      ? 
_refine.occupancy_max                            ? 
_refine.occupancy_min                            ? 
_refine.solvent_model_details                    'MOEWS & KRETSINGER, J.MOL.BIOL.91(1973)201-228' 
_refine.solvent_model_param_bsol                 ? 
_refine.solvent_model_param_ksol                 ? 
_refine.pdbx_R_complete                          ? 
_refine.ls_R_factor_gt                           ? 
_refine.ls_goodness_of_fit_gt                    ? 
_refine.ls_goodness_of_fit_ref                   ? 
_refine.ls_shift_over_su_max                     ? 
_refine.ls_shift_over_su_max_lt                  ? 
_refine.ls_shift_over_su_mean                    ? 
_refine.ls_shift_over_su_mean_lt                 ? 
_refine.pdbx_ls_sigma_I                          ? 
_refine.pdbx_ls_sigma_F                          ? 
_refine.pdbx_ls_sigma_Fsqd                       ? 
_refine.pdbx_data_cutoff_high_absF               ? 
_refine.pdbx_data_cutoff_high_rms_absF           ? 
_refine.pdbx_data_cutoff_low_absF                ? 
_refine.pdbx_isotropic_thermal_model             ? 
_refine.pdbx_ls_cross_valid_method               'FREE R-VALUE' 
_refine.pdbx_method_to_determine_struct          'MOLECULAR REPLACEMENT' 
_refine.pdbx_starting_model                      4hig 
_refine.pdbx_stereochemistry_target_values       ? 
_refine.pdbx_R_Free_selection_details            RANDOM 
_refine.pdbx_stereochem_target_val_spec_case     ? 
_refine.pdbx_overall_ESU_R                       ? 
_refine.pdbx_overall_ESU_R_Free                  ? 
_refine.pdbx_solvent_vdw_probe_radii             ? 
_refine.pdbx_solvent_ion_probe_radii             ? 
_refine.pdbx_solvent_shrinkage_radii             ? 
_refine.pdbx_real_space_R                        ? 
_refine.pdbx_density_correlation                 ? 
_refine.pdbx_pd_number_of_powder_patterns        ? 
_refine.pdbx_pd_number_of_points                 ? 
_refine.pdbx_pd_meas_number_of_points            ? 
_refine.pdbx_pd_proc_ls_prof_R_factor            ? 
_refine.pdbx_pd_proc_ls_prof_wR_factor           ? 
_refine.pdbx_pd_Marquardt_correlation_coeff      ? 
_refine.pdbx_pd_Fsqrd_R_factor                   ? 
_refine.pdbx_pd_ls_matrix_band_width             ? 
_refine.pdbx_overall_phase_error                 ? 
_refine.pdbx_overall_SU_R_free_Cruickshank_DPI   ? 
_refine.pdbx_overall_SU_R_free_Blow_DPI          ? 
_refine.pdbx_overall_SU_R_Blow_DPI               ? 
_refine.pdbx_TLS_residual_ADP_flag               ? 
_refine.pdbx_diffrn_id                           1 
_refine.overall_SU_B                             ? 
_refine.overall_SU_ML                            ? 
_refine.overall_SU_R_Cruickshank_DPI             ? 
_refine.overall_SU_R_free                        ? 
_refine.overall_FOM_free_R_set                   ? 
_refine.overall_FOM_work_R_set                   ? 
_refine.pdbx_average_fsc_overall                 ? 
_refine.pdbx_average_fsc_work                    ? 
_refine.pdbx_average_fsc_free                    ? 
# 
_refine_analyze.pdbx_refine_id                  'X-RAY DIFFRACTION' 
_refine_analyze.entry_id                        7ATG 
_refine_analyze.Luzzati_coordinate_error_obs    ? 
_refine_analyze.Luzzati_sigma_a_obs             ? 
_refine_analyze.Luzzati_d_res_low_obs           ? 
_refine_analyze.Luzzati_coordinate_error_free   ? 
_refine_analyze.Luzzati_sigma_a_free            ? 
_refine_analyze.Luzzati_d_res_low_free          ? 
_refine_analyze.number_disordered_residues      3 
_refine_analyze.occupancy_sum_hydrogen          141.29 
_refine_analyze.occupancy_sum_non_hydrogen      333.73 
# 
_refine_hist.pdbx_refine_id                   'X-RAY DIFFRACTION' 
_refine_hist.cycle_id                         final 
_refine_hist.details                          ? 
_refine_hist.d_res_high                       0.60 
_refine_hist.d_res_low                        25.33 
_refine_hist.number_atoms_solvent             159 
_refine_hist.number_atoms_total               406 
_refine_hist.number_reflns_all                ? 
_refine_hist.number_reflns_obs                ? 
_refine_hist.number_reflns_R_free             ? 
_refine_hist.number_reflns_R_work             ? 
_refine_hist.R_factor_all                     ? 
_refine_hist.R_factor_obs                     ? 
_refine_hist.R_factor_R_free                  ? 
_refine_hist.R_factor_R_work                  ? 
_refine_hist.pdbx_number_residues_total       12 
_refine_hist.pdbx_B_iso_mean_ligand           4.95 
_refine_hist.pdbx_B_iso_mean_solvent          12.20 
_refine_hist.pdbx_number_atoms_protein        0 
_refine_hist.pdbx_number_atoms_nucleic_acid   240 
_refine_hist.pdbx_number_atoms_ligand         7 
_refine_hist.pdbx_number_atoms_lipid          ? 
_refine_hist.pdbx_number_atoms_carb           ? 
_refine_hist.pdbx_pseudo_atom_details         ? 
# 
loop_
_refine_ls_restr.pdbx_refine_id 
_refine_ls_restr.criterion 
_refine_ls_restr.dev_ideal 
_refine_ls_restr.dev_ideal_target 
_refine_ls_restr.number 
_refine_ls_restr.rejects 
_refine_ls_restr.type 
_refine_ls_restr.weight 
_refine_ls_restr.pdbx_restraint_function 
'X-RAY DIFFRACTION' ? 0.010 ? ? ? s_bond_d               ? ? 
'X-RAY DIFFRACTION' ? 1.56  ? ? ? s_angle_d              ? ? 
'X-RAY DIFFRACTION' ? 0.000 ? ? ? s_similar_dist         ? ? 
'X-RAY DIFFRACTION' ? 0.005 ? ? ? s_from_restr_planes    ? ? 
'X-RAY DIFFRACTION' ? 0.000 ? ? ? s_zero_chiral_vol      ? ? 
'X-RAY DIFFRACTION' ? 0.000 ? ? ? s_non_zero_chiral_vol  ? ? 
'X-RAY DIFFRACTION' ? 0.089 ? ? ? s_anti_bump_dis_restr  ? ? 
'X-RAY DIFFRACTION' ? 0.000 ? ? ? s_rigid_bond_adp_cmpnt ? ? 
'X-RAY DIFFRACTION' ? 0.061 ? ? ? s_similar_adp_cmpnt    ? ? 
'X-RAY DIFFRACTION' ? 0.070 ? ? ? s_approx_iso_adps      ? ? 
# 
_struct.entry_id                     7ATG 
_struct.title                        
'Crystal structure of Z-DNA in complex with putrescinium and potassium cations at ultrahigh-resolution' 
_struct.pdbx_model_details           ? 
_struct.pdbx_formula_weight          ? 
_struct.pdbx_formula_weight_method   ? 
_struct.pdbx_model_type_details      ? 
_struct.pdbx_CASP_flag               N 
# 
_struct_keywords.entry_id        7ATG 
_struct_keywords.text            
'Z-DNA, DNA, dual-conformation backbone; putrescinium cation; biogenic polyamines; potassium complex' 
_struct_keywords.pdbx_keywords   DNA 
# 
loop_
_struct_asym.id 
_struct_asym.pdbx_blank_PDB_chainid_flag 
_struct_asym.pdbx_modified 
_struct_asym.entity_id 
_struct_asym.details 
A N N 1 ? 
B N N 1 ? 
C N N 2 ? 
D N N 3 ? 
E N N 4 ? 
F N N 4 ? 
# 
_struct_ref.id                         1 
_struct_ref.db_name                    PDB 
_struct_ref.db_code                    7ATG 
_struct_ref.pdbx_db_accession          7ATG 
_struct_ref.pdbx_db_isoform            ? 
_struct_ref.entity_id                  1 
_struct_ref.pdbx_seq_one_letter_code   ? 
_struct_ref.pdbx_align_begin           1 
# 
loop_
_struct_ref_seq.align_id 
_struct_ref_seq.ref_id 
_struct_ref_seq.pdbx_PDB_id_code 
_struct_ref_seq.pdbx_strand_id 
_struct_ref_seq.seq_align_beg 
_struct_ref_seq.pdbx_seq_align_beg_ins_code 
_struct_ref_seq.seq_align_end 
_struct_ref_seq.pdbx_seq_align_end_ins_code 
_struct_ref_seq.pdbx_db_accession 
_struct_ref_seq.db_align_beg 
_struct_ref_seq.pdbx_db_align_beg_ins_code 
_struct_ref_seq.db_align_end 
_struct_ref_seq.pdbx_db_align_end_ins_code 
_struct_ref_seq.pdbx_auth_seq_align_beg 
_struct_ref_seq.pdbx_auth_seq_align_end 
1 1 7ATG A 1 ? 6 ? 7ATG 1 ? 6  ? 1 6  
2 1 7ATG B 1 ? 6 ? 7ATG 7 ? 12 ? 7 12 
# 
_pdbx_struct_assembly.id                   1 
_pdbx_struct_assembly.details              author_and_software_defined_assembly 
_pdbx_struct_assembly.method_details       PISA 
_pdbx_struct_assembly.oligomeric_details   dimeric 
_pdbx_struct_assembly.oligomeric_count     2 
# 
loop_
_pdbx_struct_assembly_prop.biol_id 
_pdbx_struct_assembly_prop.type 
_pdbx_struct_assembly_prop.value 
_pdbx_struct_assembly_prop.details 
1 'ABSA (A^2)' 800  ? 
1 MORE         -6   ? 
1 'SSA (A^2)'  2530 ? 
# 
_pdbx_struct_assembly_gen.assembly_id       1 
_pdbx_struct_assembly_gen.oper_expression   1 
_pdbx_struct_assembly_gen.asym_id_list      A,B,C,D,E,F 
# 
_pdbx_struct_assembly_auth_evidence.id                     1 
_pdbx_struct_assembly_auth_evidence.assembly_id            1 
_pdbx_struct_assembly_auth_evidence.experimental_support   none 
_pdbx_struct_assembly_auth_evidence.details                ? 
# 
_pdbx_struct_oper_list.id                   1 
_pdbx_struct_oper_list.type                 'identity operation' 
_pdbx_struct_oper_list.name                 1_555 
_pdbx_struct_oper_list.symmetry_operation   x,y,z 
_pdbx_struct_oper_list.matrix[1][1]         1.0000000000 
_pdbx_struct_oper_list.matrix[1][2]         0.0000000000 
_pdbx_struct_oper_list.matrix[1][3]         0.0000000000 
_pdbx_struct_oper_list.vector[1]            0.0000000000 
_pdbx_struct_oper_list.matrix[2][1]         0.0000000000 
_pdbx_struct_oper_list.matrix[2][2]         1.0000000000 
_pdbx_struct_oper_list.matrix[2][3]         0.0000000000 
_pdbx_struct_oper_list.vector[2]            0.0000000000 
_pdbx_struct_oper_list.matrix[3][1]         0.0000000000 
_pdbx_struct_oper_list.matrix[3][2]         0.0000000000 
_pdbx_struct_oper_list.matrix[3][3]         1.0000000000 
_pdbx_struct_oper_list.vector[3]            0.0000000000 
# 
loop_
_struct_conn.id 
_struct_conn.conn_type_id 
_struct_conn.pdbx_leaving_atom_flag 
_struct_conn.pdbx_PDB_id 
_struct_conn.ptnr1_label_asym_id 
_struct_conn.ptnr1_label_comp_id 
_struct_conn.ptnr1_label_seq_id 
_struct_conn.ptnr1_label_atom_id 
_struct_conn.pdbx_ptnr1_label_alt_id 
_struct_conn.pdbx_ptnr1_PDB_ins_code 
_struct_conn.pdbx_ptnr1_standard_comp_id 
_struct_conn.ptnr1_symmetry 
_struct_conn.ptnr2_label_asym_id 
_struct_conn.ptnr2_label_comp_id 
_struct_conn.ptnr2_label_seq_id 
_struct_conn.ptnr2_label_atom_id 
_struct_conn.pdbx_ptnr2_label_alt_id 
_struct_conn.pdbx_ptnr2_PDB_ins_code 
_struct_conn.ptnr1_auth_asym_id 
_struct_conn.ptnr1_auth_comp_id 
_struct_conn.ptnr1_auth_seq_id 
_struct_conn.ptnr2_auth_asym_id 
_struct_conn.ptnr2_auth_comp_id 
_struct_conn.ptnr2_auth_seq_id 
_struct_conn.ptnr2_symmetry 
_struct_conn.pdbx_ptnr3_label_atom_id 
_struct_conn.pdbx_ptnr3_label_seq_id 
_struct_conn.pdbx_ptnr3_label_comp_id 
_struct_conn.pdbx_ptnr3_label_asym_id 
_struct_conn.pdbx_ptnr3_label_alt_id 
_struct_conn.pdbx_ptnr3_PDB_ins_code 
_struct_conn.details 
_struct_conn.pdbx_dist_value 
_struct_conn.pdbx_value_order 
_struct_conn.pdbx_role 
metalc1  metalc ? ? A DG 6 OP1   A ? ? 1_555 C K   . K   A ? A DG 6   A K   101 1_555 ? ? ? ? ? ? ?            2.715 ? ? 
metalc2  metalc ? ? A DG 6 "O5'" A ? ? 1_555 C K   . K   A ? A DG 6   A K   101 1_555 ? ? ? ? ? ? ?            3.047 ? ? 
metalc3  metalc ? ? C K  . K     A ? ? 1_555 E HOH . O   ? ? A K  101 A HOH 217 1_555 ? ? ? ? ? ? ?            2.661 ? ? 
metalc4  metalc ? ? C K  . K     A ? ? 1_555 E HOH . O   A ? A K  101 A HOH 248 1_555 ? ? ? ? ? ? ?            2.612 ? ? 
metalc5  metalc ? ? C K  . K     A ? ? 3_545 B DC  3 OP1 ? ? A K  101 B DC  9   1_555 ? ? ? ? ? ? ?            3.184 ? ? 
metalc6  metalc ? ? C K  . K     A ? ? 3_545 B DC  3 OP2 ? ? A K  101 B DC  9   1_555 ? ? ? ? ? ? ?            2.791 ? ? 
metalc7  metalc ? ? C K  . K     A ? ? 1_555 F HOH . O   ? ? A K  101 B HOH 255 3_555 ? ? ? ? ? ? ?            3.392 ? ? 
hydrog1  hydrog ? ? A DC 1 N3    ? ? ? 1_555 B DG  6 N1  ? ? A DC 1   B DG  12  1_555 ? ? ? ? ? ? WATSON-CRICK ?     ? ? 
hydrog2  hydrog ? ? A DC 1 N4    ? ? ? 1_555 B DG  6 O6  ? ? A DC 1   B DG  12  1_555 ? ? ? ? ? ? WATSON-CRICK ?     ? ? 
hydrog3  hydrog ? ? A DC 1 O2    ? ? ? 1_555 B DG  6 N2  ? ? A DC 1   B DG  12  1_555 ? ? ? ? ? ? WATSON-CRICK ?     ? ? 
hydrog4  hydrog ? ? A DG 2 N1    ? ? ? 1_555 B DC  5 N3  ? ? A DG 2   B DC  11  1_555 ? ? ? ? ? ? WATSON-CRICK ?     ? ? 
hydrog5  hydrog ? ? A DG 2 N2    ? ? ? 1_555 B DC  5 O2  ? ? A DG 2   B DC  11  1_555 ? ? ? ? ? ? WATSON-CRICK ?     ? ? 
hydrog6  hydrog ? ? A DG 2 O6    ? ? ? 1_555 B DC  5 N4  ? ? A DG 2   B DC  11  1_555 ? ? ? ? ? ? WATSON-CRICK ?     ? ? 
hydrog7  hydrog ? ? A DC 3 N3    ? ? ? 1_555 B DG  4 N1  ? ? A DC 3   B DG  10  1_555 ? ? ? ? ? ? WATSON-CRICK ?     ? ? 
hydrog8  hydrog ? ? A DC 3 N4    ? ? ? 1_555 B DG  4 O6  ? ? A DC 3   B DG  10  1_555 ? ? ? ? ? ? WATSON-CRICK ?     ? ? 
hydrog9  hydrog ? ? A DC 3 O2    ? ? ? 1_555 B DG  4 N2  ? ? A DC 3   B DG  10  1_555 ? ? ? ? ? ? WATSON-CRICK ?     ? ? 
hydrog10 hydrog ? ? A DG 4 N1    ? ? ? 1_555 B DC  3 N3  ? ? A DG 4   B DC  9   1_555 ? ? ? ? ? ? WATSON-CRICK ?     ? ? 
hydrog11 hydrog ? ? A DG 4 N2    ? ? ? 1_555 B DC  3 O2  ? ? A DG 4   B DC  9   1_555 ? ? ? ? ? ? WATSON-CRICK ?     ? ? 
hydrog12 hydrog ? ? A DG 4 O6    ? ? ? 1_555 B DC  3 N4  ? ? A DG 4   B DC  9   1_555 ? ? ? ? ? ? WATSON-CRICK ?     ? ? 
hydrog13 hydrog ? ? A DC 5 N3    ? ? ? 1_555 B DG  2 N1  ? ? A DC 5   B DG  8   1_555 ? ? ? ? ? ? WATSON-CRICK ?     ? ? 
hydrog14 hydrog ? ? A DC 5 N4    ? ? ? 1_555 B DG  2 O6  ? ? A DC 5   B DG  8   1_555 ? ? ? ? ? ? WATSON-CRICK ?     ? ? 
hydrog15 hydrog ? ? A DC 5 O2    ? ? ? 1_555 B DG  2 N2  ? ? A DC 5   B DG  8   1_555 ? ? ? ? ? ? WATSON-CRICK ?     ? ? 
hydrog16 hydrog ? ? A DG 6 N1    ? ? ? 1_555 B DC  1 N3  ? ? A DG 6   B DC  7   1_555 ? ? ? ? ? ? WATSON-CRICK ?     ? ? 
hydrog17 hydrog ? ? A DG 6 N2    ? ? ? 1_555 B DC  1 O2  ? ? A DG 6   B DC  7   1_555 ? ? ? ? ? ? WATSON-CRICK ?     ? ? 
hydrog18 hydrog ? ? A DG 6 O6    ? ? ? 1_555 B DC  1 N4  ? ? A DG 6   B DC  7   1_555 ? ? ? ? ? ? WATSON-CRICK ?     ? ? 
# 
loop_
_struct_conn_type.id 
_struct_conn_type.criteria 
_struct_conn_type.reference 
metalc ? ? 
hydrog ? ? 
# 
loop_
_pdbx_struct_conn_angle.id 
_pdbx_struct_conn_angle.ptnr1_label_atom_id 
_pdbx_struct_conn_angle.ptnr1_label_alt_id 
_pdbx_struct_conn_angle.ptnr1_label_asym_id 
_pdbx_struct_conn_angle.ptnr1_label_comp_id 
_pdbx_struct_conn_angle.ptnr1_label_seq_id 
_pdbx_struct_conn_angle.ptnr1_auth_atom_id 
_pdbx_struct_conn_angle.ptnr1_auth_asym_id 
_pdbx_struct_conn_angle.ptnr1_auth_comp_id 
_pdbx_struct_conn_angle.ptnr1_auth_seq_id 
_pdbx_struct_conn_angle.ptnr1_PDB_ins_code 
_pdbx_struct_conn_angle.ptnr1_symmetry 
_pdbx_struct_conn_angle.ptnr2_label_atom_id 
_pdbx_struct_conn_angle.ptnr2_label_alt_id 
_pdbx_struct_conn_angle.ptnr2_label_asym_id 
_pdbx_struct_conn_angle.ptnr2_label_comp_id 
_pdbx_struct_conn_angle.ptnr2_label_seq_id 
_pdbx_struct_conn_angle.ptnr2_auth_atom_id 
_pdbx_struct_conn_angle.ptnr2_auth_asym_id 
_pdbx_struct_conn_angle.ptnr2_auth_comp_id 
_pdbx_struct_conn_angle.ptnr2_auth_seq_id 
_pdbx_struct_conn_angle.ptnr2_PDB_ins_code 
_pdbx_struct_conn_angle.ptnr2_symmetry 
_pdbx_struct_conn_angle.ptnr3_label_atom_id 
_pdbx_struct_conn_angle.ptnr3_label_alt_id 
_pdbx_struct_conn_angle.ptnr3_label_asym_id 
_pdbx_struct_conn_angle.ptnr3_label_comp_id 
_pdbx_struct_conn_angle.ptnr3_label_seq_id 
_pdbx_struct_conn_angle.ptnr3_auth_atom_id 
_pdbx_struct_conn_angle.ptnr3_auth_asym_id 
_pdbx_struct_conn_angle.ptnr3_auth_comp_id 
_pdbx_struct_conn_angle.ptnr3_auth_seq_id 
_pdbx_struct_conn_angle.ptnr3_PDB_ins_code 
_pdbx_struct_conn_angle.ptnr3_symmetry 
_pdbx_struct_conn_angle.value 
_pdbx_struct_conn_angle.value_esd 
1  OP1   A A DG  6 ? A DG  6   ? 1_555 K A C K . ? A K 101 ? 1_555 "O5'" A A DG  6 ? A DG  6   ? 1_555 49.5  ? 
2  OP1   A A DG  6 ? A DG  6   ? 1_555 K A C K . ? A K 101 ? 1_555 O     ? E HOH . ? A HOH 217 ? 1_555 108.8 ? 
3  "O5'" A A DG  6 ? A DG  6   ? 1_555 K A C K . ? A K 101 ? 1_555 O     ? E HOH . ? A HOH 217 ? 1_555 73.4  ? 
4  OP1   A A DG  6 ? A DG  6   ? 1_555 K A C K . ? A K 101 ? 1_555 O     A E HOH . ? A HOH 248 ? 1_555 97.1  ? 
5  "O5'" A A DG  6 ? A DG  6   ? 1_555 K A C K . ? A K 101 ? 1_555 O     A E HOH . ? A HOH 248 ? 1_555 123.6 ? 
6  O     ? E HOH . ? A HOH 217 ? 1_555 K A C K . ? A K 101 ? 1_555 O     A E HOH . ? A HOH 248 ? 1_555 80.3  ? 
7  OP1   A A DG  6 ? A DG  6   ? 1_555 K A C K . ? A K 101 ? 1_555 OP1   ? B DC  3 ? B DC  9   ? 1_555 15.1  ? 
8  "O5'" A A DG  6 ? A DG  6   ? 1_555 K A C K . ? A K 101 ? 1_555 OP1   ? B DC  3 ? B DC  9   ? 1_555 34.5  ? 
9  O     ? E HOH . ? A HOH 217 ? 1_555 K A C K . ? A K 101 ? 1_555 OP1   ? B DC  3 ? B DC  9   ? 1_555 98.4  ? 
10 O     A E HOH . ? A HOH 248 ? 1_555 K A C K . ? A K 101 ? 1_555 OP1   ? B DC  3 ? B DC  9   ? 1_555 106.5 ? 
11 OP1   A A DG  6 ? A DG  6   ? 1_555 K A C K . ? A K 101 ? 1_555 OP2   ? B DC  3 ? B DC  9   ? 1_555 19.6  ? 
12 "O5'" A A DG  6 ? A DG  6   ? 1_555 K A C K . ? A K 101 ? 1_555 OP2   ? B DC  3 ? B DC  9   ? 1_555 30.2  ? 
13 O     ? E HOH . ? A HOH 217 ? 1_555 K A C K . ? A K 101 ? 1_555 OP2   ? B DC  3 ? B DC  9   ? 1_555 93.1  ? 
14 O     A E HOH . ? A HOH 248 ? 1_555 K A C K . ? A K 101 ? 1_555 OP2   ? B DC  3 ? B DC  9   ? 1_555 106.6 ? 
15 OP1   ? B DC  3 ? B DC  9   ? 1_555 K A C K . ? A K 101 ? 1_555 OP2   ? B DC  3 ? B DC  9   ? 1_555 5.3   ? 
16 OP1   A A DG  6 ? A DG  6   ? 1_555 K A C K . ? A K 101 ? 1_555 O     ? F HOH . ? B HOH 255 ? 3_555 49.7  ? 
17 "O5'" A A DG  6 ? A DG  6   ? 1_555 K A C K . ? A K 101 ? 1_555 O     ? F HOH . ? B HOH 255 ? 3_555 79.6  ? 
18 O     ? E HOH . ? A HOH 217 ? 1_555 K A C K . ? A K 101 ? 1_555 O     ? F HOH . ? B HOH 255 ? 3_555 153.0 ? 
19 O     A E HOH . ? A HOH 248 ? 1_555 K A C K . ? A K 101 ? 1_555 O     ? F HOH . ? B HOH 255 ? 3_555 114.9 ? 
20 OP1   ? B DC  3 ? B DC  9   ? 1_555 K A C K . ? A K 101 ? 1_555 O     ? F HOH . ? B HOH 255 ? 3_555 56.9  ? 
21 OP2   ? B DC  3 ? B DC  9   ? 1_555 K A C K . ? A K 101 ? 1_555 O     ? F HOH . ? B HOH 255 ? 3_555 61.8  ? 
# 
_phasing.method   MR 
# 
_pdbx_entry_details.entry_id                 7ATG 
_pdbx_entry_details.nonpolymer_details       ? 
_pdbx_entry_details.sequence_details         ? 
_pdbx_entry_details.compound_details         ? 
_pdbx_entry_details.source_details           ? 
_pdbx_entry_details.has_ligand_of_interest   Y 
# 
loop_
_pdbx_distant_solvent_atoms.id 
_pdbx_distant_solvent_atoms.PDB_model_num 
_pdbx_distant_solvent_atoms.auth_atom_id 
_pdbx_distant_solvent_atoms.label_alt_id 
_pdbx_distant_solvent_atoms.auth_asym_id 
_pdbx_distant_solvent_atoms.auth_comp_id 
_pdbx_distant_solvent_atoms.auth_seq_id 
_pdbx_distant_solvent_atoms.PDB_ins_code 
_pdbx_distant_solvent_atoms.neighbor_macromolecule_distance 
_pdbx_distant_solvent_atoms.neighbor_ligand_distance 
1 1 O ? A HOH 259 ? 6.25 . 
2 1 O ? B HOH 264 ? 5.85 . 
# 
loop_
_chem_comp_atom.comp_id 
_chem_comp_atom.atom_id 
_chem_comp_atom.type_symbol 
_chem_comp_atom.pdbx_aromatic_flag 
_chem_comp_atom.pdbx_stereo_config 
_chem_comp_atom.pdbx_ordinal 
58I N2     N N N 1  
58I C4     C N N 2  
58I C3     C N N 3  
58I C2     C N N 4  
58I C1     C N N 5  
58I N1     N N N 6  
58I HN21   H N N 7  
58I HN22   H N N 8  
58I H3     H N N 9  
58I H41    H N N 10 
58I H42    H N N 11 
58I H31    H N N 12 
58I H32    H N N 13 
58I H21    H N N 14 
58I H22    H N N 15 
58I HN11   H N N 16 
58I H1     H N N 17 
58I H2     H N N 18 
58I HN12   H N N 19 
58I H14    H N N 20 
DC  OP3    O N N 21 
DC  P      P N N 22 
DC  OP1    O N N 23 
DC  OP2    O N N 24 
DC  "O5'"  O N N 25 
DC  "C5'"  C N N 26 
DC  "C4'"  C N R 27 
DC  "O4'"  O N N 28 
DC  "C3'"  C N S 29 
DC  "O3'"  O N N 30 
DC  "C2'"  C N N 31 
DC  "C1'"  C N R 32 
DC  N1     N N N 33 
DC  C2     C N N 34 
DC  O2     O N N 35 
DC  N3     N N N 36 
DC  C4     C N N 37 
DC  N4     N N N 38 
DC  C5     C N N 39 
DC  C6     C N N 40 
DC  HOP3   H N N 41 
DC  HOP2   H N N 42 
DC  "H5'"  H N N 43 
DC  "H5''" H N N 44 
DC  "H4'"  H N N 45 
DC  "H3'"  H N N 46 
DC  "HO3'" H N N 47 
DC  "H2'"  H N N 48 
DC  "H2''" H N N 49 
DC  "H1'"  H N N 50 
DC  H41    H N N 51 
DC  H42    H N N 52 
DC  H5     H N N 53 
DC  H6     H N N 54 
DG  OP3    O N N 55 
DG  P      P N N 56 
DG  OP1    O N N 57 
DG  OP2    O N N 58 
DG  "O5'"  O N N 59 
DG  "C5'"  C N N 60 
DG  "C4'"  C N R 61 
DG  "O4'"  O N N 62 
DG  "C3'"  C N S 63 
DG  "O3'"  O N N 64 
DG  "C2'"  C N N 65 
DG  "C1'"  C N R 66 
DG  N9     N Y N 67 
DG  C8     C Y N 68 
DG  N7     N Y N 69 
DG  C5     C Y N 70 
DG  C6     C N N 71 
DG  O6     O N N 72 
DG  N1     N N N 73 
DG  C2     C N N 74 
DG  N2     N N N 75 
DG  N3     N N N 76 
DG  C4     C Y N 77 
DG  HOP3   H N N 78 
DG  HOP2   H N N 79 
DG  "H5'"  H N N 80 
DG  "H5''" H N N 81 
DG  "H4'"  H N N 82 
DG  "H3'"  H N N 83 
DG  "HO3'" H N N 84 
DG  "H2'"  H N N 85 
DG  "H2''" H N N 86 
DG  "H1'"  H N N 87 
DG  H8     H N N 88 
DG  H1     H N N 89 
DG  H21    H N N 90 
DG  H22    H N N 91 
HOH O      O N N 92 
HOH H1     H N N 93 
HOH H2     H N N 94 
K   K      K N N 95 
# 
loop_
_chem_comp_bond.comp_id 
_chem_comp_bond.atom_id_1 
_chem_comp_bond.atom_id_2 
_chem_comp_bond.value_order 
_chem_comp_bond.pdbx_aromatic_flag 
_chem_comp_bond.pdbx_stereo_config 
_chem_comp_bond.pdbx_ordinal 
58I N1    C1     sing N N 1  
58I C3    C4     sing N N 2  
58I C3    C2     sing N N 3  
58I C4    N2     sing N N 4  
58I C1    C2     sing N N 5  
58I N2    HN21   sing N N 6  
58I N2    HN22   sing N N 7  
58I N2    H3     sing N N 8  
58I C4    H41    sing N N 9  
58I C4    H42    sing N N 10 
58I C3    H31    sing N N 11 
58I C3    H32    sing N N 12 
58I C2    H21    sing N N 13 
58I C2    H22    sing N N 14 
58I C1    HN11   sing N N 15 
58I C1    H1     sing N N 16 
58I N1    H2     sing N N 17 
58I N1    HN12   sing N N 18 
58I N1    H14    sing N N 19 
DC  OP3   P      sing N N 20 
DC  OP3   HOP3   sing N N 21 
DC  P     OP1    doub N N 22 
DC  P     OP2    sing N N 23 
DC  P     "O5'"  sing N N 24 
DC  OP2   HOP2   sing N N 25 
DC  "O5'" "C5'"  sing N N 26 
DC  "C5'" "C4'"  sing N N 27 
DC  "C5'" "H5'"  sing N N 28 
DC  "C5'" "H5''" sing N N 29 
DC  "C4'" "O4'"  sing N N 30 
DC  "C4'" "C3'"  sing N N 31 
DC  "C4'" "H4'"  sing N N 32 
DC  "O4'" "C1'"  sing N N 33 
DC  "C3'" "O3'"  sing N N 34 
DC  "C3'" "C2'"  sing N N 35 
DC  "C3'" "H3'"  sing N N 36 
DC  "O3'" "HO3'" sing N N 37 
DC  "C2'" "C1'"  sing N N 38 
DC  "C2'" "H2'"  sing N N 39 
DC  "C2'" "H2''" sing N N 40 
DC  "C1'" N1     sing N N 41 
DC  "C1'" "H1'"  sing N N 42 
DC  N1    C2     sing N N 43 
DC  N1    C6     sing N N 44 
DC  C2    O2     doub N N 45 
DC  C2    N3     sing N N 46 
DC  N3    C4     doub N N 47 
DC  C4    N4     sing N N 48 
DC  C4    C5     sing N N 49 
DC  N4    H41    sing N N 50 
DC  N4    H42    sing N N 51 
DC  C5    C6     doub N N 52 
DC  C5    H5     sing N N 53 
DC  C6    H6     sing N N 54 
DG  OP3   P      sing N N 55 
DG  OP3   HOP3   sing N N 56 
DG  P     OP1    doub N N 57 
DG  P     OP2    sing N N 58 
DG  P     "O5'"  sing N N 59 
DG  OP2   HOP2   sing N N 60 
DG  "O5'" "C5'"  sing N N 61 
DG  "C5'" "C4'"  sing N N 62 
DG  "C5'" "H5'"  sing N N 63 
DG  "C5'" "H5''" sing N N 64 
DG  "C4'" "O4'"  sing N N 65 
DG  "C4'" "C3'"  sing N N 66 
DG  "C4'" "H4'"  sing N N 67 
DG  "O4'" "C1'"  sing N N 68 
DG  "C3'" "O3'"  sing N N 69 
DG  "C3'" "C2'"  sing N N 70 
DG  "C3'" "H3'"  sing N N 71 
DG  "O3'" "HO3'" sing N N 72 
DG  "C2'" "C1'"  sing N N 73 
DG  "C2'" "H2'"  sing N N 74 
DG  "C2'" "H2''" sing N N 75 
DG  "C1'" N9     sing N N 76 
DG  "C1'" "H1'"  sing N N 77 
DG  N9    C8     sing Y N 78 
DG  N9    C4     sing Y N 79 
DG  C8    N7     doub Y N 80 
DG  C8    H8     sing N N 81 
DG  N7    C5     sing Y N 82 
DG  C5    C6     sing N N 83 
DG  C5    C4     doub Y N 84 
DG  C6    O6     doub N N 85 
DG  C6    N1     sing N N 86 
DG  N1    C2     sing N N 87 
DG  N1    H1     sing N N 88 
DG  C2    N2     sing N N 89 
DG  C2    N3     doub N N 90 
DG  N2    H21    sing N N 91 
DG  N2    H22    sing N N 92 
DG  N3    C4     sing N N 93 
HOH O     H1     sing N N 94 
HOH O     H2     sing N N 95 
# 
_ndb_struct_conf_na.entry_id   7ATG 
_ndb_struct_conf_na.feature    'z-form double helix' 
# 
loop_
_ndb_struct_na_base_pair.model_number 
_ndb_struct_na_base_pair.i_label_asym_id 
_ndb_struct_na_base_pair.i_label_comp_id 
_ndb_struct_na_base_pair.i_label_seq_id 
_ndb_struct_na_base_pair.i_symmetry 
_ndb_struct_na_base_pair.j_label_asym_id 
_ndb_struct_na_base_pair.j_label_comp_id 
_ndb_struct_na_base_pair.j_label_seq_id 
_ndb_struct_na_base_pair.j_symmetry 
_ndb_struct_na_base_pair.shear 
_ndb_struct_na_base_pair.stretch 
_ndb_struct_na_base_pair.stagger 
_ndb_struct_na_base_pair.buckle 
_ndb_struct_na_base_pair.propeller 
_ndb_struct_na_base_pair.opening 
_ndb_struct_na_base_pair.pair_number 
_ndb_struct_na_base_pair.pair_name 
_ndb_struct_na_base_pair.i_auth_asym_id 
_ndb_struct_na_base_pair.i_auth_seq_id 
_ndb_struct_na_base_pair.i_PDB_ins_code 
_ndb_struct_na_base_pair.j_auth_asym_id 
_ndb_struct_na_base_pair.j_auth_seq_id 
_ndb_struct_na_base_pair.j_PDB_ins_code 
_ndb_struct_na_base_pair.hbond_type_28 
_ndb_struct_na_base_pair.hbond_type_12 
1 A DC 1 1_555 B DG 6 1_555 -0.236 -0.121 0.123  3.220  -0.883 1.202 1 A_DC1:DG12_B A 1 ? B 12 ? 19 1 
1 A DG 2 1_555 B DC 5 1_555 0.270  -0.151 -0.014 -4.915 -1.407 2.189 2 A_DG2:DC11_B A 2 ? B 11 ? 19 1 
1 A DC 3 1_555 B DG 4 1_555 -0.229 -0.171 0.004  2.448  -3.835 3.039 3 A_DC3:DG10_B A 3 ? B 10 ? 19 1 
1 A DG 4 1_555 B DC 3 1_555 0.210  -0.134 0.096  -5.066 -1.265 2.607 4 A_DG4:DC9_B  A 4 ? B 9  ? 19 1 
1 A DC 5 1_555 B DG 2 1_555 -0.163 -0.143 0.004  2.665  1.279  2.538 5 A_DC5:DG8_B  A 5 ? B 8  ? 19 1 
1 A DG 6 1_555 B DC 1 1_555 0.287  -0.141 0.115  3.700  1.569  1.529 6 A_DG6:DC7_B  A 6 ? B 7  ? 19 1 
# 
loop_
_ndb_struct_na_base_pair_step.model_number 
_ndb_struct_na_base_pair_step.i_label_asym_id_1 
_ndb_struct_na_base_pair_step.i_label_comp_id_1 
_ndb_struct_na_base_pair_step.i_label_seq_id_1 
_ndb_struct_na_base_pair_step.i_symmetry_1 
_ndb_struct_na_base_pair_step.j_label_asym_id_1 
_ndb_struct_na_base_pair_step.j_label_comp_id_1 
_ndb_struct_na_base_pair_step.j_label_seq_id_1 
_ndb_struct_na_base_pair_step.j_symmetry_1 
_ndb_struct_na_base_pair_step.i_label_asym_id_2 
_ndb_struct_na_base_pair_step.i_label_comp_id_2 
_ndb_struct_na_base_pair_step.i_label_seq_id_2 
_ndb_struct_na_base_pair_step.i_symmetry_2 
_ndb_struct_na_base_pair_step.j_label_asym_id_2 
_ndb_struct_na_base_pair_step.j_label_comp_id_2 
_ndb_struct_na_base_pair_step.j_label_seq_id_2 
_ndb_struct_na_base_pair_step.j_symmetry_2 
_ndb_struct_na_base_pair_step.shift 
_ndb_struct_na_base_pair_step.slide 
_ndb_struct_na_base_pair_step.rise 
_ndb_struct_na_base_pair_step.tilt 
_ndb_struct_na_base_pair_step.roll 
_ndb_struct_na_base_pair_step.twist 
_ndb_struct_na_base_pair_step.x_displacement 
_ndb_struct_na_base_pair_step.y_displacement 
_ndb_struct_na_base_pair_step.helical_rise 
_ndb_struct_na_base_pair_step.inclination 
_ndb_struct_na_base_pair_step.tip 
_ndb_struct_na_base_pair_step.helical_twist 
_ndb_struct_na_base_pair_step.step_number 
_ndb_struct_na_base_pair_step.step_name 
_ndb_struct_na_base_pair_step.i_auth_asym_id_1 
_ndb_struct_na_base_pair_step.i_auth_seq_id_1 
_ndb_struct_na_base_pair_step.i_PDB_ins_code_1 
_ndb_struct_na_base_pair_step.j_auth_asym_id_1 
_ndb_struct_na_base_pair_step.j_auth_seq_id_1 
_ndb_struct_na_base_pair_step.j_PDB_ins_code_1 
_ndb_struct_na_base_pair_step.i_auth_asym_id_2 
_ndb_struct_na_base_pair_step.i_auth_seq_id_2 
_ndb_struct_na_base_pair_step.i_PDB_ins_code_2 
_ndb_struct_na_base_pair_step.j_auth_asym_id_2 
_ndb_struct_na_base_pair_step.j_auth_seq_id_2 
_ndb_struct_na_base_pair_step.j_PDB_ins_code_2 
1 A DC 1 1_555 B DG 6 1_555 A DG 2 1_555 B DC 5 1_555 0.129  5.354  3.639 0.723  -2.193 -6.451  -32.724 5.061  5.125 18.720 6.168  
-6.851  1 AA_DC1DG2:DC11DG12_BB A 1 ? B 12 ? A 2 ? B 11 ? 
1 A DG 2 1_555 B DC 5 1_555 A DC 3 1_555 B DG 4 1_555 -0.022 -1.213 3.265 0.021  -6.467 -51.029 1.830   -0.024 3.100 7.472  0.025  
-51.410 2 AA_DG2DC3:DG10DC11_BB A 2 ? B 11 ? A 3 ? B 10 ? 
1 A DC 3 1_555 B DG 4 1_555 A DG 4 1_555 B DC 3 1_555 -0.074 5.407  3.659 -0.169 -2.866 -5.270  -28.702 -2.062 5.792 28.549 -1.682 
-6.001  3 AA_DC3DG4:DC9DG10_BB  A 3 ? B 10 ? A 4 ? B 9  ? 
1 A DG 4 1_555 B DC 3 1_555 A DC 5 1_555 B DG 2 1_555 -0.204 -0.839 3.269 0.480  -2.884 -54.783 1.082   -0.193 3.226 3.132  0.521  
-54.855 4 AA_DG4DC5:DG8DC9_BB   A 4 ? B 9  ? A 5 ? B 8  ? 
1 A DC 5 1_555 B DG 2 1_555 A DG 6 1_555 B DC 1 1_555 0.050  5.148  3.428 1.161  -2.170 -8.131  -27.703 4.112  4.587 14.860 7.955  
-8.495  5 AA_DC5DG6:DC7DG8_BB   A 5 ? B 8  ? A 6 ? B 7  ? 
# 
_pdbx_audit_support.funding_organization   'Polish National Science Centre' 
_pdbx_audit_support.country                Poland 
_pdbx_audit_support.grant_number           2013/10/M/NZ1/00251 
_pdbx_audit_support.ordinal                1 
# 
loop_
_pdbx_entity_instance_feature.ordinal 
_pdbx_entity_instance_feature.comp_id 
_pdbx_entity_instance_feature.asym_id 
_pdbx_entity_instance_feature.seq_num 
_pdbx_entity_instance_feature.auth_comp_id 
_pdbx_entity_instance_feature.auth_asym_id 
_pdbx_entity_instance_feature.auth_seq_num 
_pdbx_entity_instance_feature.feature_type 
_pdbx_entity_instance_feature.details 
1 K   ? ? K   ? ? 'SUBJECT OF INVESTIGATION' ? 
2 58I ? ? 58I ? ? 'SUBJECT OF INVESTIGATION' ? 
# 
_pdbx_initial_refinement_model.id               1 
_pdbx_initial_refinement_model.entity_id_list   ? 
_pdbx_initial_refinement_model.type             'experimental model' 
_pdbx_initial_refinement_model.source_name      PDB 
_pdbx_initial_refinement_model.accession_code   4HIG 
_pdbx_initial_refinement_model.details          ? 
# 
_pdbx_related_exp_data_set.ordinal              1 
_pdbx_related_exp_data_set.data_reference       10.18430/m37atg 
_pdbx_related_exp_data_set.metadata_reference   ? 
_pdbx_related_exp_data_set.data_set_type        'diffraction image data' 
_pdbx_related_exp_data_set.details              ? 
# 
_atom_sites.entry_id                    7ATG 
_atom_sites.Cartn_transf_matrix[1][1]   ? 
_atom_sites.Cartn_transf_matrix[1][2]   ? 
_atom_sites.Cartn_transf_matrix[1][3]   ? 
_atom_sites.Cartn_transf_matrix[2][1]   ? 
_atom_sites.Cartn_transf_matrix[2][2]   ? 
_atom_sites.Cartn_transf_matrix[2][3]   ? 
_atom_sites.Cartn_transf_matrix[3][1]   ? 
_atom_sites.Cartn_transf_matrix[3][2]   ? 
_atom_sites.Cartn_transf_matrix[3][3]   ? 
_atom_sites.Cartn_transf_vector[1]      ? 
_atom_sites.Cartn_transf_vector[2]      ? 
_atom_sites.Cartn_transf_vector[3]      ? 
_atom_sites.fract_transf_matrix[1][1]   -0.05555293 
_atom_sites.fract_transf_matrix[1][2]   0.00288966 
_atom_sites.fract_transf_matrix[1][3]   0.00149055 
_atom_sites.fract_transf_matrix[2][1]   -0.00142289 
_atom_sites.fract_transf_matrix[2][2]   -0.03128923 
_atom_sites.fract_transf_matrix[2][3]   0.00762780 
_atom_sites.fract_transf_matrix[3][1]   0.00087289 
_atom_sites.fract_transf_matrix[3][2]   0.00535868 
_atom_sites.fract_transf_matrix[3][3]   0.02214413 
_atom_sites.fract_transf_vector[1]      0.235331 
_atom_sites.fract_transf_vector[2]      0.009137 
_atom_sites.fract_transf_vector[3]      0.384759 
_atom_sites.solution_primary            ? 
_atom_sites.solution_secondary          ? 
_atom_sites.solution_hydrogens          ? 
_atom_sites.special_details             ? 
# 
loop_
_atom_type.symbol 
C 
K 
N 
O 
P 
# 
loop_
_atom_site.group_PDB 
_atom_site.id 
_atom_site.type_symbol 
_atom_site.label_atom_id 
_atom_site.label_alt_id 
_atom_site.label_comp_id 
_atom_site.label_asym_id 
_atom_site.label_entity_id 
_atom_site.label_seq_id 
_atom_site.pdbx_PDB_ins_code 
_atom_site.Cartn_x 
_atom_site.Cartn_y 
_atom_site.Cartn_z 
_atom_site.occupancy 
_atom_site.B_iso_or_equiv 
_atom_site.pdbx_formal_charge 
_atom_site.auth_seq_id 
_atom_site.auth_comp_id 
_atom_site.auth_asym_id 
_atom_site.auth_atom_id 
_atom_site.pdbx_PDB_model_num 
ATOM   1   O "O5'" . DC  A 1 1 ? -5.913  4.928   8.390   1.00 4.35  ? 1   DC  A "O5'" 1 
ATOM   2   C "C5'" . DC  A 1 1 ? -6.168  3.725   7.685   1.00 3.37  ? 1   DC  A "C5'" 1 
ATOM   3   C "C4'" . DC  A 1 1 ? -5.015  2.763   7.764   1.00 2.94  ? 1   DC  A "C4'" 1 
ATOM   4   O "O4'" . DC  A 1 1 ? -3.878  3.325   7.098   1.00 3.61  ? 1   DC  A "O4'" 1 
ATOM   5   C "C3'" . DC  A 1 1 ? -4.555  2.413   9.190   1.00 3.13  ? 1   DC  A "C3'" 1 
ATOM   6   O "O3'" . DC  A 1 1 ? -4.252  1.005   9.289   1.00 3.55  ? 1   DC  A "O3'" 1 
ATOM   7   C "C2'" . DC  A 1 1 ? -3.254  3.179   9.333   1.00 3.23  ? 1   DC  A "C2'" 1 
ATOM   8   C "C1'" . DC  A 1 1 ? -2.731  3.195   7.903   1.00 3.14  ? 1   DC  A "C1'" 1 
ATOM   9   N N1    . DC  A 1 1 ? -1.846  4.329   7.608   1.00 3.17  ? 1   DC  A N1    1 
ATOM   10  C C2    . DC  A 1 1 ? -0.478  4.179   7.798   1.00 3.06  ? 1   DC  A C2    1 
ATOM   11  O O2    . DC  A 1 1 ? -0.045  3.079   8.194   1.00 3.67  ? 1   DC  A O2    1 
ATOM   12  N N3    . DC  A 1 1 ? 0.342   5.221   7.566   1.00 3.12  ? 1   DC  A N3    1 
ATOM   13  C C4    . DC  A 1 1 ? -0.157  6.401   7.174   1.00 3.31  ? 1   DC  A C4    1 
ATOM   14  N N4    . DC  A 1 1 ? 0.678   7.402   6.952   1.00 3.78  ? 1   DC  A N4    1 
ATOM   15  C C5    . DC  A 1 1 ? -1.567  6.577   6.978   1.00 3.75  ? 1   DC  A C5    1 
ATOM   16  C C6    . DC  A 1 1 ? -2.363  5.530   7.214   1.00 3.63  ? 1   DC  A C6    1 
ATOM   17  P P     . DG  A 1 2 ? -5.355  -0.058  9.748   1.00 3.87  ? 2   DG  A P     1 
ATOM   18  O OP1   . DG  A 1 2 ? -6.224  0.467   10.851  1.00 4.74  ? 2   DG  A OP1   1 
ATOM   19  O OP2   . DG  A 1 2 ? -4.574  -1.309  9.987   1.00 4.99  ? 2   DG  A OP2   1 
ATOM   20  O "O5'" . DG  A 1 2 ? -6.343  -0.221  8.525   1.00 3.77  ? 2   DG  A "O5'" 1 
ATOM   21  C "C5'" . DG  A 1 2 ? -5.847  -0.784  7.302   1.00 3.72  ? 2   DG  A "C5'" 1 
ATOM   22  C "C4'" . DG  A 1 2 ? -6.924  -0.611  6.260   1.00 3.72  ? 2   DG  A "C4'" 1 
ATOM   23  O "O4'" . DG  A 1 2 ? -7.211  0.775   6.099   1.00 3.45  ? 2   DG  A "O4'" 1 
ATOM   24  C "C3'" . DG  A 1 2 ? -6.467  -1.101  4.886   1.00 3.85  ? 2   DG  A "C3'" 1 
ATOM   25  O "O3'" . DG  A 1 2 ? -6.790  -2.487  4.734   1.00 5.00  ? 2   DG  A "O3'" 1 
ATOM   26  C "C2'" . DG  A 1 2 ? -7.264  -0.216  3.941   1.00 4.53  ? 2   DG  A "C2'" 1 
ATOM   27  C "C1'" . DG  A 1 2 ? -7.536  1.060   4.745   1.00 3.66  ? 2   DG  A "C1'" 1 
ATOM   28  N N9    . DG  A 1 2 ? -6.759  2.209   4.346   1.00 3.41  ? 2   DG  A N9    1 
ATOM   29  C C8    . DG  A 1 2 ? -7.292  3.434   4.030   1.00 3.85  ? 2   DG  A C8    1 
ATOM   30  N N7    . DG  A 1 2 ? -6.382  4.355   3.813   1.00 3.82  ? 2   DG  A N7    1 
ATOM   31  C C5    . DG  A 1 2 ? -5.173  3.697   4.015   1.00 3.17  ? 2   DG  A C5    1 
ATOM   32  C C6    . DG  A 1 2 ? -3.848  4.174   3.968   1.00 3.06  ? 2   DG  A C6    1 
ATOM   33  O O6    . DG  A 1 2 ? -3.489  5.342   3.753   1.00 3.75  ? 2   DG  A O6    1 
ATOM   34  N N1    . DG  A 1 2 ? -2.922  3.179   4.218   1.00 2.81  ? 2   DG  A N1    1 
ATOM   35  C C2    . DG  A 1 2 ? -3.237  1.888   4.560   1.00 2.73  ? 2   DG  A C2    1 
ATOM   36  N N2    . DG  A 1 2 ? -2.209  1.081   4.843   1.00 3.28  ? 2   DG  A N2    1 
ATOM   37  N N3    . DG  A 1 2 ? -4.479  1.422   4.629   1.00 2.86  ? 2   DG  A N3    1 
ATOM   38  C C4    . DG  A 1 2 ? -5.394  2.363   4.340   1.00 2.92  ? 2   DG  A C4    1 
ATOM   39  P P     . DC  A 1 3 ? -5.634  -3.559  4.441   1.00 4.99  ? 3   DC  A P     1 
ATOM   40  O OP1   . DC  A 1 3 ? -6.302  -4.884  4.383   1.00 6.63  ? 3   DC  A OP1   1 
ATOM   41  O OP2   . DC  A 1 3 ? -4.507  -3.389  5.405   1.00 6.71  ? 3   DC  A OP2   1 
ATOM   42  O "O5'" . DC  A 1 3 ? -5.171  -3.102  2.998   1.00 5.23  ? 3   DC  A "O5'" 1 
ATOM   43  C "C5'" . DC  A 1 3 ? -4.702  -4.046  2.031   1.00 4.48  ? 3   DC  A "C5'" 1 
ATOM   44  C "C4'" . DC  A 1 3 ? -3.271  -3.745  1.604   1.00 4.23  ? 3   DC  A "C4'" 1 
ATOM   45  O "O4'" . DC  A 1 3 ? -3.246  -2.527  0.864   1.00 4.23  ? 3   DC  A "O4'" 1 
ATOM   46  C "C3'" A DC  A 1 3 ? -2.200  -3.585  2.698   0.69 3.98  ? 3   DC  A "C3'" 1 
ATOM   47  C "C3'" B DC  A 1 3 ? -2.467  -3.557  2.871   0.31 6.30  ? 3   DC  A "C3'" 1 
ATOM   48  O "O3'" A DC  A 1 3 ? -0.928  -4.031  2.207   0.69 4.56  ? 3   DC  A "O3'" 1 
ATOM   49  O "O3'" B DC  A 1 3 ? -1.188  -4.204  2.752   0.31 7.39  ? 3   DC  A "O3'" 1 
ATOM   50  C "C2'" . DC  A 1 3 ? -2.129  -2.072  2.862   1.00 4.62  ? 3   DC  A "C2'" 1 
ATOM   51  C "C1'" . DC  A 1 3 ? -2.271  -1.645  1.402   1.00 4.05  ? 3   DC  A "C1'" 1 
ATOM   52  N N1    . DC  A 1 3 ? -2.771  -0.292  1.242   1.00 3.71  ? 3   DC  A N1    1 
ATOM   53  C C2    . DC  A 1 3 ? -1.850  0.744   1.157   1.00 3.64  ? 3   DC  A C2    1 
ATOM   54  O O2    . DC  A 1 3 ? -0.640  0.469   1.244   1.00 4.22  ? 3   DC  A O2    1 
ATOM   55  N N3    . DC  A 1 3 ? -2.295  2.004   0.982   1.00 3.65  ? 3   DC  A N3    1 
ATOM   56  C C4    . DC  A 1 3 ? -3.609  2.247   0.937   1.00 3.73  ? 3   DC  A C4    1 
ATOM   57  N N4    . DC  A 1 3 ? -4.006  3.502   0.755   1.00 4.36  ? 3   DC  A N4    1 
ATOM   58  C C5    . DC  A 1 3 ? -4.574  1.205   1.090   1.00 4.10  ? 3   DC  A C5    1 
ATOM   59  C C6    . DC  A 1 3 ? -4.111  -0.048  1.244   1.00 4.13  ? 3   DC  A C6    1 
ATOM   60  P P     A DG  A 1 4 ? -0.394  -5.486  2.553   0.69 5.32  ? 4   DG  A P     1 
ATOM   61  P P     B DG  A 1 4 ? -0.973  -5.764  3.245   0.31 9.19  ? 4   DG  A P     1 
ATOM   62  O OP1   A DG  A 1 4 ? -0.704  -5.851  3.954   0.69 6.84  ? 4   DG  A OP1   1 
ATOM   63  O OP1   B DG  A 1 4 ? -1.530  -5.999  4.547   0.31 13.17 ? 4   DG  A OP1   1 
ATOM   64  O OP2   A DG  A 1 4 ? 1.017   -5.488  2.009   0.69 7.89  ? 4   DG  A OP2   1 
ATOM   65  O OP2   B DG  A 1 4 ? 0.480   -5.869  3.214   0.31 12.30 ? 4   DG  A OP2   1 
ATOM   66  O "O5'" A DG  A 1 4 ? -1.299  -6.470  1.725   0.69 5.17  ? 4   DG  A "O5'" 1 
ATOM   67  O "O5'" B DG  A 1 4 ? -1.683  -6.681  2.145   0.31 6.61  ? 4   DG  A "O5'" 1 
ATOM   68  C "C5'" A DG  A 1 4 ? -1.041  -6.464  0.361   0.69 4.74  ? 4   DG  A "C5'" 1 
ATOM   69  C "C5'" B DG  A 1 4 ? -1.352  -6.663  0.716   0.31 5.52  ? 4   DG  A "C5'" 1 
ATOM   70  C "C4'" A DG  A 1 4 ? -2.166  -7.309  -0.282  0.69 4.61  ? 4   DG  A "C4'" 1 
ATOM   71  C "C4'" B DG  A 1 4 ? -2.229  -7.513  -0.109  0.31 3.90  ? 4   DG  A "C4'" 1 
ATOM   72  O "O4'" . DG  A 1 4 ? -3.485  -6.813  0.041   1.00 4.86  ? 4   DG  A "O4'" 1 
ATOM   73  C "C3'" A DG  A 1 4 ? -2.052  -7.395  -1.782  0.71 5.21  ? 4   DG  A "C3'" 1 
ATOM   74  C "C3'" B DG  A 1 4 ? -1.997  -7.481  -1.654  0.29 4.92  ? 4   DG  A "C3'" 1 
ATOM   75  O "O3'" A DG  A 1 4 ? -1.313  -8.556  -2.137  0.71 5.83  ? 4   DG  A "O3'" 1 
ATOM   76  O "O3'" B DG  A 1 4 ? -1.067  -8.511  -1.870  0.29 3.70  ? 4   DG  A "O3'" 1 
ATOM   77  C "C2'" . DG  A 1 4 ? -3.457  -7.555  -2.202  1.00 5.59  ? 4   DG  A "C2'" 1 
ATOM   78  C "C1'" . DG  A 1 4 ? -4.311  -6.962  -1.109  1.00 4.77  ? 4   DG  A "C1'" 1 
ATOM   79  N N9    . DG  A 1 4 ? -4.898  -5.672  -1.384  1.00 4.55  ? 4   DG  A N9    1 
ATOM   80  C C8    . DG  A 1 4 ? -6.247  -5.399  -1.338  1.00 5.60  ? 4   DG  A C8    1 
ATOM   81  N N7    . DG  A 1 4 ? -6.523  -4.142  -1.556  1.00 5.23  ? 4   DG  A N7    1 
ATOM   82  C C5    . DG  A 1 4 ? -5.276  -3.552  -1.737  1.00 4.17  ? 4   DG  A C5    1 
ATOM   83  C C6    . DG  A 1 4 ? -4.947  -2.199  -1.975  1.00 4.09  ? 4   DG  A C6    1 
ATOM   84  O O6    . DG  A 1 4 ? -5.726  -1.231  -2.043  1.00 5.10  ? 4   DG  A O6    1 
ATOM   85  N N1    . DG  A 1 4 ? -3.577  -2.014  -2.102  1.00 3.67  ? 4   DG  A N1    1 
ATOM   86  C C2    . DG  A 1 4 ? -2.648  -2.988  -1.962  1.00 3.46  ? 4   DG  A C2    1 
ATOM   87  N N2    . DG  A 1 4 ? -1.359  -2.610  -2.049  1.00 3.80  ? 4   DG  A N2    1 
ATOM   88  N N3    . DG  A 1 4 ? -2.941  -4.269  -1.743  1.00 3.68  ? 4   DG  A N3    1 
ATOM   89  C C4    . DG  A 1 4 ? -4.266  -4.478  -1.646  1.00 3.96  ? 4   DG  A C4    1 
ATOM   90  P P     A DC  A 1 5 ? -0.882  -8.942  -3.604  0.71 7.76  ? 5   DC  A P     1 
ATOM   91  P P     B DC  A 1 5 ? 0.376   -8.205  -2.422  0.29 3.55  ? 5   DC  A P     1 
ATOM   92  O OP1   A DC  A 1 5 ? -2.010  -8.974  -4.493  0.71 13.67 ? 5   DC  A OP1   1 
ATOM   93  O OP1   B DC  A 1 5 ? 1.010   -9.534  -2.598  0.29 4.00  ? 5   DC  A OP1   1 
ATOM   94  O OP2   A DC  A 1 5 ? -0.122  -10.176 -3.464  0.71 16.49 ? 5   DC  A OP2   1 
ATOM   95  O OP2   B DC  A 1 5 ? 1.072   -7.200  -1.553  0.29 4.40  ? 5   DC  A OP2   1 
ATOM   96  O "O5'" A DC  A 1 5 ? 0.102   -7.753  -3.954  0.71 3.67  ? 5   DC  A "O5'" 1 
ATOM   97  O "O5'" B DC  A 1 5 ? -0.007  -7.517  -3.843  0.29 3.96  ? 5   DC  A "O5'" 1 
ATOM   98  C "C5'" A DC  A 1 5 ? 0.950   -7.866  -5.133  0.71 3.66  ? 5   DC  A "C5'" 1 
ATOM   99  C "C5'" B DC  A 1 5 ? 0.768   -7.724  -5.023  0.29 3.52  ? 5   DC  A "C5'" 1 
ATOM   100 C "C4'" . DC  A 1 5 ? 1.344   -6.447  -5.560  1.00 3.39  ? 5   DC  A "C4'" 1 
ATOM   101 O "O4'" . DC  A 1 5 ? 0.243   -5.739  -6.107  1.00 3.44  ? 5   DC  A "O4'" 1 
ATOM   102 C "C3'" A DC  A 1 5 ? 1.886   -5.608  -4.387  0.65 3.60  ? 5   DC  A "C3'" 1 
ATOM   103 C "C3'" B DC  A 1 5 ? 1.956   -5.498  -4.490  0.35 3.81  ? 5   DC  A "C3'" 1 
ATOM   104 O "O3'" A DC  A 1 5 ? 3.058   -4.826  -4.819  0.65 3.47  ? 5   DC  A "O3'" 1 
ATOM   105 O "O3'" B DC  A 1 5 ? 2.861   -4.623  -5.203  0.35 5.07  ? 5   DC  A "O3'" 1 
ATOM   106 C "C2'" . DC  A 1 5 ? 0.762   -4.627  -4.122  1.00 3.46  ? 5   DC  A "C2'" 1 
ATOM   107 C "C1'" . DC  A 1 5 ? 0.097   -4.476  -5.479  1.00 3.19  ? 5   DC  A "C1'" 1 
ATOM   108 N N1    . DC  A 1 5 ? -1.340  -4.195  -5.408  1.00 3.18  ? 5   DC  A N1    1 
ATOM   109 C C2    . DC  A 1 5 ? -1.780  -2.879  -5.496  1.00 3.13  ? 5   DC  A C2    1 
ATOM   110 O O2    . DC  A 1 5 ? -0.947  -1.967  -5.639  1.00 3.62  ? 5   DC  A O2    1 
ATOM   111 N N3    . DC  A 1 5 ? -3.108  -2.629  -5.424  1.00 3.27  ? 5   DC  A N3    1 
ATOM   112 C C4    . DC  A 1 5 ? -3.979  -3.636  -5.249  1.00 3.51  ? 5   DC  A C4    1 
ATOM   113 N N4    . DC  A 1 5 ? -5.277  -3.350  -5.167  1.00 4.08  ? 5   DC  A N4    1 
ATOM   114 C C5    . DC  A 1 5 ? -3.551  -4.992  -5.142  1.00 3.91  ? 5   DC  A C5    1 
ATOM   115 C C6    . DC  A 1 5 ? -2.223  -5.223  -5.220  1.00 3.58  ? 5   DC  A C6    1 
ATOM   116 P P     A DG  A 1 6 ? 4.538   -5.381  -4.658  0.65 3.67  ? 6   DG  A P     1 
ATOM   117 P P     B DG  A 1 6 ? 4.411   -4.980  -5.089  0.35 6.83  ? 6   DG  A P     1 
ATOM   118 O OP1   A DG  A 1 6 ? 4.699   -6.077  -3.371  0.65 4.55  ? 6   DG  A OP1   1 
ATOM   119 O OP1   B DG  A 1 6 ? 4.685   -5.446  -3.796  0.35 8.30  ? 6   DG  A OP1   1 
ATOM   120 O OP2   A DG  A 1 6 ? 5.396   -4.209  -4.975  0.65 4.14  ? 6   DG  A OP2   1 
ATOM   121 O OP2   B DG  A 1 6 ? 5.178   -3.902  -5.623  0.35 11.13 ? 6   DG  A OP2   1 
ATOM   122 O "O5'" A DG  A 1 6 ? 4.743   -6.506  -5.766  0.65 4.18  ? 6   DG  A "O5'" 1 
ATOM   123 O "O5'" B DG  A 1 6 ? 4.627   -6.300  -5.977  0.35 5.57  ? 6   DG  A "O5'" 1 
ATOM   124 C "C5'" A DG  A 1 6 ? 4.884   -6.162  -7.156  0.65 3.92  ? 6   DG  A "C5'" 1 
ATOM   125 C "C5'" B DG  A 1 6 ? 4.720   -6.118  -7.412  0.35 4.47  ? 6   DG  A "C5'" 1 
ATOM   126 C "C4'" . DG  A 1 6 ? 4.953   -7.476  -7.960  1.00 4.05  ? 6   DG  A "C4'" 1 
ATOM   127 O "O4'" . DG  A 1 6 ? 3.724   -8.199  -7.777  1.00 4.30  ? 6   DG  A "O4'" 1 
ATOM   128 C "C3'" . DG  A 1 6 ? 5.177   -7.350  -9.466  1.00 4.54  ? 6   DG  A "C3'" 1 
ATOM   129 O "O3'" . DG  A 1 6 ? 6.013   -8.404  -9.927  1.00 5.15  ? 6   DG  A "O3'" 1 
ATOM   130 C "C2'" . DG  A 1 6 ? 3.778   -7.535  -10.045 1.00 4.60  ? 6   DG  A "C2'" 1 
ATOM   131 C "C1'" . DG  A 1 6 ? 3.145   -8.515  -9.041  1.00 4.18  ? 6   DG  A "C1'" 1 
ATOM   132 N N9    . DG  A 1 6 ? 1.716   -8.402  -8.908  1.00 3.96  ? 6   DG  A N9    1 
ATOM   133 C C8    . DG  A 1 6 ? 0.892   -9.472  -8.646  1.00 4.61  ? 6   DG  A C8    1 
ATOM   134 N N7    . DG  A 1 6 ? -0.356  -9.129  -8.495  1.00 4.57  ? 6   DG  A N7    1 
ATOM   135 C C5    . DG  A 1 6 ? -0.360  -7.750  -8.651  1.00 3.80  ? 6   DG  A C5    1 
ATOM   136 C C6    . DG  A 1 6 ? -1.424  -6.814  -8.615  1.00 3.81  ? 6   DG  A C6    1 
ATOM   137 O O6    . DG  A 1 6 ? -2.626  -7.061  -8.427  1.00 4.49  ? 6   DG  A O6    1 
ATOM   138 N N1    . DG  A 1 6 ? -0.993  -5.515  -8.838  1.00 3.57  ? 6   DG  A N1    1 
ATOM   139 C C2    . DG  A 1 6 ? 0.324   -5.146  -8.967  1.00 3.58  ? 6   DG  A C2    1 
ATOM   140 N N2    . DG  A 1 6 ? 0.570   -3.832  -9.033  1.00 4.22  ? 6   DG  A N2    1 
ATOM   141 N N3    . DG  A 1 6 ? 1.334   -6.001  -9.027  1.00 3.67  ? 6   DG  A N3    1 
ATOM   142 C C4    . DG  A 1 6 ? 0.930   -7.276  -8.884  1.00 3.66  ? 6   DG  A C4    1 
ATOM   143 O "O5'" . DC  B 1 1 ? -6.630  1.238   -10.310 1.00 5.72  ? 7   DC  B "O5'" 1 
ATOM   144 C "C5'" . DC  B 1 1 ? -6.003  2.298   -9.617  1.00 4.98  ? 7   DC  B "C5'" 1 
ATOM   145 C "C4'" . DC  B 1 1 ? -4.502  2.122   -9.524  1.00 3.72  ? 7   DC  B "C4'" 1 
ATOM   146 O "O4'" . DC  B 1 1 ? -4.212  0.969   -8.722  1.00 3.79  ? 7   DC  B "O4'" 1 
ATOM   147 C "C3'" . DC  B 1 1 ? -3.761  1.907   -10.863 1.00 3.87  ? 7   DC  B "C3'" 1 
ATOM   148 O "O3'" . DC  B 1 1 ? -2.448  2.499   -10.830 1.00 4.00  ? 7   DC  B "O3'" 1 
ATOM   149 C "C2'" . DC  B 1 1 ? -3.561  0.402   -10.904 1.00 3.81  ? 7   DC  B "C2'" 1 
ATOM   150 C "C1'" . DC  B 1 1 ? -3.369  0.083   -9.421  1.00 3.41  ? 7   DC  B "C1'" 1 
ATOM   151 N N1    . DC  B 1 1 ? -3.754  -1.281  -9.059  1.00 3.31  ? 7   DC  B N1    1 
ATOM   152 C C2    . DC  B 1 1 ? -2.773  -2.266  -8.999  1.00 3.17  ? 7   DC  B C2    1 
ATOM   153 O O2    . DC  B 1 1 ? -1.587  -1.961  -9.188  1.00 3.69  ? 7   DC  B O2    1 
ATOM   154 N N3    . DC  B 1 1 ? -3.146  -3.543  -8.746  1.00 3.26  ? 7   DC  B N3    1 
ATOM   155 C C4    . DC  B 1 1 ? -4.430  -3.844  -8.555  1.00 3.42  ? 7   DC  B C4    1 
ATOM   156 N N4    . DC  B 1 1 ? -4.760  -5.119  -8.350  1.00 3.95  ? 7   DC  B N4    1 
ATOM   157 C C5    . DC  B 1 1 ? -5.460  -2.843  -8.588  1.00 3.82  ? 7   DC  B C5    1 
ATOM   158 C C6    . DC  B 1 1 ? -5.070  -1.583  -8.858  1.00 3.72  ? 7   DC  B C6    1 
ATOM   159 P P     . DG  B 1 2 ? -2.188  3.999   -11.264 1.00 4.32  ? 8   DG  B P     1 
ATOM   160 O OP1   . DG  B 1 2 ? -2.984  4.394   -12.447 1.00 5.27  ? 8   DG  B OP1   1 
ATOM   161 O OP2   . DG  B 1 2 ? -0.685  4.116   -11.362 1.00 5.69  ? 8   DG  B OP2   1 
ATOM   162 O "O5'" . DG  B 1 2 ? -2.730  4.885   -10.059 1.00 4.17  ? 8   DG  B "O5'" 1 
ATOM   163 C "C5'" . DG  B 1 2 ? -2.126  4.744   -8.757  1.00 4.12  ? 8   DG  B "C5'" 1 
ATOM   164 C "C4'" . DG  B 1 2 ? -2.940  5.537   -7.770  1.00 4.21  ? 8   DG  B "C4'" 1 
ATOM   165 O "O4'" . DG  B 1 2 ? -4.272  5.030   -7.756  1.00 4.28  ? 8   DG  B "O4'" 1 
ATOM   166 C "C3'" . DG  B 1 2 ? -2.431  5.393   -6.341  1.00 4.27  ? 8   DG  B "C3'" 1 
ATOM   167 O "O3'" . DG  B 1 2 ? -1.519  6.451   -6.049  1.00 4.97  ? 8   DG  B "O3'" 1 
ATOM   168 C "C2'" . DG  B 1 2 ? -3.703  5.530   -5.501  1.00 5.10  ? 8   DG  B "C2'" 1 
ATOM   169 C "C1'" . DG  B 1 2 ? -4.828  5.096   -6.444  1.00 4.38  ? 8   DG  B "C1'" 1 
ATOM   170 N N9    . DG  B 1 2 ? -5.398  3.805   -6.135  1.00 4.13  ? 8   DG  B N9    1 
ATOM   171 C C8    . DG  B 1 2 ? -6.745  3.533   -6.000  1.00 4.67  ? 8   DG  B C8    1 
ATOM   172 N N7    . DG  B 1 2 ? -6.997  2.272   -5.788  1.00 4.87  ? 8   DG  B N7    1 
ATOM   173 C C5    . DG  B 1 2 ? -5.737  1.670   -5.773  1.00 4.07  ? 8   DG  B C5    1 
ATOM   174 C C6    . DG  B 1 2 ? -5.380  0.309   -5.598  1.00 3.98  ? 8   DG  B C6    1 
ATOM   175 O O6    . DG  B 1 2 ? -6.140  -0.653  -5.416  1.00 4.85  ? 8   DG  B O6    1 
ATOM   176 N N1    . DG  B 1 2 ? -3.999  0.131   -5.663  1.00 3.48  ? 8   DG  B N1    1 
ATOM   177 C C2    . DG  B 1 2 ? -3.089  1.128   -5.930  1.00 3.35  ? 8   DG  B C2    1 
ATOM   178 N N2    . DG  B 1 2 ? -1.803  0.757   -6.023  1.00 3.78  ? 8   DG  B N2    1 
ATOM   179 N N3    . DG  B 1 2 ? -3.420  2.402   -6.073  1.00 3.58  ? 8   DG  B N3    1 
ATOM   180 C C4    . DG  B 1 2 ? -4.745  2.600   -5.996  1.00 3.76  ? 8   DG  B C4    1 
ATOM   181 P P     . DC  B 1 3 ? 0.025   6.179   -5.843  1.00 3.95  ? 9   DC  B P     1 
ATOM   182 O OP1   . DC  B 1 3 ? 0.670   7.523   -5.935  1.00 4.44  ? 9   DC  B OP1   1 
ATOM   183 O OP2   . DC  B 1 3 ? 0.531   5.123   -6.766  1.00 5.11  ? 9   DC  B OP2   1 
ATOM   184 O "O5'" . DC  B 1 3 ? 0.053   5.670   -4.333  1.00 4.27  ? 9   DC  B "O5'" 1 
ATOM   185 C "C5'" . DC  B 1 3 ? 1.158   5.905   -3.462  1.00 3.66  ? 9   DC  B "C5'" 1 
ATOM   186 C "C4'" . DC  B 1 3 ? 1.674   4.615   -2.873  1.00 3.56  ? 9   DC  B "C4'" 1 
ATOM   187 O "O4'" . DC  B 1 3 ? 0.651   3.975   -2.101  1.00 4.08  ? 9   DC  B "O4'" 1 
ATOM   188 C "C3'" . DC  B 1 3 ? 2.142   3.567   -3.899  1.00 3.68  ? 9   DC  B "C3'" 1 
ATOM   189 O "O3'" . DC  B 1 3 ? 3.254   2.816   -3.355  1.00 4.30  ? 9   DC  B "O3'" 1 
ATOM   190 C "C2'" . DC  B 1 3 ? 0.955   2.633   -3.987  1.00 3.83  ? 9   DC  B "C2'" 1 
ATOM   191 C "C1'" . DC  B 1 3 ? 0.415   2.659   -2.559  1.00 3.68  ? 9   DC  B "C1'" 1 
ATOM   192 N N1    . DC  B 1 3 ? -1.027  2.399   -2.473  1.00 3.72  ? 9   DC  B N1    1 
ATOM   193 C C2    . DC  B 1 3 ? -1.454  1.072   -2.350  1.00 3.46  ? 9   DC  B C2    1 
ATOM   194 O O2    . DC  B 1 3 ? -0.598  0.172   -2.270  1.00 3.86  ? 9   DC  B O2    1 
ATOM   195 N N3    . DC  B 1 3 ? -2.777  0.806   -2.321  1.00 3.68  ? 9   DC  B N3    1 
ATOM   196 C C4    . DC  B 1 3 ? -3.661  1.793   -2.424  1.00 4.03  ? 9   DC  B C4    1 
ATOM   197 N N4    . DC  B 1 3 ? -4.959  1.496   -2.402  1.00 4.75  ? 9   DC  B N4    1 
ATOM   198 C C5    . DC  B 1 3 ? -3.247  3.153   -2.560  1.00 4.66  ? 9   DC  B C5    1 
ATOM   199 C C6    . DC  B 1 3 ? -1.926  3.402   -2.595  1.00 4.49  ? 9   DC  B C6    1 
ATOM   200 P P     . DG  B 1 4 ? 4.774   3.241   -3.567  1.00 4.55  ? 10  DG  B P     1 
ATOM   201 O OP1   . DG  B 1 4 ? 5.005   3.727   -4.965  1.00 5.09  ? 10  DG  B OP1   1 
ATOM   202 O OP2   . DG  B 1 4 ? 5.580   2.086   -3.063  1.00 6.42  ? 10  DG  B OP2   1 
ATOM   203 O "O5'" . DG  B 1 4 ? 4.986   4.517   -2.632  1.00 4.01  ? 10  DG  B "O5'" 1 
ATOM   204 C "C5'" . DG  B 1 4 ? 4.905   4.333   -1.213  1.00 3.89  ? 10  DG  B "C5'" 1 
ATOM   205 C "C4'" . DG  B 1 4 ? 5.132   5.653   -0.540  1.00 3.60  ? 10  DG  B "C4'" 1 
ATOM   206 O "O4'" . DG  B 1 4 ? 4.102   6.562   -0.940  1.00 4.07  ? 10  DG  B "O4'" 1 
ATOM   207 C "C3'" . DG  B 1 4 ? 5.058   5.547   0.984   1.00 3.83  ? 10  DG  B "C3'" 1 
ATOM   208 O "O3'" . DG  B 1 4 ? 6.392   5.434   1.511   1.00 4.27  ? 10  DG  B "O3'" 1 
ATOM   209 C "C2'" . DG  B 1 4 ? 4.441   6.864   1.387   1.00 4.52  ? 10  DG  B "C2'" 1 
ATOM   210 C "C1'" . DG  B 1 4 ? 3.637   7.306   0.166   1.00 4.07  ? 10  DG  B "C1'" 1 
ATOM   211 N N9    . DG  B 1 4 ? 2.205   7.124   0.251   1.00 3.85  ? 10  DG  B N9    1 
ATOM   212 C C8    . DG  B 1 4 ? 1.275   8.118   0.018   1.00 4.46  ? 10  DG  B C8    1 
ATOM   213 N N7    . DG  B 1 4 ? 0.041   7.688   0.053   1.00 4.57  ? 10  DG  B N7    1 
ATOM   214 C C5    . DG  B 1 4 ? 0.163   6.338   0.333   1.00 3.80  ? 10  DG  B C5    1 
ATOM   215 C C6    . DG  B 1 4 ? -0.840  5.342   0.478   1.00 3.78  ? 10  DG  B C6    1 
ATOM   216 O O6    . DG  B 1 4 ? -2.059  5.497   0.370   1.00 4.83  ? 10  DG  B O6    1 
ATOM   217 N N1    . DG  B 1 4 ? -0.304  4.099   0.780   1.00 3.45  ? 10  DG  B N1    1 
ATOM   218 C C2    . DG  B 1 4 ? 1.042   3.829   0.839   1.00 3.25  ? 10  DG  B C2    1 
ATOM   219 N N2    . DG  B 1 4 ? 1.375   2.549   1.068   1.00 3.62  ? 10  DG  B N2    1 
ATOM   220 N N3    . DG  B 1 4 ? 1.994   4.746   0.703   1.00 3.36  ? 10  DG  B N3    1 
ATOM   221 C C4    . DG  B 1 4 ? 1.482   5.970   0.455   1.00 3.50  ? 10  DG  B C4    1 
ATOM   222 P P     . DC  B 1 5 ? 6.857   4.133   2.284   1.00 3.77  ? 11  DC  B P     1 
ATOM   223 O OP1   . DC  B 1 5 ? 8.286   4.329   2.646   1.00 4.43  ? 11  DC  B OP1   1 
ATOM   224 O OP2   . DC  B 1 5 ? 6.495   2.909   1.502   1.00 4.74  ? 11  DC  B OP2   1 
ATOM   225 O "O5'" . DC  B 1 5 ? 5.935   4.198   3.585   1.00 4.36  ? 11  DC  B "O5'" 1 
ATOM   226 C "C5'" . DC  B 1 5 ? 6.403   3.701   4.844   1.00 3.63  ? 11  DC  B "C5'" 1 
ATOM   227 C "C4'" . DC  B 1 5 ? 5.421   2.699   5.397   1.00 3.31  ? 11  DC  B "C4'" 1 
ATOM   228 O "O4'" . DC  B 1 5 ? 4.181   3.370   5.680   1.00 3.62  ? 11  DC  B "O4'" 1 
ATOM   229 C "C3'" . DC  B 1 5 ? 5.079   1.545   4.452   1.00 3.78  ? 11  DC  B "C3'" 1 
ATOM   230 O "O3'" . DC  B 1 5 ? 5.008   0.299   5.199   1.00 4.24  ? 11  DC  B "O3'" 1 
ATOM   231 C "C2'" . DC  B 1 5 ? 3.693   1.904   3.936   1.00 4.35  ? 11  DC  B "C2'" 1 
ATOM   232 C "C1'" . DC  B 1 5 ? 3.097   2.667   5.106   1.00 3.56  ? 11  DC  B "C1'" 1 
ATOM   233 N N1    . DC  B 1 5 ? 2.101   3.663   4.708   1.00 3.33  ? 11  DC  B N1    1 
ATOM   234 C C2    . DC  B 1 5 ? 0.773   3.252   4.623   1.00 3.12  ? 11  DC  B C2    1 
ATOM   235 O O2    . DC  B 1 5 ? 0.486   2.066   4.865   1.00 3.77  ? 11  DC  B O2    1 
ATOM   236 N N3    . DC  B 1 5 ? -0.174  4.151   4.273   1.00 3.06  ? 11  DC  B N3    1 
ATOM   237 C C4    . DC  B 1 5 ? 0.171   5.422   3.992   1.00 3.27  ? 11  DC  B C4    1 
ATOM   238 N N4    . DC  B 1 5 ? -0.785  6.273   3.663   1.00 3.81  ? 11  DC  B N4    1 
ATOM   239 C C5    . DC  B 1 5 ? 1.535   5.847   4.024   1.00 3.74  ? 11  DC  B C5    1 
ATOM   240 C C6    . DC  B 1 5 ? 2.460   4.940   4.393   1.00 3.74  ? 11  DC  B C6    1 
ATOM   241 P P     . DG  B 1 6 ? 6.285   -0.663  5.250   1.00 4.37  ? 12  DG  B P     1 
ATOM   242 O OP1   . DG  B 1 6 ? 6.835   -0.852  3.872   1.00 5.36  ? 12  DG  B OP1   1 
ATOM   243 O OP2   . DG  B 1 6 ? 5.842   -1.872  6.019   1.00 6.21  ? 12  DG  B OP2   1 
ATOM   244 O "O5'" . DG  B 1 6 ? 7.383   0.140   6.057   1.00 4.00  ? 12  DG  B "O5'" 1 
ATOM   245 C "C5'" . DG  B 1 6 ? 7.298   0.184   7.501   1.00 3.93  ? 12  DG  B "C5'" 1 
ATOM   246 C "C4'" . DG  B 1 6 ? 8.411   1.058   7.993   1.00 3.46  ? 12  DG  B "C4'" 1 
ATOM   247 O "O4'" . DG  B 1 6 ? 8.183   2.422   7.555   1.00 3.55  ? 12  DG  B "O4'" 1 
ATOM   248 C "C3'" . DG  B 1 6 ? 8.509   1.132   9.526   1.00 3.88  ? 12  DG  B "C3'" 1 
ATOM   249 O "O3'" . DG  B 1 6 ? 9.855   1.418   9.949   1.00 4.77  ? 12  DG  B "O3'" 1 
ATOM   250 C "C2'" . DG  B 1 6 ? 7.679   2.346   9.848   1.00 3.69  ? 12  DG  B "C2'" 1 
ATOM   251 C "C1'" . DG  B 1 6 ? 8.059   3.262   8.702   1.00 3.42  ? 12  DG  B "C1'" 1 
ATOM   252 N N9    . DG  B 1 6 ? 7.124   4.322   8.404   1.00 3.24  ? 12  DG  B N9    1 
ATOM   253 C C8    . DG  B 1 6 ? 7.512   5.584   8.015   1.00 3.65  ? 12  DG  B C8    1 
ATOM   254 N N7    . DG  B 1 6 ? 6.509   6.374   7.719   1.00 3.72  ? 12  DG  B N7    1 
ATOM   255 C C5    . DG  B 1 6 ? 5.384   5.573   7.931   1.00 3.09  ? 12  DG  B C5    1 
ATOM   256 C C6    . DG  B 1 6 ? 4.008   5.875   7.768   1.00 3.12  ? 12  DG  B C6    1 
ATOM   257 O O6    . DG  B 1 6 ? 3.509   6.941   7.357   1.00 3.78  ? 12  DG  B O6    1 
ATOM   258 N N1    . DG  B 1 6 ? 3.197   4.811   8.113   1.00 2.92  ? 12  DG  B N1    1 
ATOM   259 C C2    . DG  B 1 6 ? 3.654   3.566   8.466   1.00 2.87  ? 12  DG  B C2    1 
ATOM   260 N N2    . DG  B 1 6 ? 2.727   2.622   8.671   1.00 3.41  ? 12  DG  B N2    1 
ATOM   261 N N3    . DG  B 1 6 ? 4.942   3.265   8.619   1.00 2.97  ? 12  DG  B N3    1 
ATOM   262 C C4    . DG  B 1 6 ? 5.747   4.303   8.351   1.00 2.91  ? 12  DG  B C4    1 
HETATM 263 K K     A K   C 2 . ? 5.451   -8.662  -3.731  0.49 8.12  ? 101 K   A K     1 
HETATM 264 N N2    A 58I D 3 . ? 2.408   11.191  8.941   0.38 4.35  ? 101 58I B N2    1 
HETATM 265 C C4    A 58I D 3 . ? 2.787   10.419  7.719   0.38 4.67  ? 101 58I B C4    1 
HETATM 266 C C3    A 58I D 3 . ? 4.246   10.637  7.359   0.38 4.42  ? 101 58I B C3    1 
HETATM 267 C C2    A 58I D 3 . ? 5.176   9.953   8.357   0.38 3.72  ? 101 58I B C2    1 
HETATM 268 C C1    A 58I D 3 . ? 6.623   10.027  7.899   0.38 4.30  ? 101 58I B C1    1 
HETATM 269 N N1    A 58I D 3 . ? 6.854   9.106   6.742   0.38 4.00  ? 101 58I B N1    1 
HETATM 270 O O     . HOH E 4 . ? 4.164   -2.074  -6.185  0.80 5.58  ? 201 HOH A O     1 
HETATM 271 O O     . HOH E 4 . ? 1.865   -3.597  1.249   0.47 26.44 ? 202 HOH A O     1 
HETATM 272 O O     . HOH E 4 . ? -3.473  -8.447  -6.195  1.00 15.50 ? 203 HOH A O     1 
HETATM 273 O O     A HOH E 4 . ? 0.961   -0.941  -4.384  0.29 5.41  ? 204 HOH A O     1 
HETATM 274 O O     B HOH E 4 . ? 1.716   -1.208  -5.156  0.71 3.97  ? 204 HOH A O     1 
HETATM 275 O O     A HOH E 4 . ? 3.777   -6.524  -1.044  0.33 8.09  ? 205 HOH A O     1 
HETATM 276 O O     B HOH E 4 . ? 3.326   -5.227  -1.075  0.67 26.04 ? 205 HOH A O     1 
HETATM 277 O O     . HOH E 4 . ? 3.022   -4.584  3.299   0.30 9.93  ? 206 HOH A O     1 
HETATM 278 O O     . HOH E 4 . ? -3.800  -4.927  7.343   0.43 10.15 ? 207 HOH A O     1 
HETATM 279 O O     A HOH E 4 . ? -5.278  -3.796  9.364   0.75 14.14 ? 208 HOH A O     1 
HETATM 280 O O     B HOH E 4 . ? -4.434  -4.041  9.947   0.25 14.19 ? 208 HOH A O     1 
HETATM 281 O O     A HOH E 4 . ? 2.502   -7.519  1.088   0.80 28.99 ? 209 HOH A O     1 
HETATM 282 O O     B HOH E 4 . ? 2.155   -8.804  0.559   0.20 4.58  ? 209 HOH A O     1 
HETATM 283 O O     . HOH E 4 . ? -0.340  0.552   9.120   1.00 5.31  ? 210 HOH A O     1 
HETATM 284 O O     . HOH E 4 . ? -2.546  -1.629  6.078   1.00 5.28  ? 211 HOH A O     1 
HETATM 285 O O     . HOH E 4 . ? 8.080   -4.361  -5.427  0.67 7.06  ? 212 HOH A O     1 
HETATM 286 O O     . HOH E 4 . ? -2.123  -1.512  8.809   1.00 5.34  ? 213 HOH A O     1 
HETATM 287 O O     . HOH E 4 . ? 0.443   -4.685  6.138   0.61 11.53 ? 214 HOH A O     1 
HETATM 288 O O     . HOH E 4 . ? -7.963  -5.433  2.289   1.00 8.19  ? 215 HOH A O     1 
HETATM 289 O O     . HOH E 4 . ? -5.381  0.542   13.457  0.51 5.17  ? 216 HOH A O     1 
HETATM 290 O O     . HOH E 4 . ? 3.811   -9.793  -5.495  1.00 6.55  ? 217 HOH A O     1 
HETATM 291 O O     A HOH E 4 . ? -3.699  -1.540  12.663  0.65 11.78 ? 218 HOH A O     1 
HETATM 292 O O     B HOH E 4 . ? -3.322  -2.583  12.029  0.35 19.06 ? 218 HOH A O     1 
HETATM 293 O O     . HOH E 4 . ? 6.126   -7.750  -12.680 1.00 6.41  ? 219 HOH A O     1 
HETATM 294 O O     A HOH E 4 . ? -7.098  -0.990  0.429   0.48 5.52  ? 220 HOH A O     1 
HETATM 295 O O     B HOH E 4 . ? -7.651  -0.993  0.077   0.52 14.08 ? 220 HOH A O     1 
HETATM 296 O O     . HOH E 4 . ? -8.947  -4.210  5.504   0.72 7.32  ? 221 HOH A O     1 
HETATM 297 O O     . HOH E 4 . ? -6.836  -5.780  -5.096  1.00 7.09  ? 222 HOH A O     1 
HETATM 298 O O     . HOH E 4 . ? -6.810  3.952   0.225   1.00 6.64  ? 223 HOH A O     1 
HETATM 299 O O     . HOH E 4 . ? -6.005  6.783   2.278   0.22 10.27 ? 224 HOH A O     1 
HETATM 300 O O     . HOH E 4 . ? 3.693   -3.796  -1.626  0.32 16.18 ? 225 HOH A O     1 
HETATM 301 O O     . HOH E 4 . ? 1.264   -1.212  -0.210  0.44 11.21 ? 226 HOH A O     1 
HETATM 302 O O     . HOH E 4 . ? -0.463  -3.553  5.835   0.41 12.27 ? 227 HOH A O     1 
HETATM 303 O O     . HOH E 4 . ? -5.690  -4.687  7.833   0.34 10.46 ? 228 HOH A O     1 
HETATM 304 O O     A HOH E 4 . ? -8.964  -2.522  -2.275  0.25 5.61  ? 229 HOH A O     1 
HETATM 305 O O     B HOH E 4 . ? -9.058  -3.301  -1.769  0.75 26.18 ? 229 HOH A O     1 
HETATM 306 O O     A HOH E 4 . ? -8.360  -1.409  -3.504  0.38 7.23  ? 230 HOH A O     1 
HETATM 307 O O     B HOH E 4 . ? -8.189  -0.169  -3.343  0.62 11.72 ? 230 HOH A O     1 
HETATM 308 O O     . HOH E 4 . ? 0.979   -4.183  -0.753  1.00 12.60 ? 231 HOH A O     1 
HETATM 309 O O     A HOH E 4 . ? -3.482  -6.891  4.694   0.20 13.84 ? 232 HOH A O     1 
HETATM 310 O O     B HOH E 4 . ? -3.357  -6.349  5.681   0.80 28.58 ? 232 HOH A O     1 
HETATM 311 O O     . HOH E 4 . ? 3.715   -2.944  -8.776  0.85 6.76  ? 233 HOH A O     1 
HETATM 312 O O     B HOH E 4 . ? 5.595   -8.604  -3.848  0.34 2.92  ? 234 HOH A O     1 
HETATM 313 O O     . HOH E 4 . ? -0.198  -10.624 -11.634 1.00 9.18  ? 235 HOH A O     1 
HETATM 314 O O     . HOH E 4 . ? 4.441   -5.532  1.100   0.25 16.40 ? 236 HOH A O     1 
HETATM 315 O O     A HOH E 4 . ? -2.286  -3.786  8.718   0.54 30.05 ? 237 HOH A O     1 
HETATM 316 O O     B HOH E 4 . ? -1.084  -4.277  8.519   0.46 8.40  ? 237 HOH A O     1 
HETATM 317 O O     . HOH E 4 . ? 3.125   -2.937  -1.604  0.29 11.18 ? 238 HOH A O     1 
HETATM 318 O O     . HOH E 4 . ? -7.473  -4.930  7.922   0.31 13.13 ? 239 HOH A O     1 
HETATM 319 O O     . HOH E 4 . ? -8.245  -3.499  8.531   0.58 13.58 ? 240 HOH A O     1 
HETATM 320 O O     . HOH E 4 . ? 2.478   -2.046  2.684   0.46 23.86 ? 241 HOH A O     1 
HETATM 321 O O     . HOH E 4 . ? 6.002   -0.428  -7.021  0.40 9.21  ? 242 HOH A O     1 
HETATM 322 O O     A HOH E 4 . ? -3.074  1.897   12.854  0.65 6.03  ? 243 HOH A O     1 
HETATM 323 O O     B HOH E 4 . ? -2.842  2.511   12.908  0.35 16.84 ? 243 HOH A O     1 
HETATM 324 O O     . HOH E 4 . ? -8.869  -2.923  1.271   1.00 9.30  ? 244 HOH A O     1 
HETATM 325 O O     B HOH E 4 . ? 4.438   -8.649  -0.177  0.21 3.14  ? 245 HOH A O     1 
HETATM 326 O O     . HOH E 4 . ? 0.109   -2.022  5.777   0.65 8.04  ? 246 HOH A O     1 
HETATM 327 O O     . HOH E 4 . ? -8.039  1.528   0.670   0.90 10.20 ? 247 HOH A O     1 
HETATM 328 O O     A HOH E 4 . ? 3.716   -9.731  -2.097  0.36 9.83  ? 248 HOH A O     1 
HETATM 329 O O     B HOH E 4 . ? 3.147   -9.528  -2.332  0.64 20.85 ? 248 HOH A O     1 
HETATM 330 O O     B HOH E 4 . ? 6.642   -8.146  -1.152  0.25 8.18  ? 249 HOH A O     1 
HETATM 331 O O     B HOH E 4 . ? 7.879   -7.615  -1.979  0.50 14.69 ? 250 HOH A O     1 
HETATM 332 O O     A HOH E 4 . ? -9.228  1.248   -1.665  0.34 5.87  ? 251 HOH A O     1 
HETATM 333 O O     B HOH E 4 . ? -9.890  1.795   -2.328  0.66 26.73 ? 251 HOH A O     1 
HETATM 334 O O     . HOH E 4 . ? -10.237 -2.792  7.355   0.71 13.43 ? 252 HOH A O     1 
HETATM 335 O O     . HOH E 4 . ? 5.520   -5.185  2.669   0.44 10.11 ? 253 HOH A O     1 
HETATM 336 O O     . HOH E 4 . ? 4.951   -6.382  4.172   0.33 14.01 ? 254 HOH A O     1 
HETATM 337 O O     . HOH E 4 . ? -10.700 -2.429  -0.541  0.56 5.21  ? 255 HOH A O     1 
HETATM 338 O O     A HOH E 4 . ? -0.137  -5.381  8.683   0.54 8.90  ? 256 HOH A O     1 
HETATM 339 O O     B HOH E 4 . ? -0.720  -5.504  9.971   0.46 21.73 ? 256 HOH A O     1 
HETATM 340 O O     . HOH E 4 . ? 6.331   -0.826  -9.470  0.57 26.80 ? 257 HOH A O     1 
HETATM 341 O O     A HOH E 4 . ? -10.914 0.001   -0.137  0.20 4.62  ? 258 HOH A O     1 
HETATM 342 O O     B HOH E 4 . ? -10.937 -0.078  -0.088  0.80 26.48 ? 258 HOH A O     1 
HETATM 343 O O     . HOH E 4 . ? -12.204 -1.649  -2.303  0.51 11.15 ? 259 HOH A O     1 
HETATM 344 O O     . HOH F 4 . ? 4.663   -2.278  8.274   1.00 25.26 ? 201 HOH B O     1 
HETATM 345 O O     A HOH F 4 . ? 7.842   0.576   1.947   0.77 10.86 ? 202 HOH B O     1 
HETATM 346 O O     B HOH F 4 . ? 7.685   0.491   1.671   0.23 3.99  ? 202 HOH B O     1 
HETATM 347 O O     A HOH F 4 . ? 0.787   3.896   -13.513 0.60 29.02 ? 203 HOH B O     1 
HETATM 348 O O     B HOH F 4 . ? 0.527   3.389   -13.937 0.40 6.54  ? 203 HOH B O     1 
HETATM 349 O O     A HOH F 4 . ? -3.227  7.459   1.647   0.37 4.82  ? 204 HOH B O     1 
HETATM 350 O O     B HOH F 4 . ? -4.431  6.901   1.318   0.63 14.81 ? 204 HOH B O     1 
HETATM 351 O O     A HOH F 4 . ? 7.579   3.332   -5.419  0.75 17.15 ? 205 HOH B O     1 
HETATM 352 O O     B HOH F 4 . ? 7.812   4.337   -4.714  0.25 5.66  ? 205 HOH B O     1 
HETATM 353 O O     . HOH F 4 . ? 4.395   0.244   -1.582  0.85 6.41  ? 206 HOH B O     1 
HETATM 354 O O     . HOH F 4 . ? 3.701   -3.106  5.025   0.79 34.82 ? 207 HOH B O     1 
HETATM 355 O O     . HOH F 4 . ? -5.468  4.415   -13.429 0.89 7.29  ? 208 HOH B O     1 
HETATM 356 O O     . HOH F 4 . ? 9.571   5.138   0.430   0.30 8.31  ? 209 HOH B O     1 
HETATM 357 O O     . HOH F 4 . ? 0.245   2.502   -7.308  1.00 4.28  ? 210 HOH B O     1 
HETATM 358 O O     A HOH F 4 . ? 1.933   -0.762  -2.516  0.58 6.18  ? 211 HOH B O     1 
HETATM 359 O O     B HOH F 4 . ? 2.742   -1.355  -2.488  0.42 11.16 ? 211 HOH B O     1 
HETATM 360 O O     . HOH F 4 . ? 0.204   -0.399  -10.510 1.00 4.62  ? 212 HOH B O     1 
HETATM 361 O O     . HOH F 4 . ? 0.718   2.214   -10.003 1.00 5.33  ? 213 HOH B O     1 
HETATM 362 O O     . HOH F 4 . ? -0.320  8.560   -8.289  0.79 6.62  ? 214 HOH B O     1 
HETATM 363 O O     A HOH F 4 . ? -0.272  9.242   -3.979  0.68 6.14  ? 215 HOH B O     1 
HETATM 364 O O     B HOH F 4 . ? -0.191  8.785   -4.201  0.32 15.23 ? 215 HOH B O     1 
HETATM 365 O O     . HOH F 4 . ? -8.405  -0.861  -7.003  1.00 20.53 ? 216 HOH B O     1 
HETATM 366 O O     A HOH F 4 . ? 8.926   6.340   4.449   0.61 7.33  ? 217 HOH B O     1 
HETATM 367 O O     B HOH F 4 . ? 9.018   5.831   4.886   0.39 5.01  ? 217 HOH B O     1 
HETATM 368 O O     . HOH F 4 . ? 4.539   2.140   -7.195  0.83 13.95 ? 218 HOH B O     1 
HETATM 369 O O     . HOH F 4 . ? 4.189   1.505   0.795   1.00 4.81  ? 219 HOH B O     1 
HETATM 370 O O     A HOH F 4 . ? 7.709   -3.413  3.187   0.66 8.10  ? 220 HOH B O     1 
HETATM 371 O O     B HOH F 4 . ? 7.149   -3.229  2.587   0.34 10.36 ? 220 HOH B O     1 
HETATM 372 O O     . HOH F 4 . ? 11.276  3.744   10.597  1.00 5.70  ? 221 HOH B O     1 
HETATM 373 O O     A HOH F 4 . ? 10.660  5.218   1.431   0.49 2.99  ? 222 HOH B O     1 
HETATM 374 O O     B HOH F 4 . ? 10.606  5.312   1.586   0.51 11.96 ? 222 HOH B O     1 
HETATM 375 O O     A HOH F 4 . ? 6.690   -0.362  -3.895  0.54 10.45 ? 223 HOH B O     1 
HETATM 376 O O     B HOH F 4 . ? 6.035   -0.178  -4.829  0.46 10.54 ? 223 HOH B O     1 
HETATM 377 O O     A HOH F 4 . ? 4.478   8.353   5.123   0.45 9.81  ? 224 HOH B O     1 
HETATM 378 O O     B HOH F 4 . ? 4.385   7.646   4.766   0.55 6.95  ? 224 HOH B O     1 
HETATM 379 O O     . HOH F 4 . ? 1.089   0.090   6.812   0.33 14.09 ? 225 HOH B O     1 
HETATM 380 O O     A HOH F 4 . ? -1.763  9.768   0.762   0.42 17.88 ? 226 HOH B O     1 
HETATM 381 O O     B HOH F 4 . ? -1.947  10.098  1.717   0.58 15.79 ? 226 HOH B O     1 
HETATM 382 O O     B HOH F 4 . ? 2.916   9.608   8.172   0.21 10.16 ? 227 HOH B O     1 
HETATM 383 O O     A HOH F 4 . ? 1.298   -0.646  4.502   0.46 14.92 ? 228 HOH B O     1 
HETATM 384 O O     B HOH F 4 . ? 0.800   -0.194  3.517   0.54 4.97  ? 228 HOH B O     1 
HETATM 385 O O     . HOH F 4 . ? 7.623   3.841   -6.169  0.21 3.84  ? 229 HOH B O     1 
HETATM 386 O O     B HOH F 4 . ? 6.792   8.972   8.945   0.33 7.37  ? 230 HOH B O     1 
HETATM 387 O O     . HOH F 4 . ? 4.699   -1.000  1.926   0.67 8.85  ? 231 HOH B O     1 
HETATM 388 O O     . HOH F 4 . ? -5.619  -7.442  -6.733  0.38 15.36 ? 232 HOH B O     1 
HETATM 389 O O     . HOH F 4 . ? 0.054   9.094   3.346   0.92 10.00 ? 233 HOH B O     1 
HETATM 390 O O     B HOH F 4 . ? 4.558   9.294   8.880   0.50 19.19 ? 234 HOH B O     1 
HETATM 391 O O     A HOH F 4 . ? 2.252   -0.327  8.050   0.45 13.74 ? 235 HOH B O     1 
HETATM 392 O O     B HOH F 4 . ? 1.341   -1.281  8.109   0.55 4.67  ? 235 HOH B O     1 
HETATM 393 O O     . HOH F 4 . ? -6.630  4.140   -2.553  1.00 10.88 ? 236 HOH B O     1 
HETATM 394 O O     . HOH F 4 . ? 3.792   -0.301  8.048   0.56 8.01  ? 237 HOH B O     1 
HETATM 395 O O     . HOH F 4 . ? -9.094  2.914   -3.444  0.39 10.35 ? 238 HOH B O     1 
HETATM 396 O O     A HOH F 4 . ? 8.564   0.640   12.931  0.68 8.71  ? 239 HOH B O     1 
HETATM 397 O O     B HOH F 4 . ? 9.126   1.035   13.558  0.32 19.62 ? 239 HOH B O     1 
HETATM 398 O O     A HOH F 4 . ? 8.393   4.927   -1.909  0.51 7.11  ? 240 HOH B O     1 
HETATM 399 O O     B HOH F 4 . ? 8.644   5.307   -0.977  0.49 17.78 ? 240 HOH B O     1 
HETATM 400 O O     . HOH F 4 . ? 7.298   6.868   11.160  0.75 6.87  ? 241 HOH B O     1 
HETATM 401 O O     A HOH F 4 . ? -4.710  3.666   -15.800 0.49 6.25  ? 242 HOH B O     1 
HETATM 402 O O     B HOH F 4 . ? -4.092  3.432   -16.412 0.51 15.23 ? 242 HOH B O     1 
HETATM 403 O O     . HOH F 4 . ? 3.108   -0.864  1.653   0.38 13.80 ? 243 HOH B O     1 
HETATM 404 O O     . HOH F 4 . ? 2.772   9.475   3.282   0.76 7.46  ? 244 HOH B O     1 
HETATM 405 O O     A HOH F 4 . ? -10.065 -0.057  -5.100  0.21 6.48  ? 245 HOH B O     1 
HETATM 406 O O     B HOH F 4 . ? -9.499  1.101   -5.314  0.79 17.90 ? 245 HOH B O     1 
HETATM 407 O O     A HOH F 4 . ? 4.197   10.564  1.071   0.49 4.38  ? 246 HOH B O     1 
HETATM 408 O O     B HOH F 4 . ? 4.415   10.502  1.074   0.51 12.00 ? 246 HOH B O     1 
HETATM 409 O O     . HOH F 4 . ? 8.816   -2.486  9.204   0.55 15.89 ? 247 HOH B O     1 
HETATM 410 O O     . HOH F 4 . ? 2.249   0.733   -6.917  0.87 5.10  ? 248 HOH B O     1 
HETATM 411 O O     A HOH F 4 . ? 10.004  -2.607  11.087  0.64 22.45 ? 249 HOH B O     1 
HETATM 412 O O     B HOH F 4 . ? 9.822   -1.978  11.518  0.36 26.73 ? 249 HOH B O     1 
HETATM 413 O O     . HOH F 4 . ? 9.086   5.016   12.061  0.73 8.63  ? 250 HOH B O     1 
HETATM 414 O O     . HOH F 4 . ? 6.314   -2.095  10.204  1.00 22.19 ? 251 HOH B O     1 
HETATM 415 O O     . HOH F 4 . ? -8.426  5.982   -4.159  0.61 13.04 ? 252 HOH B O     1 
HETATM 416 O O     . HOH F 4 . ? 2.917   5.044   -13.712 0.25 12.57 ? 253 HOH B O     1 
HETATM 417 O O     . HOH F 4 . ? 5.167   -3.364  0.466   0.62 12.26 ? 254 HOH B O     1 
HETATM 418 O O     . HOH F 4 . ? 1.065   8.249   -10.573 0.21 6.99  ? 255 HOH B O     1 
HETATM 419 O O     . HOH F 4 . ? 5.178   -1.883  -0.752  0.22 9.23  ? 256 HOH B O     1 
HETATM 420 O O     B HOH F 4 . ? 3.049   11.452  6.371   0.25 10.20 ? 257 HOH B O     1 
HETATM 421 O O     . HOH F 4 . ? 1.791   8.092   -11.802 0.26 6.20  ? 258 HOH B O     1 
HETATM 422 O O     B HOH F 4 . ? 6.106   11.262  7.769   0.54 24.33 ? 259 HOH B O     1 
HETATM 423 O O     . HOH F 4 . ? 10.259  -1.227  14.113  1.00 36.87 ? 260 HOH B O     1 
HETATM 424 O O     A HOH F 4 . ? -4.047  3.477   -17.198 0.45 8.70  ? 261 HOH B O     1 
HETATM 425 O O     B HOH F 4 . ? -3.982  2.609   -18.061 0.55 19.76 ? 261 HOH B O     1 
HETATM 426 O O     B HOH F 4 . ? 4.084   11.951  8.709   0.50 19.39 ? 262 HOH B O     1 
HETATM 427 O O     . HOH F 4 . ? 1.763   -3.734  9.204   0.67 10.93 ? 263 HOH B O     1 
HETATM 428 O O     . HOH F 4 . ? -10.232 3.289   -0.603  0.54 8.59  ? 264 HOH B O     1 
# 
loop_
_atom_site_anisotrop.id 
_atom_site_anisotrop.type_symbol 
_atom_site_anisotrop.pdbx_label_atom_id 
_atom_site_anisotrop.pdbx_label_alt_id 
_atom_site_anisotrop.pdbx_label_comp_id 
_atom_site_anisotrop.pdbx_label_asym_id 
_atom_site_anisotrop.pdbx_label_seq_id 
_atom_site_anisotrop.pdbx_PDB_ins_code 
_atom_site_anisotrop.U[1][1] 
_atom_site_anisotrop.U[2][2] 
_atom_site_anisotrop.U[3][3] 
_atom_site_anisotrop.U[1][2] 
_atom_site_anisotrop.U[1][3] 
_atom_site_anisotrop.U[2][3] 
_atom_site_anisotrop.pdbx_auth_seq_id 
_atom_site_anisotrop.pdbx_auth_comp_id 
_atom_site_anisotrop.pdbx_auth_asym_id 
_atom_site_anisotrop.pdbx_auth_atom_id 
1   O "O5'" . DC  A 1 ? 0.0599 0.0536 0.0517 0.0124  -0.0107 -0.0115 1   DC  A "O5'" 
2   C "C5'" . DC  A 1 ? 0.0311 0.0546 0.0425 0.0041  -0.0057 -0.0048 1   DC  A "C5'" 
3   C "C4'" . DC  A 1 ? 0.0309 0.0480 0.0329 0.0005  -0.0028 -0.0031 1   DC  A "C4'" 
4   O "O4'" . DC  A 1 ? 0.0277 0.0804 0.0290 -0.0054 -0.0042 -0.0017 1   DC  A "O4'" 
5   C "C3'" . DC  A 1 ? 0.0380 0.0482 0.0326 0.0043  -0.0015 -0.0028 1   DC  A "C3'" 
6   O "O3'" . DC  A 1 ? 0.0446 0.0485 0.0416 0.0069  -0.0021 -0.0015 1   DC  A "O3'" 
7   C "C2'" . DC  A 1 ? 0.0376 0.0553 0.0297 0.0038  -0.0051 -0.0055 1   DC  A "C2'" 
8   C "C1'" . DC  A 1 ? 0.0271 0.0577 0.0346 0.0020  -0.0036 -0.0123 1   DC  A "C1'" 
9   N N1    . DC  A 1 ? 0.0274 0.0577 0.0353 0.0022  -0.0010 -0.0115 1   DC  A N1    
10  C C2    . DC  A 1 ? 0.0277 0.0544 0.0342 0.0014  -0.0012 -0.0060 1   DC  A C2    
11  O O2    . DC  A 1 ? 0.0297 0.0560 0.0537 0.0010  -0.0029 0.0020  1   DC  A O2    
12  N N3    . DC  A 1 ? 0.0298 0.0527 0.0359 0.0026  0.0006  -0.0036 1   DC  A N3    
13  C C4    . DC  A 1 ? 0.0353 0.0557 0.0347 0.0053  0.0019  -0.0048 1   DC  A C4    
14  N N4    . DC  A 1 ? 0.0393 0.0533 0.0509 0.0041  0.0027  -0.0011 1   DC  A N4    
15  C C5    . DC  A 1 ? 0.0374 0.0579 0.0473 0.0099  -0.0001 -0.0048 1   DC  A C5    
16  C C6    . DC  A 1 ? 0.0320 0.0614 0.0446 0.0079  -0.0023 -0.0092 1   DC  A C6    
17  P P     . DG  A 2 ? 0.0512 0.0540 0.0418 0.0071  0.0016  0.0072  2   DG  A P     
18  O OP1   . DG  A 2 ? 0.0619 0.0768 0.0415 0.0129  0.0089  0.0070  2   DG  A OP1   
19  O OP2   . DG  A 2 ? 0.0715 0.0581 0.0601 0.0134  -0.0018 0.0144  2   DG  A OP2   
20  O "O5'" . DG  A 2 ? 0.0482 0.0536 0.0416 0.0006  0.0069  -0.0009 2   DG  A "O5'" 
21  C "C5'" . DG  A 2 ? 0.0476 0.0455 0.0482 0.0001  0.0062  -0.0053 2   DG  A "C5'" 
22  C "C4'" . DG  A 2 ? 0.0443 0.0529 0.0441 -0.0075 0.0065  -0.0078 2   DG  A "C4'" 
23  O "O4'" . DG  A 2 ? 0.0377 0.0549 0.0385 0.0011  0.0038  -0.0060 2   DG  A "O4'" 
24  C "C3'" . DG  A 2 ? 0.0478 0.0503 0.0480 -0.0105 0.0071  -0.0142 2   DG  A "C3'" 
25  O "O3'" . DG  A 2 ? 0.0660 0.0555 0.0686 -0.0227 0.0120  -0.0214 2   DG  A "O3'" 
26  C "C2'" . DG  A 2 ? 0.0587 0.0699 0.0436 -0.0195 -0.0008 -0.0128 2   DG  A "C2'" 
27  C "C1'" . DG  A 2 ? 0.0309 0.0649 0.0431 -0.0061 -0.0026 -0.0032 2   DG  A "C1'" 
28  N N9    . DG  A 2 ? 0.0279 0.0600 0.0417 -0.0006 -0.0025 -0.0015 2   DG  A N9    
29  C C8    . DG  A 2 ? 0.0316 0.0653 0.0492 0.0048  -0.0052 0.0010  2   DG  A C8    
30  N N7    . DG  A 2 ? 0.0344 0.0583 0.0524 0.0064  -0.0054 0.0046  2   DG  A N7    
31  C C5    . DG  A 2 ? 0.0311 0.0508 0.0386 0.0041  -0.0011 0.0009  2   DG  A C5    
32  C C6    . DG  A 2 ? 0.0311 0.0469 0.0383 0.0014  -0.0004 0.0007  2   DG  A C6    
33  O O6    . DG  A 2 ? 0.0385 0.0463 0.0576 0.0016  0.0000  0.0073  2   DG  A O6    
34  N N1    . DG  A 2 ? 0.0283 0.0435 0.0350 0.0006  0.0023  -0.0022 2   DG  A N1    
35  C C2    . DG  A 2 ? 0.0288 0.0421 0.0328 0.0006  0.0023  -0.0059 2   DG  A C2    
36  N N2    . DG  A 2 ? 0.0297 0.0420 0.0531 0.0026  0.0012  -0.0029 2   DG  A N2    
37  N N3    . DG  A 2 ? 0.0294 0.0441 0.0353 -0.0008 -0.0001 -0.0056 2   DG  A N3    
38  C C4    . DG  A 2 ? 0.0278 0.0500 0.0332 0.0007  -0.0003 -0.0050 2   DG  A C4    
39  P P     . DC  A 3 ? 0.0820 0.0521 0.0555 -0.0153 0.0125  -0.0109 3   DC  A P     
40  O OP1   . DC  A 3 ? 0.1260 0.0528 0.0731 -0.0292 0.0208  -0.0047 3   DC  A OP1   
41  O OP2   . DC  A 3 ? 0.0988 0.0803 0.0756 0.0042  -0.0042 -0.0164 3   DC  A OP2   
42  O "O5'" . DC  A 3 ? 0.0978 0.0417 0.0592 -0.0100 0.0230  -0.0112 3   DC  A "O5'" 
43  C "C5'" . DC  A 3 ? 0.0738 0.0461 0.0503 -0.0095 0.0072  -0.0120 3   DC  A "C5'" 
44  C "C4'" . DC  A 3 ? 0.0677 0.0441 0.0490 -0.0071 -0.0028 -0.0134 3   DC  A "C4'" 
45  O "O4'" . DC  A 3 ? 0.0676 0.0534 0.0399 -0.0144 -0.0017 -0.0107 3   DC  A "O4'" 
46  C "C3'" A DC  A 3 ? 0.0592 0.0439 0.0480 -0.0069 0.0026  -0.0073 3   DC  A "C3'" 
47  C "C3'" B DC  A 3 ? 0.1090 0.0517 0.0788 0.0151  -0.0468 -0.0282 3   DC  A "C3'" 
48  O "O3'" A DC  A 3 ? 0.0575 0.0598 0.0559 -0.0050 0.0023  -0.0087 3   DC  A "O3'" 
49  O "O3'" B DC  A 3 ? 0.1249 0.0529 0.1031 0.0247  -0.0702 -0.0332 3   DC  A "O3'" 
50  C "C2'" . DC  A 3 ? 0.0779 0.0480 0.0496 -0.0079 -0.0118 -0.0112 3   DC  A "C2'" 
51  C "C1'" . DC  A 3 ? 0.0586 0.0479 0.0474 -0.0079 -0.0005 -0.0132 3   DC  A "C1'" 
52  N N1    . DC  A 3 ? 0.0514 0.0481 0.0414 -0.0051 0.0064  -0.0104 3   DC  A N1    
53  C C2    . DC  A 3 ? 0.0535 0.0466 0.0381 -0.0014 0.0047  -0.0086 3   DC  A C2    
54  O O2    . DC  A 3 ? 0.0535 0.0463 0.0605 -0.0031 0.0040  -0.0099 3   DC  A O2    
55  N N3    . DC  A 3 ? 0.0503 0.0493 0.0390 -0.0003 0.0054  -0.0047 3   DC  A N3    
56  C C4    . DC  A 3 ? 0.0535 0.0564 0.0320 0.0032  0.0070  -0.0046 3   DC  A C4    
57  N N4    . DC  A 3 ? 0.0517 0.0639 0.0501 0.0087  0.0068  0.0048  3   DC  A N4    
58  C C5    . DC  A 3 ? 0.0474 0.0636 0.0447 -0.0005 0.0090  -0.0022 3   DC  A C5    
59  C C6    . DC  A 3 ? 0.0510 0.0604 0.0454 -0.0053 0.0058  -0.0061 3   DC  A C6    
60  P P     A DG  A 4 ? 0.0733 0.0729 0.0560 0.0140  -0.0109 -0.0150 4   DG  A P     
61  P P     B DG  A 4 ? 0.1980 0.0701 0.0811 0.0378  -0.0929 -0.0266 4   DG  A P     
62  O OP1   A DG  A 4 ? 0.1157 0.0836 0.0605 0.0333  -0.0109 -0.0141 4   DG  A OP1   
63  O OP1   B DG  A 4 ? 0.3402 0.0970 0.0631 0.0815  -0.0903 -0.0212 4   DG  A OP1   
64  O OP2   A DG  A 4 ? 0.0692 0.1238 0.1067 0.0257  -0.0142 -0.0409 4   DG  A OP2   
65  O OP2   B DG  A 4 ? 0.1954 0.0741 0.1977 0.0487  -0.1601 -0.0458 4   DG  A OP2   
66  O "O5'" A DG  A 4 ? 0.0917 0.0544 0.0503 -0.0019 0.0040  -0.0023 4   DG  A "O5'" 
67  O "O5'" B DG  A 4 ? 0.1328 0.0459 0.0726 0.0148  -0.0558 -0.0070 4   DG  A "O5'" 
68  C "C5'" A DG  A 4 ? 0.0559 0.0516 0.0725 -0.0155 0.0135  -0.0063 4   DG  A "C5'" 
69  C "C5'" B DG  A 4 ? 0.0348 0.0352 0.1397 -0.0034 -0.0084 -0.0157 4   DG  A "C5'" 
70  C "C4'" A DG  A 4 ? 0.0764 0.0390 0.0599 -0.0192 0.0119  -0.0040 4   DG  A "C4'" 
71  C "C4'" B DG  A 4 ? 0.0493 0.0305 0.0685 -0.0074 -0.0001 0.0002  4   DG  A "C4'" 
72  O "O4'" . DG  A 4 ? 0.0611 0.0653 0.0582 -0.0141 0.0072  -0.0100 4   DG  A "O4'" 
73  C "C3'" A DG  A 4 ? 0.0891 0.0386 0.0705 -0.0192 0.0243  -0.0074 4   DG  A "C3'" 
74  C "C3'" B DG  A 4 ? 0.0569 0.0367 0.0931 -0.0017 0.0283  0.0174  4   DG  A "C3'" 
75  O "O3'" A DG  A 4 ? 0.1167 0.0477 0.0573 -0.0137 0.0353  -0.0016 4   DG  A "O3'" 
76  O "O3'" B DG  A 4 ? 0.0566 0.0350 0.0490 -0.0041 0.0039  -0.0008 4   DG  A "O3'" 
77  C "C2'" . DG  A 4 ? 0.0946 0.0580 0.0597 -0.0282 0.0099  -0.0127 4   DG  A "C2'" 
78  C "C1'" . DG  A 4 ? 0.0641 0.0601 0.0571 -0.0314 0.0051  -0.0039 4   DG  A "C1'" 
79  N N9    . DG  A 4 ? 0.0538 0.0643 0.0547 -0.0268 0.0014  -0.0031 4   DG  A N9    
80  C C8    . DG  A 4 ? 0.0571 0.0877 0.0680 -0.0336 0.0005  -0.0047 4   DG  A C8    
81  N N7    . DG  A 4 ? 0.0468 0.0921 0.0599 -0.0231 -0.0004 -0.0022 4   DG  A N7    
82  C C5    . DG  A 4 ? 0.0461 0.0670 0.0455 -0.0140 0.0029  -0.0056 4   DG  A C5    
83  C C6    . DG  A 4 ? 0.0451 0.0648 0.0456 -0.0070 0.0045  -0.0046 4   DG  A C6    
84  O O6    . DG  A 4 ? 0.0522 0.0796 0.0619 0.0008  0.0073  0.0039  4   DG  A O6    
85  N N1    . DG  A 4 ? 0.0483 0.0509 0.0404 -0.0060 0.0081  -0.0068 4   DG  A N1    
86  C C2    . DG  A 4 ? 0.0473 0.0443 0.0400 -0.0113 0.0113  -0.0094 4   DG  A C2    
87  N N2    . DG  A 4 ? 0.0464 0.0401 0.0579 -0.0104 0.0162  -0.0084 4   DG  A N2    
88  N N3    . DG  A 4 ? 0.0507 0.0453 0.0437 -0.0165 0.0096  -0.0096 4   DG  A N3    
89  C C4    . DG  A 4 ? 0.0516 0.0570 0.0419 -0.0204 0.0062  -0.0080 4   DG  A C4    
90  P P     A DC  A 5 ? 0.1799 0.0483 0.0668 -0.0448 0.0540  -0.0174 5   DC  A P     
91  P P     B DC  A 5 ? 0.0430 0.0394 0.0522 0.0027  0.0062  -0.0029 5   DC  A P     
92  O OP1   A DC  A 5 ? 0.1934 0.2526 0.0734 -0.1734 0.0353  -0.0539 5   DC  A OP1   
93  O OP1   B DC  A 5 ? 0.0591 0.0363 0.0565 0.0103  0.0076  0.0031  5   DC  A OP1   
94  O OP2   A DC  A 5 ? 0.4292 0.0476 0.1499 0.0561  0.1836  0.0253  5   DC  A OP2   
95  O OP2   B DC  A 5 ? 0.0498 0.0437 0.0736 -0.0012 0.0021  -0.0069 5   DC  A OP2   
96  O "O5'" A DC  A 5 ? 0.0591 0.0378 0.0425 0.0014  0.0078  -0.0079 5   DC  A "O5'" 
97  O "O5'" B DC  A 5 ? 0.0613 0.0303 0.0590 0.0142  0.0189  0.0066  5   DC  A "O5'" 
98  C "C5'" A DC  A 5 ? 0.0502 0.0402 0.0487 0.0134  0.0127  -0.0039 5   DC  A "C5'" 
99  C "C5'" B DC  A 5 ? 0.0479 0.0324 0.0533 0.0215  0.0086  -0.0081 5   DC  A "C5'" 
100 C "C4'" . DC  A 5 ? 0.0415 0.0433 0.0439 0.0045  0.0084  -0.0066 5   DC  A "C4'" 
101 O "O4'" . DC  A 5 ? 0.0515 0.0432 0.0359 0.0096  0.0027  -0.0050 5   DC  A "O4'" 
102 C "C3'" A DC  A 5 ? 0.0360 0.0559 0.0449 0.0023  0.0009  -0.0047 5   DC  A "C3'" 
103 C "C3'" B DC  A 5 ? 0.0406 0.0475 0.0568 0.0075  0.0202  -0.0157 5   DC  A "C3'" 
104 O "O3'" A DC  A 5 ? 0.0312 0.0529 0.0479 0.0103  -0.0043 -0.0023 5   DC  A "O3'" 
105 O "O3'" B DC  A 5 ? 0.0562 0.0677 0.0686 -0.0113 0.0241  -0.0327 5   DC  A "O3'" 
106 C "C2'" . DC  A 5 ? 0.0398 0.0513 0.0405 0.0059  0.0037  -0.0105 5   DC  A "C2'" 
107 C "C1'" . DC  A 5 ? 0.0437 0.0407 0.0369 0.0059  0.0081  -0.0045 5   DC  A "C1'" 
108 N N1    . DC  A 5 ? 0.0427 0.0428 0.0353 0.0061  0.0037  -0.0007 5   DC  A N1    
109 C C2    . DC  A 5 ? 0.0436 0.0438 0.0315 0.0074  0.0040  -0.0019 5   DC  A C2    
110 O O2    . DC  A 5 ? 0.0444 0.0456 0.0475 0.0078  0.0059  0.0005  5   DC  A O2    
111 N N3    . DC  A 5 ? 0.0401 0.0526 0.0316 0.0078  0.0015  -0.0007 5   DC  A N3    
112 C C4    . DC  A 5 ? 0.0433 0.0585 0.0315 0.0036  -0.0020 -0.0016 5   DC  A C4    
113 N N4    . DC  A 5 ? 0.0416 0.0655 0.0479 0.0046  -0.0005 0.0027  5   DC  A N4    
114 C C5    . DC  A 5 ? 0.0457 0.0575 0.0454 0.0009  -0.0030 0.0023  5   DC  A C5    
115 C C6    . DC  A 5 ? 0.0465 0.0468 0.0427 0.0015  0.0002  0.0007  5   DC  A C6    
116 P P     A DG  A 6 ? 0.0358 0.0594 0.0440 0.0140  -0.0029 -0.0031 6   DG  A P     
117 P P     B DG  A 6 ? 0.0505 0.1247 0.0844 -0.0252 0.0245  -0.0605 6   DG  A P     
118 O OP1   A DG  A 6 ? 0.0482 0.0785 0.0462 0.0223  -0.0098 -0.0001 6   DG  A OP1   
119 O OP1   B DG  A 6 ? 0.0446 0.1629 0.1080 -0.0025 0.0172  -0.0574 6   DG  A OP1   
120 O OP2   A DG  A 6 ? 0.0349 0.0643 0.0582 0.0073  -0.0022 -0.0075 6   DG  A OP2   
121 O OP2   B DG  A 6 ? 0.1261 0.1533 0.1433 -0.0849 0.0865  -0.0932 6   DG  A OP2   
122 O "O5'" A DG  A 6 ? 0.0475 0.0567 0.0546 0.0159  0.0031  -0.0017 6   DG  A "O5'" 
123 O "O5'" B DG  A 6 ? 0.0463 0.0978 0.0675 0.0010  0.0128  -0.0417 6   DG  A "O5'" 
124 C "C5'" A DG  A 6 ? 0.0442 0.0502 0.0544 0.0051  0.0048  0.0012  6   DG  A "C5'" 
125 C "C5'" B DG  A 6 ? 0.0511 0.0593 0.0595 0.0066  0.0198  -0.0185 6   DG  A "C5'" 
126 C "C4'" . DG  A 6 ? 0.0536 0.0504 0.0500 0.0121  0.0100  0.0008  6   DG  A "C4'" 
127 O "O4'" . DG  A 6 ? 0.0648 0.0524 0.0462 -0.0014 0.0041  0.0065  6   DG  A "O4'" 
128 C "C3'" . DG  A 6 ? 0.0616 0.0574 0.0536 0.0172  0.0192  -0.0012 6   DG  A "C3'" 
129 O "O3'" . DG  A 6 ? 0.0601 0.0769 0.0585 0.0255  0.0126  -0.0097 6   DG  A "O3'" 
130 C "C2'" . DG  A 6 ? 0.0595 0.0724 0.0430 0.0232  0.0129  0.0026  6   DG  A "C2'" 
131 C "C1'" . DG  A 6 ? 0.0594 0.0502 0.0493 0.0151  0.0089  -0.0058 6   DG  A "C1'" 
132 N N9    . DG  A 6 ? 0.0579 0.0446 0.0479 0.0093  0.0094  -0.0074 6   DG  A N9    
133 C C8    . DG  A 6 ? 0.0724 0.0413 0.0613 0.0075  0.0092  -0.0090 6   DG  A C8    
134 N N7    . DG  A 6 ? 0.0643 0.0462 0.0632 0.0007  0.0072  -0.0083 6   DG  A N7    
135 C C5    . DG  A 6 ? 0.0571 0.0460 0.0411 0.0045  0.0053  -0.0043 6   DG  A C5    
136 C C6    . DG  A 6 ? 0.0550 0.0496 0.0403 0.0030  0.0047  -0.0020 6   DG  A C6    
137 O O6    . DG  A 6 ? 0.0540 0.0518 0.0648 0.0008  0.0020  -0.0001 6   DG  A O6    
138 N N1    . DG  A 6 ? 0.0525 0.0481 0.0352 0.0090  0.0063  0.0020  6   DG  A N1    
139 C C2    . DG  A 6 ? 0.0574 0.0461 0.0326 0.0085  0.0112  0.0060  6   DG  A C2    
140 N N2    . DG  A 6 ? 0.0577 0.0440 0.0585 0.0079  0.0168  0.0120  6   DG  A N2    
141 N N3    . DG  A 6 ? 0.0546 0.0464 0.0386 0.0104  0.0130  0.0018  6   DG  A N3    
142 C C4    . DG  A 6 ? 0.0585 0.0464 0.0343 0.0103  0.0082  -0.0036 6   DG  A C4    
143 O "O5'" . DC  B 1 ? 0.0655 0.0775 0.0743 0.0043  -0.0196 -0.0161 7   DC  B "O5'" 
144 C "C5'" . DC  B 1 ? 0.0525 0.0668 0.0699 0.0194  -0.0138 -0.0139 7   DC  B "C5'" 
145 C "C4'" . DC  B 1 ? 0.0503 0.0455 0.0456 0.0122  -0.0074 -0.0080 7   DC  B "C4'" 
146 O "O4'" . DC  B 1 ? 0.0595 0.0492 0.0353 0.0134  -0.0023 -0.0078 7   DC  B "O4'" 
147 C "C3'" . DC  B 1 ? 0.0645 0.0408 0.0416 0.0095  -0.0065 -0.0021 7   DC  B "C3'" 
148 O "O3'" . DC  B 1 ? 0.0641 0.0395 0.0484 0.0130  -0.0003 0.0018  7   DC  B "O3'" 
149 C "C2'" . DC  B 1 ? 0.0712 0.0412 0.0324 0.0117  -0.0030 -0.0030 7   DC  B "C2'" 
150 C "C1'" . DC  B 1 ? 0.0507 0.0430 0.0359 0.0102  -0.0036 -0.0021 7   DC  B "C1'" 
151 N N1    . DC  B 1 ? 0.0473 0.0457 0.0330 0.0074  -0.0043 -0.0003 7   DC  B N1    
152 C C2    . DC  B 1 ? 0.0475 0.0425 0.0306 0.0048  -0.0038 0.0007  7   DC  B C2    
153 O O2    . DC  B 1 ? 0.0464 0.0426 0.0512 0.0046  -0.0014 0.0043  7   DC  B O2    
154 N N3    . DC  B 1 ? 0.0472 0.0441 0.0327 0.0034  -0.0023 0.0015  7   DC  B N3    
155 C C4    . DC  B 1 ? 0.0482 0.0511 0.0307 0.0025  -0.0018 0.0006  7   DC  B C4    
156 N N4    . DC  B 1 ? 0.0522 0.0517 0.0461 -0.0028 0.0004  0.0024  7   DC  B N4    
157 C C5    . DC  B 1 ? 0.0437 0.0589 0.0424 0.0035  -0.0013 -0.0016 7   DC  B C5    
158 C C6    . DC  B 1 ? 0.0466 0.0565 0.0382 0.0090  -0.0030 -0.0004 7   DC  B C6    
159 P P     . DG  B 2 ? 0.0674 0.0436 0.0532 0.0118  0.0012  0.0088  8   DG  B P     
160 O OP1   . DG  B 2 ? 0.0901 0.0604 0.0497 0.0139  -0.0043 0.0132  8   DG  B OP1   
161 O OP2   . DG  B 2 ? 0.0671 0.0597 0.0893 0.0094  0.0090  0.0198  8   DG  B OP2   
162 O "O5'" . DG  B 2 ? 0.0614 0.0399 0.0570 0.0136  -0.0119 0.0020  8   DG  B "O5'" 
163 C "C5'" . DG  B 2 ? 0.0557 0.0407 0.0602 0.0143  -0.0153 -0.0022 8   DG  B "C5'" 
164 C "C4'" . DG  B 2 ? 0.0536 0.0436 0.0628 0.0187  -0.0215 -0.0100 8   DG  B "C4'" 
165 O "O4'" . DG  B 2 ? 0.0482 0.0574 0.0570 0.0180  -0.0182 -0.0144 8   DG  B "O4'" 
166 C "C3'" . DG  B 2 ? 0.0521 0.0479 0.0622 0.0153  -0.0228 -0.0136 8   DG  B "C3'" 
167 O "O3'" . DG  B 2 ? 0.0573 0.0469 0.0848 0.0137  -0.0296 -0.0179 8   DG  B "O3'" 
168 C "C2'" . DG  B 2 ? 0.0604 0.0696 0.0637 0.0165  -0.0218 -0.0274 8   DG  B "C2'" 
169 C "C1'" . DG  B 2 ? 0.0495 0.0544 0.0626 0.0217  -0.0164 -0.0205 8   DG  B "C1'" 
170 N N9    . DG  B 2 ? 0.0436 0.0569 0.0565 0.0214  -0.0105 -0.0165 8   DG  B N9    
171 C C8    . DG  B 2 ? 0.0450 0.0705 0.0620 0.0251  -0.0049 -0.0117 8   DG  B C8    
172 N N7    . DG  B 2 ? 0.0448 0.0736 0.0666 0.0224  0.0008  -0.0076 8   DG  B N7    
173 C C5    . DG  B 2 ? 0.0417 0.0644 0.0485 0.0191  -0.0043 -0.0097 8   DG  B C5    
174 C C6    . DG  B 2 ? 0.0409 0.0651 0.0453 0.0137  -0.0014 -0.0054 8   DG  B C6    
175 O O6    . DG  B 2 ? 0.0429 0.0697 0.0715 0.0111  0.0065  0.0080  8   DG  B O6    
176 N N1    . DG  B 2 ? 0.0395 0.0543 0.0383 0.0132  -0.0020 -0.0050 8   DG  B N1    
177 C C2    . DG  B 2 ? 0.0400 0.0491 0.0380 0.0135  -0.0087 -0.0111 8   DG  B C2    
178 N N2    . DG  B 2 ? 0.0372 0.0449 0.0615 0.0123  -0.0085 -0.0051 8   DG  B N2    
179 N N3    . DG  B 2 ? 0.0408 0.0493 0.0460 0.0153  -0.0127 -0.0132 8   DG  B N3    
180 C C4    . DG  B 2 ? 0.0422 0.0557 0.0449 0.0194  -0.0115 -0.0149 8   DG  B C4    
181 P P     . DC  B 3 ? 0.0528 0.0405 0.0567 0.0062  -0.0162 -0.0082 9   DC  B P     
182 O OP1   . DC  B 3 ? 0.0656 0.0420 0.0612 0.0008  -0.0146 -0.0014 9   DC  B OP1   
183 O OP2   . DC  B 3 ? 0.0669 0.0547 0.0726 0.0072  -0.0089 -0.0184 9   DC  B OP2   
184 O "O5'" . DC  B 3 ? 0.0471 0.0560 0.0593 -0.0049 -0.0135 0.0066  9   DC  B "O5'" 
185 C "C5'" . DC  B 3 ? 0.0487 0.0369 0.0535 -0.0015 -0.0112 -0.0001 9   DC  B "C5'" 
186 C "C4'" . DC  B 3 ? 0.0549 0.0353 0.0453 0.0007  -0.0105 -0.0027 9   DC  B "C4'" 
187 O "O4'" . DC  B 3 ? 0.0769 0.0386 0.0397 -0.0069 0.0036  -0.0063 9   DC  B "O4'" 
188 C "C3'" . DC  B 3 ? 0.0524 0.0400 0.0473 0.0013  -0.0055 -0.0038 9   DC  B "C3'" 
189 O "O3'" . DC  B 3 ? 0.0584 0.0398 0.0651 0.0042  -0.0072 -0.0042 9   DC  B "O3'" 
190 C "C2'" . DC  B 3 ? 0.0620 0.0419 0.0416 -0.0075 -0.0010 -0.0072 9   DC  B "C2'" 
191 C "C1'" . DC  B 3 ? 0.0638 0.0366 0.0395 -0.0030 -0.0033 -0.0036 9   DC  B "C1'" 
192 N N1    . DC  B 3 ? 0.0606 0.0413 0.0393 -0.0018 0.0005  -0.0012 9   DC  B N1    
193 C C2    . DC  B 3 ? 0.0553 0.0436 0.0327 -0.0029 0.0003  -0.0033 9   DC  B C2    
194 O O2    . DC  B 3 ? 0.0519 0.0395 0.0554 -0.0045 0.0028  -0.0032 9   DC  B O2    
195 N N3    . DC  B 3 ? 0.0527 0.0512 0.0359 -0.0034 0.0035  -0.0040 9   DC  B N3    
196 C C4    . DC  B 3 ? 0.0599 0.0604 0.0329 0.0086  0.0058  -0.0010 9   DC  B C4    
197 N N4    . DC  B 3 ? 0.0564 0.0750 0.0490 0.0102  0.0048  0.0017  9   DC  B N4    
198 C C5    . DC  B 3 ? 0.0700 0.0544 0.0526 0.0121  0.0067  0.0039  9   DC  B C5    
199 C C6    . DC  B 3 ? 0.0666 0.0476 0.0565 0.0076  0.0045  0.0041  9   DC  B C6    
200 P P     . DG  B 4 ? 0.0571 0.0482 0.0678 0.0115  -0.0052 -0.0097 10  DG  B P     
201 O OP1   . DG  B 4 ? 0.0632 0.0682 0.0621 0.0111  0.0066  -0.0167 10  DG  B OP1   
202 O OP2   . DG  B 4 ? 0.0727 0.0566 0.1148 0.0234  -0.0119 -0.0006 10  DG  B OP2   
203 O "O5'" . DG  B 4 ? 0.0577 0.0478 0.0467 0.0010  -0.0033 0.0002  10  DG  B "O5'" 
204 C "C5'" . DG  B 4 ? 0.0508 0.0475 0.0494 -0.0017 -0.0084 0.0069  10  DG  B "C5'" 
205 C "C4'" . DG  B 4 ? 0.0497 0.0456 0.0416 -0.0054 -0.0073 0.0089  10  DG  B "C4'" 
206 O "O4'" . DG  B 4 ? 0.0653 0.0478 0.0414 0.0046  -0.0046 0.0122  10  DG  B "O4'" 
207 C "C3'" . DG  B 4 ? 0.0494 0.0532 0.0430 -0.0032 -0.0083 0.0088  10  DG  B "C3'" 
208 O "O3'" . DG  B 4 ? 0.0502 0.0595 0.0527 -0.0106 -0.0139 0.0119  10  DG  B "O3'" 
209 C "C2'" . DG  B 4 ? 0.0648 0.0602 0.0468 0.0041  -0.0097 0.0008  10  DG  B "C2'" 
210 C "C1'" . DG  B 4 ? 0.0655 0.0414 0.0478 -0.0033 -0.0057 0.0051  10  DG  B "C1'" 
211 N N9    . DG  B 4 ? 0.0602 0.0369 0.0492 0.0012  -0.0047 0.0056  10  DG  B N9    
212 C C8    . DG  B 4 ? 0.0724 0.0379 0.0593 0.0056  -0.0045 0.0078  10  DG  B C8    
213 N N7    . DG  B 4 ? 0.0709 0.0407 0.0619 0.0096  -0.0006 0.0090  10  DG  B N7    
214 C C5    . DG  B 4 ? 0.0580 0.0408 0.0455 0.0059  -0.0012 0.0054  10  DG  B C5    
215 C C6    . DG  B 4 ? 0.0533 0.0431 0.0473 0.0062  0.0021  0.0042  10  DG  B C6    
216 O O6    . DG  B 4 ? 0.0568 0.0546 0.0721 0.0116  0.0013  0.0059  10  DG  B O6    
217 N N1    . DG  B 4 ? 0.0496 0.0424 0.0390 0.0035  0.0020  0.0034  10  DG  B N1    
218 C C2    . DG  B 4 ? 0.0498 0.0392 0.0346 0.0003  -0.0026 0.0031  10  DG  B C2    
219 N N2    . DG  B 4 ? 0.0487 0.0383 0.0507 0.0003  -0.0059 0.0068  10  DG  B N2    
220 N N3    . DG  B 4 ? 0.0510 0.0377 0.0389 0.0005  -0.0045 0.0049  10  DG  B N3    
221 C C4    . DG  B 4 ? 0.0578 0.0373 0.0378 0.0008  -0.0028 0.0052  10  DG  B C4    
222 P P     . DC  B 5 ? 0.0422 0.0598 0.0413 -0.0006 -0.0083 0.0005  11  DC  B P     
223 O OP1   . DC  B 5 ? 0.0393 0.0796 0.0493 0.0000  -0.0041 0.0022  11  DC  B OP1   
224 O OP2   . DC  B 5 ? 0.0622 0.0598 0.0581 0.0024  -0.0181 -0.0034 11  DC  B OP2   
225 O "O5'" . DC  B 5 ? 0.0375 0.0838 0.0445 0.0084  -0.0030 0.0114  11  DC  B "O5'" 
226 C "C5'" . DC  B 5 ? 0.0328 0.0627 0.0423 -0.0006 -0.0057 0.0022  11  DC  B "C5'" 
227 C "C4'" . DC  B 5 ? 0.0293 0.0572 0.0391 0.0013  -0.0015 -0.0060 11  DC  B "C4'" 
228 O "O4'" . DC  B 5 ? 0.0285 0.0675 0.0417 0.0008  -0.0015 -0.0157 11  DC  B "O4'" 
229 C "C3'" . DC  B 5 ? 0.0374 0.0588 0.0472 0.0013  0.0005  -0.0123 11  DC  B "C3'" 
230 O "O3'" . DC  B 5 ? 0.0451 0.0601 0.0557 -0.0077 0.0031  -0.0074 11  DC  B "O3'" 
231 C "C2'" . DC  B 5 ? 0.0391 0.0758 0.0504 0.0023  -0.0086 -0.0233 11  DC  B "C2'" 
232 C "C1'" . DC  B 5 ? 0.0294 0.0633 0.0425 -0.0001 -0.0036 -0.0087 11  DC  B "C1'" 
233 N N1    . DC  B 5 ? 0.0291 0.0596 0.0379 -0.0018 0.0004  -0.0019 11  DC  B N1    
234 C C2    . DC  B 5 ? 0.0287 0.0559 0.0338 -0.0006 -0.0008 0.0003  11  DC  B C2    
235 O O2    . DC  B 5 ? 0.0320 0.0574 0.0538 -0.0015 -0.0028 0.0065  11  DC  B O2    
236 N N3    . DC  B 5 ? 0.0301 0.0527 0.0336 -0.0018 0.0012  0.0017  11  DC  B N3    
237 C C4    . DC  B 5 ? 0.0361 0.0556 0.0326 -0.0019 0.0030  0.0006  11  DC  B C4    
238 N N4    . DC  B 5 ? 0.0402 0.0560 0.0487 0.0002  0.0013  0.0057  11  DC  B N4    
239 C C5    . DC  B 5 ? 0.0382 0.0557 0.0481 -0.0066 0.0028  0.0008  11  DC  B C5    
240 C C6    . DC  B 5 ? 0.0337 0.0622 0.0462 -0.0073 0.0023  -0.0021 11  DC  B C6    
241 P P     . DG  B 6 ? 0.0615 0.0506 0.0541 -0.0043 0.0006  -0.0057 12  DG  B P     
242 O OP1   . DG  B 6 ? 0.0890 0.0597 0.0548 0.0189  0.0055  -0.0113 12  DG  B OP1   
243 O OP2   . DG  B 6 ? 0.0922 0.0636 0.0800 -0.0224 -0.0100 0.0070  12  DG  B OP2   
244 O "O5'" . DG  B 6 ? 0.0451 0.0586 0.0482 -0.0029 0.0034  -0.0021 12  DG  B "O5'" 
245 C "C5'" . DG  B 6 ? 0.0420 0.0582 0.0490 -0.0034 0.0032  0.0055  12  DG  B "C5'" 
246 C "C4'" . DG  B 6 ? 0.0313 0.0514 0.0490 0.0034  0.0055  0.0034  12  DG  B "C4'" 
247 O "O4'" . DG  B 6 ? 0.0396 0.0513 0.0442 0.0049  0.0073  0.0011  12  DG  B "O4'" 
248 C "C3'" . DG  B 6 ? 0.0346 0.0644 0.0485 0.0073  -0.0019 0.0071  12  DG  B "C3'" 
249 O "O3'" . DG  B 6 ? 0.0366 0.0733 0.0712 0.0089  -0.0136 -0.0005 12  DG  B "O3'" 
250 C "C2'" . DG  B 6 ? 0.0334 0.0659 0.0410 0.0080  -0.0007 0.0039  12  DG  B "C2'" 
251 C "C1'" . DG  B 6 ? 0.0277 0.0582 0.0439 0.0018  -0.0012 0.0002  12  DG  B "C1'" 
252 N N9    . DG  B 6 ? 0.0272 0.0511 0.0449 -0.0007 -0.0031 -0.0030 12  DG  B N9    
253 C C8    . DG  B 6 ? 0.0331 0.0532 0.0523 -0.0069 -0.0005 -0.0051 12  DG  B C8    
254 N N7    . DG  B 6 ? 0.0357 0.0471 0.0585 -0.0057 -0.0012 -0.0022 12  DG  B N7    
255 C C5    . DG  B 6 ? 0.0303 0.0457 0.0412 -0.0016 0.0007  -0.0011 12  DG  B C5    
256 C C6    . DG  B 6 ? 0.0321 0.0450 0.0414 0.0011  0.0021  -0.0024 12  DG  B C6    
257 O O6    . DG  B 6 ? 0.0396 0.0445 0.0596 0.0035  0.0022  0.0031  12  DG  B O6    
258 N N1    . DG  B 6 ? 0.0276 0.0462 0.0373 0.0001  0.0022  0.0005  12  DG  B N1    
259 C C2    . DG  B 6 ? 0.0291 0.0485 0.0316 -0.0007 -0.0004 0.0027  12  DG  B C2    
260 N N2    . DG  B 6 ? 0.0298 0.0528 0.0471 -0.0039 -0.0021 0.0123  12  DG  B N2    
261 N N3    . DG  B 6 ? 0.0284 0.0488 0.0355 -0.0016 -0.0021 0.0030  12  DG  B N3    
262 C C4    . DG  B 6 ? 0.0271 0.0490 0.0343 -0.0005 -0.0014 -0.0028 12  DG  B C4    
263 K K     A K   C . ? 0.0817 0.1420 0.0847 0.0292  0.0007  -0.0375 101 K   A K     
264 N N2    A 58I D . ? 0.0496 0.0563 0.0592 -0.0042 0.0097  0.0058  101 58I B N2    
265 C C4    A 58I D . ? 0.0455 0.0739 0.0580 -0.0046 -0.0087 0.0056  101 58I B C4    
266 C C3    A 58I D . ? 0.0411 0.0736 0.0531 0.0007  -0.0004 0.0069  101 58I B C3    
267 C C2    A 58I D . ? 0.0381 0.0553 0.0481 -0.0060 -0.0037 0.0064  101 58I B C2    
268 C C1    A 58I D . ? 0.0426 0.0574 0.0632 -0.0089 -0.0068 0.0106  101 58I B C1    
269 N N1    A 58I D . ? 0.0327 0.0471 0.0723 -0.0021 0.0033  0.0198  101 58I B N1    
270 O O     . HOH E . ? 0.0660 0.0860 0.0602 0.0247  0.0090  0.0056  201 HOH A O     
271 O O     . HOH E . ? 0.1301 0.6222 0.2524 -0.0207 -0.0143 -0.2717 202 HOH A O     
272 O O     . HOH E . ? 0.2222 0.1198 0.2468 -0.0193 0.1634  0.0425  203 HOH A O     
273 O O     A HOH E . ? 0.0546 0.0619 0.0891 -0.0001 -0.0019 -0.0055 204 HOH A O     
274 O O     B HOH E . ? 0.0377 0.0492 0.0639 0.0031  -0.0013 -0.0022 204 HOH A O     
275 O O     A HOH E . ? 0.0693 0.1428 0.0952 0.0034  0.0115  -0.0079 205 HOH A O     
276 O O     B HOH E . ? 0.2886 0.5834 0.1173 0.2462  0.0665  0.0438  205 HOH A O     
277 O O     . HOH E . ? 0.1192 0.1601 0.0980 -0.0478 -0.0209 -0.0111 206 HOH A O     
278 O O     . HOH E . ? 0.2083 0.0794 0.0978 -0.0135 0.0314  -0.0092 207 HOH A O     
279 O O     A HOH E . ? 0.2551 0.0990 0.1833 -0.0307 -0.0769 0.0234  208 HOH A O     
280 O O     B HOH E . ? 0.1751 0.0606 0.3036 0.0018  -0.0441 0.0322  208 HOH A O     
281 O O     A HOH E . ? 0.3700 0.4102 0.3215 0.3025  0.1541  0.0893  209 HOH A O     
282 O O     B HOH E . ? 0.0619 0.0610 0.0510 0.0051  0.0009  -0.0072 209 HOH A O     
283 O O     . HOH E . ? 0.0721 0.0536 0.0760 0.0066  -0.0196 -0.0012 210 HOH A O     
284 O O     . HOH E . ? 0.0743 0.0661 0.0604 0.0018  0.0009  0.0027  211 HOH A O     
285 O O     . HOH E . ? 0.0416 0.0836 0.1432 -0.0022 0.0016  -0.0375 212 HOH A O     
286 O O     . HOH E . ? 0.0746 0.0647 0.0638 0.0082  0.0019  -0.0018 213 HOH A O     
287 O O     . HOH E . ? 0.2701 0.0758 0.0921 -0.0057 -0.0652 -0.0059 214 HOH A O     
288 O O     . HOH E . ? 0.1034 0.0561 0.1516 -0.0022 0.0022  -0.0200 215 HOH A O     
289 O O     . HOH E . ? 0.0624 0.0832 0.0507 -0.0018 -0.0159 -0.0034 216 HOH A O     
290 O O     . HOH E . ? 0.0994 0.0831 0.0664 -0.0064 -0.0074 0.0224  217 HOH A O     
291 O O     A HOH E . ? 0.0868 0.3030 0.0578 0.0279  -0.0200 0.0224  218 HOH A O     
292 O O     B HOH E . ? 0.3647 0.2778 0.0818 0.1213  0.0423  0.0580  218 HOH A O     
293 O O     . HOH E . ? 0.1180 0.0594 0.0663 0.0255  0.0259  0.0166  219 HOH A O     
294 O O     A HOH E . ? 0.0654 0.0781 0.0662 -0.0240 0.0248  -0.0212 220 HOH A O     
295 O O     B HOH E . ? 0.1167 0.1646 0.2536 -0.0138 0.0937  -0.0797 220 HOH A O     
296 O O     . HOH E . ? 0.0784 0.0928 0.1069 -0.0251 0.0263  0.0142  221 HOH A O     
297 O O     . HOH E . ? 0.0625 0.0832 0.1237 -0.0184 -0.0021 0.0075  222 HOH A O     
298 O O     . HOH E . ? 0.0698 0.1040 0.0783 0.0248  0.0029  -0.0057 223 HOH A O     
299 O O     . HOH E . ? 0.1105 0.1221 0.1577 -0.0049 -0.0211 0.0705  224 HOH A O     
300 O O     . HOH E . ? 0.2872 0.2462 0.0813 0.1793  -0.0028 -0.0398 225 HOH A O     
301 O O     . HOH E . ? 0.0718 0.0903 0.2637 0.0285  -0.0433 -0.0594 226 HOH A O     
302 O O     . HOH E . ? 0.1334 0.1983 0.1345 0.0403  -0.0650 -0.0868 227 HOH A O     
303 O O     . HOH E . ? 0.1790 0.1052 0.1132 0.0207  0.0720  0.0354  228 HOH A O     
304 O O     A HOH E . ? 0.0589 0.0811 0.0732 0.0018  -0.0138 -0.0021 229 HOH A O     
305 O O     B HOH E . ? 0.1480 0.4989 0.3480 0.0842  -0.0966 -0.0532 229 HOH A O     
306 O O     A HOH E . ? 0.0673 0.1017 0.1058 0.0078  -0.0028 -0.0316 230 HOH A O     
307 O O     B HOH E . ? 0.0880 0.1849 0.1723 -0.0097 0.0216  0.0011  230 HOH A O     
308 O O     . HOH E . ? 0.0834 0.2574 0.1378 0.0359  0.0023  0.0675  231 HOH A O     
309 O O     A HOH E . ? 0.3673 0.0745 0.0842 -0.0642 -0.0595 -0.0186 232 HOH A O     
310 O O     B HOH E . ? 0.3393 0.4360 0.3106 0.1895  0.0598  0.1879  232 HOH A O     
311 O O     . HOH E . ? 0.1275 0.0712 0.0581 0.0271  -0.0136 -0.0083 233 HOH A O     
312 O O     B HOH E . ? 0.0364 0.0526 0.0220 0.0207  0.0144  0.0134  234 HOH A O     
313 O O     . HOH E . ? 0.1058 0.0717 0.1714 0.0336  -0.0163 -0.0012 235 HOH A O     
314 O O     . HOH E . ? 0.3336 0.2034 0.0861 -0.1628 -0.0807 0.0179  236 HOH A O     
315 O O     A HOH E . ? 0.4046 0.3496 0.3876 -0.2087 -0.1833 0.0607  237 HOH A O     
316 O O     B HOH E . ? 0.1259 0.0956 0.0977 -0.0035 -0.0446 0.0330  237 HOH A O     
317 O O     . HOH E . ? 0.0971 0.0679 0.2598 -0.0171 0.0262  0.0117  238 HOH A O     
318 O O     . HOH E . ? 0.2065 0.1596 0.1328 -0.0819 0.0649  -0.0318 239 HOH A O     
319 O O     . HOH E . ? 0.1500 0.1317 0.2342 -0.0503 0.0587  0.0463  240 HOH A O     
320 O O     . HOH E . ? 0.0768 0.2784 0.5515 -0.0357 0.0872  -0.2866 241 HOH A O     
321 O O     . HOH E . ? 0.0759 0.1538 0.1202 -0.0100 -0.0023 -0.0514 242 HOH A O     
322 O O     A HOH E . ? 0.0686 0.0893 0.0714 0.0232  0.0013  0.0272  243 HOH A O     
323 O O     B HOH E . ? 0.1405 0.3809 0.1186 0.1473  -0.0637 -0.0252 243 HOH A O     
324 O O     . HOH E . ? 0.1383 0.0895 0.1256 -0.0126 0.0595  -0.0225 244 HOH A O     
325 O O     B HOH E . ? 0.0337 0.0618 0.0240 0.0072  0.0053  0.0015  245 HOH A O     
326 O O     . HOH E . ? 0.0877 0.1326 0.0850 0.0394  -0.0280 -0.0462 246 HOH A O     
327 O O     . HOH E . ? 0.1003 0.1119 0.1753 0.0038  0.0649  0.0004  247 HOH A O     
328 O O     A HOH E . ? 0.0773 0.2376 0.0585 0.0420  0.0023  0.0499  248 HOH A O     
329 O O     B HOH E . ? 0.1982 0.4898 0.1041 0.1095  0.0382  0.0875  248 HOH A O     
330 O O     B HOH E . ? 0.0983 0.1373 0.0751 0.0584  -0.0071 -0.0040 249 HOH A O     
331 O O     B HOH E . ? 0.3108 0.1346 0.1127 0.1162  -0.0253 -0.0046 250 HOH A O     
332 O O     A HOH E . ? 0.0611 0.1009 0.0612 -0.0012 -0.0010 -0.0311 251 HOH A O     
333 O O     B HOH E . ? 0.2398 0.4145 0.3615 0.2383  -0.0563 -0.0067 251 HOH A O     
334 O O     . HOH E . ? 0.1859 0.1118 0.2125 0.0324  0.0121  0.0601  252 HOH A O     
335 O O     . HOH E . ? 0.0739 0.2111 0.0992 -0.0120 -0.0049 -0.0166 253 HOH A O     
336 O O     . HOH E . ? 0.1579 0.1707 0.2039 -0.0298 0.0469  0.1068  254 HOH A O     
337 O O     . HOH E . ? 0.0669 0.0644 0.0668 0.0090  -0.0163 -0.0182 255 HOH A O     
338 O O     A HOH E . ? 0.1543 0.0776 0.1063 -0.0285 -0.0411 -0.0208 256 HOH A O     
339 O O     B HOH E . ? 0.2688 0.3844 0.1725 0.2150  -0.0416 -0.0281 256 HOH A O     
340 O O     . HOH E . ? 0.4216 0.4110 0.1856 -0.3080 0.0724  -0.0446 257 HOH A O     
341 O O     A HOH E . ? 0.0554 0.0637 0.0564 0.0218  -0.0200 -0.0301 258 HOH A O     
342 O O     B HOH E . ? 0.5006 0.3420 0.1636 0.1451  -0.0775 -0.1094 258 HOH A O     
343 O O     . HOH E . ? 0.1745 0.1358 0.1134 0.0766  -0.0638 -0.0716 259 HOH A O     
344 O O     . HOH F . ? 0.2902 0.5549 0.1145 -0.2460 0.0422  0.0202  201 HOH B O     
345 O O     A HOH F . ? 0.1391 0.1455 0.1282 0.0929  0.0639  0.0469  202 HOH B O     
346 O O     B HOH F . ? 0.0694 0.0422 0.0399 -0.0021 0.0169  -0.0122 202 HOH B O     
347 O O     A HOH F . ? 0.3304 0.4243 0.3478 0.0717  -0.1354 -0.0764 203 HOH B O     
348 O O     B HOH F . ? 0.1123 0.0686 0.0676 0.0250  0.0254  0.0056  203 HOH B O     
349 O O     A HOH F . ? 0.0595 0.0583 0.0652 0.0071  0.0134  0.0094  204 HOH B O     
350 O O     B HOH F . ? 0.2393 0.1319 0.1914 0.0276  0.0073  -0.0366 204 HOH B O     
351 O O     A HOH F . ? 0.1239 0.3362 0.1915 0.0555  0.0579  0.1421  205 HOH B O     
352 O O     B HOH F . ? 0.0641 0.1058 0.0451 0.0009  0.0025  0.0145  205 HOH B O     
353 O O     . HOH F . ? 0.1097 0.0631 0.0709 -0.0002 -0.0038 0.0030  206 HOH B O     
354 O O     . HOH F . ? 0.3872 0.5488 0.3870 -0.3094 -0.1199 -0.0971 207 HOH B O     
355 O O     . HOH F . ? 0.1124 0.0742 0.0904 0.0224  -0.0193 -0.0147 208 HOH B O     
356 O O     . HOH F . ? 0.1136 0.0924 0.1099 -0.0070 0.0448  0.0175  209 HOH B O     
357 O O     . HOH F . ? 0.0608 0.0456 0.0561 0.0098  0.0004  -0.0074 210 HOH B O     
358 O O     A HOH F . ? 0.0667 0.0749 0.0934 0.0114  -0.0221 -0.0223 211 HOH B O     
359 O O     B HOH F . ? 0.1232 0.2164 0.0844 -0.0356 -0.0126 -0.0098 211 HOH B O     
360 O O     . HOH F . ? 0.0600 0.0531 0.0624 0.0051  0.0085  0.0021  212 HOH B O     
361 O O     . HOH F . ? 0.0851 0.0578 0.0596 0.0186  0.0029  -0.0051 213 HOH B O     
362 O O     . HOH F . ? 0.0782 0.1030 0.0705 0.0256  -0.0047 0.0177  214 HOH B O     
363 O O     A HOH F . ? 0.0632 0.0749 0.0953 0.0290  -0.0154 -0.0396 215 HOH B O     
364 O O     B HOH F . ? 0.1027 0.2862 0.1897 0.0353  -0.0179 0.1668  215 HOH B O     
365 O O     . HOH F . ? 0.1111 0.3533 0.3158 0.0054  -0.0969 -0.0495 216 HOH B O     
366 O O     A HOH F . ? 0.0907 0.0768 0.1110 -0.0206 -0.0296 0.0026  217 HOH B O     
367 O O     B HOH F . ? 0.0439 0.0799 0.0667 -0.0027 -0.0173 -0.0109 217 HOH B O     
368 O O     . HOH F . ? 0.1606 0.2089 0.1607 -0.1056 0.0565  -0.1120 218 HOH B O     
369 O O     . HOH F . ? 0.0575 0.0621 0.0634 -0.0008 -0.0084 -0.0026 219 HOH B O     
370 O O     A HOH F . ? 0.1076 0.0766 0.1235 0.0081  0.0438  -0.0022 220 HOH B O     
371 O O     B HOH F . ? 0.1057 0.0790 0.2091 0.0071  0.0164  -0.0805 220 HOH B O     
372 O O     . HOH F . ? 0.0785 0.0659 0.0723 0.0040  0.0035  0.0029  221 HOH B O     
373 O O     A HOH F . ? 0.0260 0.0371 0.0506 0.0007  0.0020  0.0133  222 HOH B O     
374 O O     B HOH F . ? 0.1335 0.1303 0.1906 0.0226  0.0738  0.0317  222 HOH B O     
375 O O     A HOH F . ? 0.1236 0.1487 0.1249 0.0440  0.0424  0.0197  223 HOH B O     
376 O O     B HOH F . ? 0.0913 0.1063 0.2026 0.0087  -0.0270 -0.0352 223 HOH B O     
377 O O     A HOH F . ? 0.1191 0.1071 0.1466 -0.0106 -0.0062 0.0522  224 HOH B O     
378 O O     B HOH F . ? 0.1079 0.0951 0.0611 -0.0226 0.0141  0.0209  224 HOH B O     
379 O O     . HOH F . ? 0.2517 0.1768 0.1068 0.0266  -0.0029 0.0601  225 HOH B O     
380 O O     A HOH F . ? 0.0933 0.0588 0.5274 0.0355  0.0836  0.0263  226 HOH B O     
381 O O     B HOH F . ? 0.0794 0.3487 0.1719 -0.0068 -0.0288 0.1532  226 HOH B O     
382 O O     B HOH F . ? 0.1226 0.0381 0.2255 -0.0243 0.0403  0.0015  227 HOH B O     
383 O O     A HOH F . ? 0.0883 0.0856 0.3930 0.0104  -0.0484 0.0220  228 HOH B O     
384 O O     B HOH F . ? 0.0519 0.0670 0.0701 0.0095  -0.0082 -0.0141 228 HOH B O     
385 O O     . HOH F . ? 0.0396 0.0642 0.0422 0.0015  0.0044  0.0116  229 HOH B O     
386 O O     B HOH F . ? 0.0992 0.0597 0.1212 -0.0128 -0.0125 -0.0017 230 HOH B O     
387 O O     . HOH F . ? 0.1615 0.0717 0.1028 0.0012  -0.0504 -0.0113 231 HOH B O     
388 O O     . HOH F . ? 0.2496 0.1587 0.1755 -0.1345 0.1320  -0.0511 232 HOH B O     
389 O O     . HOH F . ? 0.1941 0.0718 0.1139 -0.0276 -0.0493 0.0345  233 HOH B O     
390 O O     B HOH F . ? 0.2776 0.1367 0.3150 -0.0268 -0.1542 0.0916  234 HOH B O     
391 O O     A HOH F . ? 0.1065 0.2529 0.1625 0.0644  -0.0188 -0.1014 235 HOH B O     
392 O O     B HOH F . ? 0.0633 0.0545 0.0598 0.0084  -0.0073 -0.0049 235 HOH B O     
393 O O     . HOH F . ? 0.1614 0.1656 0.0864 0.0980  -0.0005 0.0024  236 HOH B O     
394 O O     . HOH F . ? 0.0880 0.1387 0.0776 -0.0477 0.0289  -0.0431 237 HOH B O     
395 O O     . HOH F . ? 0.1573 0.0844 0.1516 -0.0257 0.0072  0.0098  238 HOH B O     
396 O O     A HOH F . ? 0.0924 0.1469 0.0917 -0.0120 0.0047  0.0194  239 HOH B O     
397 O O     B HOH F . ? 0.2348 0.3709 0.1399 -0.1535 -0.1000 0.1175  239 HOH B O     
398 O O     A HOH F . ? 0.0640 0.1036 0.1026 0.0209  0.0184  0.0416  240 HOH B O     
399 O O     B HOH F . ? 0.3726 0.1853 0.1177 0.1768  -0.0421 -0.0219 240 HOH B O     
400 O O     . HOH F . ? 0.0543 0.1236 0.0833 -0.0279 0.0169  -0.0222 241 HOH B O     
401 O O     A HOH F . ? 0.1112 0.0558 0.0703 -0.0002 0.0180  0.0047  242 HOH B O     
402 O O     B HOH F . ? 0.2530 0.0787 0.2469 0.0138  -0.0557 -0.0139 242 HOH B O     
403 O O     . HOH F . ? 0.3103 0.0862 0.1280 -0.0789 -0.0832 0.0274  243 HOH B O     
404 O O     . HOH F . ? 0.0831 0.0939 0.1065 -0.0140 0.0003  0.0403  244 HOH B O     
405 O O     A HOH F . ? 0.0288 0.0721 0.1452 0.0014  0.0068  -0.0358 245 HOH B O     
406 O O     B HOH F . ? 0.1471 0.3454 0.1878 -0.1192 0.0839  -0.0474 245 HOH B O     
407 O O     A HOH F . ? 0.0621 0.0371 0.0674 -0.0066 -0.0069 -0.0015 246 HOH B O     
408 O O     B HOH F . ? 0.1625 0.0622 0.2314 -0.0443 0.0120  -0.0163 246 HOH B O     
409 O O     . HOH F . ? 0.3365 0.1293 0.1380 0.0837  -0.0689 0.0026  247 HOH B O     
410 O O     . HOH F . ? 0.0597 0.0528 0.0812 0.0169  -0.0091 -0.0172 248 HOH B O     
411 O O     A HOH F . ? 0.2867 0.0796 0.4866 -0.0086 0.3008  0.0345  249 HOH B O     
412 O O     B HOH F . ? 0.6561 0.1528 0.2067 0.0824  0.1020  -0.0298 249 HOH B O     
413 O O     . HOH F . ? 0.0631 0.1118 0.1530 -0.0135 0.0135  -0.0426 250 HOH B O     
414 O O     . HOH F . ? 0.5359 0.1290 0.1783 -0.0807 0.2354  -0.0616 251 HOH B O     
415 O O     . HOH F . ? 0.1401 0.1817 0.1735 0.0268  -0.0120 -0.0523 252 HOH B O     
416 O O     . HOH F . ? 0.0694 0.2148 0.1933 -0.0397 0.0092  0.0475  253 HOH B O     
417 O O     . HOH F . ? 0.1580 0.1411 0.1666 0.0038  -0.0362 -0.0416 254 HOH B O     
418 O O     . HOH F . ? 0.0534 0.0840 0.1283 0.0085  -0.0269 -0.0091 255 HOH B O     
419 O O     . HOH F . ? 0.2059 0.0746 0.0703 -0.0064 0.0137  -0.0283 256 HOH B O     
420 O O     B HOH F . ? 0.0837 0.2460 0.0580 -0.0688 -0.0037 0.0262  257 HOH B O     
421 O O     . HOH F . ? 0.0842 0.1043 0.0468 -0.0396 -0.0132 0.0123  258 HOH B O     
422 O O     B HOH F . ? 0.4687 0.2110 0.2448 -0.0260 0.2486  0.0435  259 HOH B O     
423 O O     . HOH F . ? 0.7498 0.3267 0.3243 0.2177  0.1590  0.2086  260 HOH B O     
424 O O     A HOH F . ? 0.2411 0.0372 0.0524 -0.0150 0.0036  -0.0075 261 HOH B O     
425 O O     B HOH F . ? 0.2537 0.3355 0.1616 -0.1637 0.0689  0.0448  261 HOH B O     
426 O O     B HOH F . ? 0.1658 0.3515 0.2193 -0.0747 0.0112  -0.0770 262 HOH B O     
427 O O     . HOH F . ? 0.2459 0.0830 0.0864 0.0215  -0.0574 0.0058  263 HOH B O     
428 O O     . HOH F . ? 0.0965 0.1533 0.0764 0.0187  0.0226  -0.0040 264 HOH B O     
# 
